data_8U44
#
_entry.id   8U44
#
_cell.length_a   1.00
_cell.length_b   1.00
_cell.length_c   1.00
_cell.angle_alpha   90.00
_cell.angle_beta   90.00
_cell.angle_gamma   90.00
#
_symmetry.space_group_name_H-M   'P 1'
#
loop_
_entity.id
_entity.type
_entity.pdbx_description
1 polymer '05.GC.w2.3C10-H1_SI06 Heavy chain'
2 polymer '05.GC.w2.3C10-H1_SI06 Light chain'
3 polymer 'Hemagglutinin HA1 chain'
4 polymer 'Hemagglutinin HA2 chain'
5 non-polymer 2-acetamido-2-deoxy-beta-D-glucopyranose
#
loop_
_entity_poly.entity_id
_entity_poly.type
_entity_poly.pdbx_seq_one_letter_code
_entity_poly.pdbx_strand_id
1 'polypeptide(L)'
;METDTLLLWVLLLWVPGSTGDEVQLVQSGAEVKKPGSSVRVSCKASGGTFSAISWVRQAPGQGLEWMGGIIPVFGTANYA
QKFQGRVTITADDSTSTAYMEVSSLRSDDTAVYYCAREETWKGATIGVMGIWGQGTMVTVSSASTKGPSVFPLAPSSKST
SGGTAALGCLVKDYFPEPVTVSWNSGALTSGVHTFPAVLQSSGLYSLSSVVTVPSSSLGTQTYICNVNHKPSNTKVDKRV
EPKSC
;
V,S,U
2 'polypeptide(L)'
;METDTLLLWVLLLWVPGSTGDDIQMTQSPSSLSASVGDRVTITCRASQSISSYLNWYQHKPGKAPKLLIFTASNLQSGVP
SRFSGGGSGTDFTLTISSLQPEDFATYYCQQSYTSPRTFGQGTKVEIKRTVAAPSVFIFPPSDEQLKSGTASVVCLLNNF
YPREAKVQWKVDNALQSGNSQESVTEQDSKDSTYSLSSTLTLSKADYEKHKVYACEVTHQGLSSPVTKSFNRGEC
;
X,T,W
3 'polypeptide(L)'
;MVLVNQSHQGFNKEHTSKMVSAIVLYVLLAAAAHSAFAADPGDTICIGYHANNSTDTVDTVLEKNVTVTHSVNLLEDSHN
GKLCRLKGIAPLQLGNCSVAGWILGNPECELLISRESWSYIVEKPNPENGTCYPGHFADYEELREQLSSVSSFERFEIFP
KESSWPNHTTTGVSASCSHNGESSFYKNLLWLTGKNGLYPNLSKSYANNKEKEVLVLWGVHHPPNIGDQRALYHKENAYV
SVVSSHYSRKFTPEIAKRPKVRDQEGRINYYWTLLEPGDTIIFEANGNLIAPRYAFALSRGFGSGIINSNAPMDECDAKC
QTPQGAINSSLPFQNVHPVTIGECPKYVRSAKLRMVTGLRNIPSIQSR
;
A,G,H
4 'polypeptide(L)'
;GLFGAIAGFIEGGWTGMVDGWYGYHHQNEQGSGYAADQKSTQNAINGITNKVNSVIEKMNTQFTAVGKEFNKLERRMENL
NKKVDDGFIDIWTYNAELLVLLENERTLDFHDSNVKNLYEKVKSQLKNNAKEIGNGCFEFYHKCNDECMESVKNGTYDYP
KYSEESKLNREKIDSGGGGLNDIFEAQKIEWHERLVPRGSPGSGYIPEAPRDGQAYVRKDGEWVLLSTFLGHHHHHH
;
B,I,J
#
# COMPACT_ATOMS: atom_id res chain seq x y z
N GLU A 22 13.41 -7.96 21.55
CA GLU A 22 13.80 -7.25 22.81
C GLU A 22 12.67 -6.34 23.28
N VAL A 23 11.74 -6.91 24.04
CA VAL A 23 10.58 -6.19 24.58
C VAL A 23 10.90 -5.84 26.02
N GLN A 24 11.01 -4.55 26.32
CA GLN A 24 11.35 -4.10 27.67
C GLN A 24 10.15 -4.26 28.60
N LEU A 25 10.07 -5.39 29.31
CA LEU A 25 8.97 -5.62 30.24
C LEU A 25 9.15 -4.76 31.48
N VAL A 26 8.10 -4.03 31.84
CA VAL A 26 8.08 -3.16 33.01
C VAL A 26 6.95 -3.66 33.91
N GLN A 27 7.28 -4.47 34.90
CA GLN A 27 6.29 -4.98 35.82
C GLN A 27 5.92 -3.90 36.85
N SER A 28 4.92 -4.20 37.67
CA SER A 28 4.41 -3.25 38.65
C SER A 28 5.45 -3.03 39.75
N GLY A 29 5.08 -2.18 40.72
CA GLY A 29 5.93 -1.88 41.84
C GLY A 29 5.85 -2.96 42.91
N ALA A 30 6.32 -2.60 44.11
CA ALA A 30 6.31 -3.47 45.27
C ALA A 30 5.13 -3.12 46.17
N GLU A 31 4.44 -4.15 46.66
CA GLU A 31 3.27 -3.95 47.51
C GLU A 31 3.16 -5.11 48.49
N VAL A 32 2.47 -4.84 49.60
CA VAL A 32 2.21 -5.81 50.65
C VAL A 32 0.74 -5.77 51.02
N LYS A 33 0.18 -6.92 51.40
CA LYS A 33 -1.22 -6.99 51.75
C LYS A 33 -1.42 -8.04 52.85
N LYS A 34 -2.54 -7.90 53.56
CA LYS A 34 -2.87 -8.83 54.64
C LYS A 34 -3.26 -10.19 54.06
N PRO A 35 -3.07 -11.28 54.82
CA PRO A 35 -3.54 -12.59 54.34
C PRO A 35 -5.04 -12.61 54.11
N GLY A 36 -5.45 -13.37 53.10
CA GLY A 36 -6.85 -13.49 52.74
C GLY A 36 -7.40 -12.30 51.99
N SER A 37 -6.80 -12.01 50.83
CA SER A 37 -7.19 -10.89 49.99
C SER A 37 -6.71 -11.20 48.57
N SER A 38 -6.75 -10.19 47.69
CA SER A 38 -6.34 -10.35 46.30
C SER A 38 -5.14 -9.45 46.00
N VAL A 39 -4.41 -9.82 44.94
CA VAL A 39 -3.20 -9.13 44.52
C VAL A 39 -3.30 -8.79 43.05
N ARG A 40 -2.61 -7.72 42.65
CA ARG A 40 -2.62 -7.24 41.25
C ARG A 40 -1.18 -6.90 40.86
N VAL A 41 -0.52 -7.81 40.13
CA VAL A 41 0.84 -7.59 39.63
C VAL A 41 0.75 -7.52 38.10
N SER A 42 1.19 -6.40 37.53
CA SER A 42 1.15 -6.14 36.11
C SER A 42 2.42 -6.65 35.43
N CYS A 43 2.35 -6.81 34.11
CA CYS A 43 3.50 -7.17 33.28
C CYS A 43 3.50 -6.31 32.02
N LYS A 44 3.33 -4.99 32.21
CA LYS A 44 3.26 -4.03 31.12
C LYS A 44 4.51 -4.14 30.24
N ALA A 45 4.30 -4.46 28.97
CA ALA A 45 5.38 -4.63 28.01
C ALA A 45 5.68 -3.28 27.34
N SER A 46 6.58 -3.31 26.35
CA SER A 46 6.99 -2.13 25.61
C SER A 46 6.30 -2.02 24.25
N GLY A 47 6.11 -3.14 23.56
CA GLY A 47 5.45 -3.13 22.27
C GLY A 47 4.40 -4.23 22.20
N GLY A 48 3.44 -4.03 21.30
CA GLY A 48 2.39 -5.01 21.08
C GLY A 48 2.95 -6.35 20.69
N THR A 49 2.54 -7.41 21.39
CA THR A 49 3.10 -8.74 21.18
C THR A 49 2.00 -9.73 21.54
N PHE A 50 1.98 -10.88 20.82
CA PHE A 50 1.01 -11.95 21.08
C PHE A 50 1.65 -13.27 21.49
N SER A 51 2.89 -13.25 21.95
CA SER A 51 3.50 -14.46 22.47
C SER A 51 2.88 -14.81 23.83
N ALA A 52 3.11 -16.04 24.26
CA ALA A 52 2.53 -16.52 25.50
C ALA A 52 3.08 -15.73 26.69
N ILE A 53 2.47 -15.96 27.84
CA ILE A 53 2.85 -15.33 29.11
C ILE A 53 3.05 -16.44 30.13
N SER A 54 4.11 -16.31 30.92
CA SER A 54 4.36 -17.24 32.01
C SER A 54 4.68 -16.44 33.26
N TRP A 55 4.27 -16.97 34.40
CA TRP A 55 4.53 -16.38 35.71
C TRP A 55 5.20 -17.41 36.59
N VAL A 56 6.21 -16.96 37.34
CA VAL A 56 6.96 -17.85 38.22
C VAL A 56 7.16 -17.18 39.57
N ARG A 57 7.20 -18.01 40.60
CA ARG A 57 7.35 -17.62 42.00
C ARG A 57 8.81 -17.83 42.40
N GLN A 58 9.41 -16.81 43.01
CA GLN A 58 10.72 -16.94 43.64
C GLN A 58 10.51 -16.72 45.14
N ALA A 59 10.14 -17.80 45.82
CA ALA A 59 10.10 -17.79 47.27
C ALA A 59 11.53 -17.89 47.80
N PRO A 60 11.90 -17.13 48.84
CA PRO A 60 13.28 -17.22 49.36
C PRO A 60 13.61 -18.64 49.82
N GLY A 61 14.76 -19.14 49.36
CA GLY A 61 15.21 -20.48 49.66
C GLY A 61 14.64 -21.59 48.80
N GLN A 62 13.62 -21.34 48.00
CA GLN A 62 13.02 -22.36 47.13
C GLN A 62 13.35 -22.06 45.68
N GLY A 63 13.13 -23.07 44.82
CA GLY A 63 13.39 -22.93 43.41
C GLY A 63 12.19 -22.39 42.64
N LEU A 64 12.42 -22.15 41.35
CA LEU A 64 11.38 -21.66 40.47
C LEU A 64 10.32 -22.74 40.24
N GLU A 65 9.08 -22.29 40.01
CA GLU A 65 7.98 -23.19 39.65
C GLU A 65 6.94 -22.38 38.90
N TRP A 66 6.52 -22.87 37.74
CA TRP A 66 5.55 -22.16 36.89
C TRP A 66 4.14 -22.38 37.42
N MET A 67 3.44 -21.27 37.65
CA MET A 67 2.12 -21.27 38.26
C MET A 67 1.00 -21.37 37.22
N GLY A 68 0.92 -20.40 36.31
CA GLY A 68 -0.13 -20.34 35.32
C GLY A 68 0.34 -19.63 34.08
N GLY A 69 -0.54 -19.54 33.10
CA GLY A 69 -0.21 -18.88 31.86
C GLY A 69 -1.25 -19.07 30.78
N ILE A 70 -1.31 -18.16 29.81
CA ILE A 70 -2.29 -18.23 28.75
C ILE A 70 -1.49 -18.14 27.44
N ILE A 71 -2.09 -18.65 26.38
CA ILE A 71 -1.54 -18.54 25.02
C ILE A 71 -2.52 -17.68 24.23
N PRO A 72 -2.13 -16.48 23.71
CA PRO A 72 -3.11 -15.66 22.97
C PRO A 72 -3.64 -16.27 21.67
N VAL A 73 -3.16 -17.45 21.30
CA VAL A 73 -3.64 -18.18 20.14
C VAL A 73 -4.82 -19.03 20.55
N PHE A 74 -4.62 -19.97 21.48
CA PHE A 74 -5.73 -20.73 22.01
C PHE A 74 -6.69 -19.82 22.77
N GLY A 75 -6.16 -18.93 23.60
CA GLY A 75 -6.97 -18.10 24.46
C GLY A 75 -7.31 -18.73 25.79
N THR A 76 -7.12 -20.04 25.91
CA THR A 76 -7.39 -20.74 27.16
C THR A 76 -6.31 -20.39 28.18
N ALA A 77 -6.70 -20.46 29.46
CA ALA A 77 -5.79 -20.15 30.57
C ALA A 77 -5.44 -21.43 31.30
N ASN A 78 -4.23 -21.93 31.04
CA ASN A 78 -3.76 -23.15 31.69
C ASN A 78 -3.09 -22.78 33.02
N TYR A 79 -3.06 -23.76 33.93
CA TYR A 79 -2.62 -23.53 35.30
C TYR A 79 -1.99 -24.80 35.83
N ALA A 80 -1.21 -24.63 36.90
CA ALA A 80 -0.65 -25.79 37.59
C ALA A 80 -1.77 -26.54 38.31
N GLN A 81 -1.63 -27.87 38.34
CA GLN A 81 -2.69 -28.72 38.89
C GLN A 81 -2.83 -28.59 40.41
N LYS A 82 -1.90 -27.92 41.09
CA LYS A 82 -2.01 -27.62 42.52
C LYS A 82 -2.42 -26.18 42.80
N PHE A 83 -2.68 -25.36 41.77
CA PHE A 83 -2.95 -23.95 41.93
C PHE A 83 -4.26 -23.48 41.34
N GLN A 84 -4.90 -24.28 40.47
CA GLN A 84 -6.06 -23.80 39.73
C GLN A 84 -7.19 -23.37 40.67
N GLY A 85 -7.92 -22.33 40.26
CA GLY A 85 -8.95 -21.74 41.08
C GLY A 85 -8.44 -20.59 41.94
N ARG A 86 -7.42 -20.86 42.75
CA ARG A 86 -6.86 -19.82 43.60
C ARG A 86 -6.19 -18.70 42.80
N VAL A 87 -5.70 -19.01 41.61
CA VAL A 87 -4.95 -18.04 40.79
C VAL A 87 -5.62 -17.92 39.44
N THR A 88 -5.76 -16.68 38.95
CA THR A 88 -6.25 -16.44 37.60
C THR A 88 -5.34 -15.44 36.87
N ILE A 89 -5.21 -15.67 35.57
CA ILE A 89 -4.39 -14.88 34.67
C ILE A 89 -5.28 -14.41 33.53
N THR A 90 -5.27 -13.11 33.27
CA THR A 90 -5.95 -12.52 32.14
C THR A 90 -5.00 -11.51 31.51
N ALA A 91 -4.97 -11.48 30.18
CA ALA A 91 -4.09 -10.57 29.45
C ALA A 91 -4.86 -10.15 28.22
N ASP A 92 -5.46 -8.96 28.27
CA ASP A 92 -6.23 -8.46 27.14
C ASP A 92 -5.32 -8.34 25.94
N ASP A 93 -5.76 -8.90 24.82
CA ASP A 93 -4.97 -8.80 23.59
C ASP A 93 -4.83 -7.36 23.13
N SER A 94 -5.76 -6.49 23.53
CA SER A 94 -5.73 -5.10 23.08
C SER A 94 -4.46 -4.39 23.55
N THR A 95 -4.11 -4.54 24.83
CA THR A 95 -2.91 -3.93 25.39
C THR A 95 -1.75 -4.90 25.59
N SER A 96 -2.00 -6.20 25.46
CA SER A 96 -0.98 -7.24 25.64
C SER A 96 -0.31 -7.15 27.02
N THR A 97 -1.02 -6.63 28.01
CA THR A 97 -0.51 -6.49 29.37
C THR A 97 -1.11 -7.61 30.22
N ALA A 98 -0.25 -8.45 30.79
CA ALA A 98 -0.70 -9.58 31.59
C ALA A 98 -0.98 -9.15 33.02
N TYR A 99 -2.09 -9.64 33.56
CA TYR A 99 -2.53 -9.38 34.92
C TYR A 99 -2.38 -10.64 35.76
N MET A 100 -2.10 -10.43 37.04
CA MET A 100 -1.74 -11.48 37.99
C MET A 100 -2.68 -11.39 39.19
N GLU A 101 -3.60 -12.34 39.34
CA GLU A 101 -4.52 -12.33 40.47
C GLU A 101 -4.42 -13.66 41.22
N VAL A 102 -4.27 -13.56 42.54
CA VAL A 102 -4.30 -14.71 43.44
C VAL A 102 -5.25 -14.36 44.56
N SER A 103 -6.28 -15.18 44.75
CA SER A 103 -7.25 -14.97 45.81
C SER A 103 -6.83 -15.74 47.05
N SER A 104 -7.27 -15.25 48.20
CA SER A 104 -6.98 -15.86 49.50
C SER A 104 -5.47 -15.97 49.74
N LEU A 105 -4.83 -14.80 49.81
CA LEU A 105 -3.39 -14.76 50.06
C LEU A 105 -3.07 -15.35 51.43
N ARG A 106 -1.92 -16.01 51.50
CA ARG A 106 -1.42 -16.60 52.75
C ARG A 106 0.07 -16.31 52.90
N SER A 107 0.54 -16.47 54.14
CA SER A 107 1.85 -15.96 54.53
C SER A 107 2.99 -16.61 53.75
N ASP A 108 2.96 -17.94 53.59
CA ASP A 108 4.10 -18.62 52.97
C ASP A 108 4.23 -18.30 51.48
N ASP A 109 3.24 -17.65 50.88
CA ASP A 109 3.36 -17.15 49.51
C ASP A 109 4.22 -15.89 49.40
N THR A 110 4.89 -15.47 50.48
CA THR A 110 5.82 -14.36 50.42
C THR A 110 6.94 -14.69 49.44
N ALA A 111 7.11 -13.85 48.42
CA ALA A 111 8.06 -14.13 47.36
C ALA A 111 8.23 -12.89 46.48
N VAL A 112 9.06 -13.04 45.44
CA VAL A 112 9.17 -12.06 44.37
C VAL A 112 8.70 -12.74 43.08
N TYR A 113 7.96 -11.99 42.25
CA TYR A 113 7.23 -12.56 41.12
C TYR A 113 7.90 -12.15 39.83
N TYR A 114 8.09 -13.12 38.91
CA TYR A 114 8.76 -12.87 37.64
C TYR A 114 7.84 -13.25 36.47
N CYS A 115 7.74 -12.34 35.49
CA CYS A 115 6.88 -12.51 34.32
C CYS A 115 7.71 -12.69 33.05
N ALA A 116 7.38 -13.72 32.26
CA ALA A 116 8.05 -14.05 31.02
C ALA A 116 7.13 -13.77 29.83
N ARG A 117 7.71 -13.17 28.78
CA ARG A 117 7.06 -12.78 27.54
C ARG A 117 7.17 -13.81 26.43
N GLU A 118 8.00 -14.85 26.58
CA GLU A 118 8.03 -15.96 25.62
C GLU A 118 8.47 -15.52 24.22
N GLU A 119 9.71 -15.03 24.11
CA GLU A 119 10.20 -14.57 22.81
C GLU A 119 11.72 -14.66 22.74
N THR A 120 12.22 -15.60 21.93
CA THR A 120 13.64 -15.83 21.72
C THR A 120 14.10 -15.13 20.44
N TRP A 121 15.35 -15.40 20.03
CA TRP A 121 15.89 -14.78 18.82
C TRP A 121 15.23 -15.35 17.57
N LYS A 122 14.91 -16.64 17.58
CA LYS A 122 14.28 -17.29 16.43
C LYS A 122 12.77 -17.06 16.40
N GLY A 123 12.36 -15.79 16.48
CA GLY A 123 10.95 -15.46 16.47
C GLY A 123 10.29 -15.84 17.78
N ALA A 124 8.99 -15.58 17.85
CA ALA A 124 8.19 -15.94 19.01
C ALA A 124 7.94 -17.44 19.00
N THR A 125 8.65 -18.17 19.87
CA THR A 125 8.51 -19.62 19.99
C THR A 125 7.83 -19.91 21.33
N ILE A 126 7.04 -20.97 21.35
CA ILE A 126 6.24 -21.35 22.52
C ILE A 126 6.80 -22.64 23.10
N GLY A 127 6.85 -22.70 24.43
CA GLY A 127 7.52 -23.76 25.16
C GLY A 127 8.88 -23.38 25.70
N VAL A 128 9.23 -22.10 25.64
CA VAL A 128 10.53 -21.57 26.06
C VAL A 128 10.17 -20.43 27.00
N MET A 129 11.15 -19.64 27.47
CA MET A 129 10.86 -18.40 28.18
C MET A 129 11.41 -17.15 27.50
N GLY A 130 12.50 -17.27 26.75
CA GLY A 130 13.06 -16.09 26.08
C GLY A 130 13.41 -15.00 27.08
N ILE A 131 12.91 -13.80 26.82
CA ILE A 131 13.16 -12.67 27.72
C ILE A 131 12.29 -12.82 28.97
N TRP A 132 12.74 -12.17 30.05
CA TRP A 132 12.12 -12.26 31.37
C TRP A 132 11.80 -10.86 31.88
N GLY A 133 11.04 -10.82 32.97
CA GLY A 133 10.71 -9.58 33.65
C GLY A 133 11.86 -9.12 34.51
N GLN A 134 11.54 -8.39 35.58
CA GLN A 134 12.55 -7.86 36.48
C GLN A 134 12.30 -8.24 37.94
N GLY A 135 11.03 -8.39 38.31
CA GLY A 135 10.67 -8.80 39.67
C GLY A 135 9.75 -7.85 40.39
N THR A 136 8.73 -8.39 41.07
CA THR A 136 7.84 -7.59 41.90
C THR A 136 7.77 -8.24 43.28
N MET A 137 8.24 -7.52 44.29
CA MET A 137 8.23 -7.99 45.66
C MET A 137 6.81 -8.03 46.21
N VAL A 138 6.31 -9.22 46.53
CA VAL A 138 4.99 -9.42 47.09
C VAL A 138 5.22 -10.27 48.33
N THR A 139 5.17 -9.65 49.50
CA THR A 139 5.37 -10.33 50.78
C THR A 139 4.08 -10.22 51.57
N VAL A 140 3.57 -11.36 52.02
CA VAL A 140 2.32 -11.45 52.79
C VAL A 140 2.71 -11.72 54.24
N SER A 141 2.42 -10.76 55.11
CA SER A 141 2.73 -10.88 56.53
C SER A 141 1.89 -9.86 57.29
N SER A 142 2.19 -9.69 58.57
CA SER A 142 1.47 -8.74 59.42
C SER A 142 2.21 -7.41 59.53
N ASP B 22 3.15 -32.51 36.20
CA ASP B 22 2.88 -33.97 35.98
C ASP B 22 4.16 -34.76 35.79
N ILE B 23 5.20 -34.09 35.27
CA ILE B 23 6.51 -34.69 35.07
C ILE B 23 7.51 -33.91 35.92
N GLN B 24 8.32 -34.64 36.70
CA GLN B 24 9.24 -34.02 37.63
C GLN B 24 10.63 -33.96 36.99
N MET B 25 11.28 -32.80 37.13
CA MET B 25 12.62 -32.55 36.59
C MET B 25 13.62 -32.73 37.72
N THR B 26 14.21 -33.93 37.79
CA THR B 26 15.16 -34.26 38.84
C THR B 26 16.56 -33.89 38.38
N GLN B 27 17.07 -32.79 38.93
CA GLN B 27 18.44 -32.34 38.68
C GLN B 27 19.42 -33.32 39.31
N SER B 28 20.55 -33.52 38.64
CA SER B 28 21.59 -34.40 39.16
C SER B 28 22.92 -33.99 38.56
N PRO B 29 23.99 -33.76 39.35
CA PRO B 29 24.11 -33.87 40.81
C PRO B 29 23.44 -32.71 41.55
N SER B 30 23.22 -32.88 42.84
CA SER B 30 22.50 -31.87 43.62
C SER B 30 23.29 -30.57 43.70
N SER B 31 24.56 -30.65 44.07
CA SER B 31 25.38 -29.46 44.21
C SER B 31 26.87 -29.80 44.32
N LEU B 32 27.70 -29.16 43.49
CA LEU B 32 29.15 -29.33 43.52
C LEU B 32 29.81 -27.95 43.47
N SER B 33 31.14 -27.97 43.60
CA SER B 33 31.97 -26.76 43.56
C SER B 33 33.11 -26.99 42.59
N ALA B 34 33.62 -25.90 42.03
CA ALA B 34 34.70 -25.97 41.05
C ALA B 34 35.46 -24.65 41.06
N SER B 35 36.36 -24.50 40.08
CA SER B 35 37.19 -23.30 39.95
C SER B 35 37.06 -22.73 38.54
N VAL B 36 37.91 -21.77 38.20
CA VAL B 36 37.86 -21.12 36.89
C VAL B 36 38.48 -22.06 35.86
N GLY B 37 37.71 -22.41 34.84
CA GLY B 37 38.21 -23.25 33.75
C GLY B 37 38.29 -24.72 34.11
N ASP B 38 37.13 -25.33 34.37
CA ASP B 38 37.03 -26.74 34.72
C ASP B 38 35.99 -27.41 33.82
N ARG B 39 35.76 -28.70 34.06
CA ARG B 39 34.80 -29.52 33.34
C ARG B 39 33.67 -29.91 34.29
N VAL B 40 32.46 -29.42 34.00
CA VAL B 40 31.29 -29.71 34.81
C VAL B 40 30.14 -30.11 33.89
N THR B 41 29.32 -31.05 34.36
CA THR B 41 28.17 -31.55 33.61
C THR B 41 26.96 -31.50 34.53
N ILE B 42 25.85 -30.96 34.02
CA ILE B 42 24.58 -30.92 34.74
C ILE B 42 23.61 -31.79 33.97
N THR B 43 23.06 -32.81 34.65
CA THR B 43 22.16 -33.78 34.06
C THR B 43 20.74 -33.53 34.55
N CYS B 44 19.80 -33.42 33.61
CA CYS B 44 18.38 -33.28 33.91
C CYS B 44 17.70 -34.60 33.58
N ARG B 45 17.01 -35.18 34.56
CA ARG B 45 16.35 -36.48 34.38
C ARG B 45 14.84 -36.27 34.46
N ALA B 46 14.12 -36.88 33.53
CA ALA B 46 12.68 -36.78 33.42
C ALA B 46 12.06 -38.18 33.46
N SER B 47 10.96 -38.32 34.20
CA SER B 47 10.26 -39.60 34.25
C SER B 47 9.70 -39.95 32.86
N GLN B 48 8.81 -39.11 32.35
CA GLN B 48 8.24 -39.30 31.02
C GLN B 48 9.10 -38.61 29.96
N SER B 49 9.11 -39.18 28.76
CA SER B 49 9.86 -38.62 27.65
C SER B 49 9.24 -37.31 27.21
N ILE B 50 10.03 -36.24 27.20
CA ILE B 50 9.60 -34.91 26.80
C ILE B 50 10.17 -34.53 25.43
N SER B 51 10.57 -35.51 24.64
CA SER B 51 11.16 -35.28 23.32
C SER B 51 12.43 -34.42 23.43
N SER B 52 12.42 -33.17 22.92
CA SER B 52 13.58 -32.30 22.97
C SER B 52 13.20 -30.88 23.33
N TYR B 53 12.09 -30.69 24.05
CA TYR B 53 11.62 -29.36 24.45
C TYR B 53 12.10 -29.01 25.85
N LEU B 54 13.42 -29.02 26.02
CA LEU B 54 14.06 -28.70 27.30
C LEU B 54 14.51 -27.25 27.29
N ASN B 55 14.95 -26.79 28.46
CA ASN B 55 15.55 -25.47 28.65
C ASN B 55 16.64 -25.60 29.70
N TRP B 56 17.39 -24.52 29.88
CA TRP B 56 18.51 -24.50 30.83
C TRP B 56 18.67 -23.07 31.33
N TYR B 57 18.19 -22.81 32.55
CA TYR B 57 18.19 -21.48 33.14
C TYR B 57 19.27 -21.40 34.20
N GLN B 58 20.11 -20.39 34.11
CA GLN B 58 21.00 -20.01 35.20
C GLN B 58 20.35 -18.89 35.98
N HIS B 59 20.45 -18.94 37.30
CA HIS B 59 19.78 -17.98 38.19
C HIS B 59 20.82 -17.41 39.13
N LYS B 60 21.32 -16.23 38.77
CA LYS B 60 22.23 -15.50 39.64
C LYS B 60 21.49 -15.21 40.95
N PRO B 61 22.16 -15.34 42.11
CA PRO B 61 21.48 -14.96 43.36
C PRO B 61 21.10 -13.49 43.38
N GLY B 62 19.82 -13.22 43.60
CA GLY B 62 19.30 -11.87 43.56
C GLY B 62 19.35 -11.25 42.17
N LYS B 63 18.81 -11.95 41.19
CA LYS B 63 18.74 -11.43 39.82
C LYS B 63 17.67 -12.18 39.06
N ALA B 64 17.23 -11.59 37.97
CA ALA B 64 16.20 -12.21 37.13
C ALA B 64 16.76 -13.46 36.44
N PRO B 65 16.06 -14.59 36.45
CA PRO B 65 16.60 -15.77 35.75
C PRO B 65 16.64 -15.53 34.25
N LYS B 66 17.46 -16.34 33.57
CA LYS B 66 17.59 -16.19 32.12
C LYS B 66 18.12 -17.51 31.56
N LEU B 67 17.58 -17.92 30.40
CA LEU B 67 17.93 -19.20 29.81
C LEU B 67 19.22 -19.16 28.99
N LEU B 68 19.77 -20.36 28.75
CA LEU B 68 20.97 -20.57 27.96
C LEU B 68 20.72 -21.40 26.71
N ILE B 69 20.11 -22.58 26.88
CA ILE B 69 19.83 -23.52 25.80
C ILE B 69 18.32 -23.75 25.78
N PHE B 70 17.71 -23.56 24.61
CA PHE B 70 16.30 -23.87 24.41
C PHE B 70 16.18 -24.96 23.35
N THR B 71 15.14 -25.79 23.48
CA THR B 71 14.95 -27.00 22.68
C THR B 71 16.12 -27.99 22.81
N ALA B 72 16.92 -27.87 23.86
CA ALA B 72 17.97 -28.81 24.24
C ALA B 72 19.19 -28.82 23.33
N SER B 73 19.14 -28.09 22.21
CA SER B 73 20.26 -27.98 21.28
C SER B 73 20.58 -26.55 20.87
N ASN B 74 19.57 -25.71 20.69
CA ASN B 74 19.81 -24.37 20.17
C ASN B 74 20.47 -23.50 21.24
N LEU B 75 21.15 -22.46 20.77
CA LEU B 75 21.88 -21.54 21.63
C LEU B 75 21.22 -20.17 21.55
N GLN B 76 20.94 -19.58 22.71
CA GLN B 76 20.34 -18.26 22.76
C GLN B 76 21.34 -17.22 22.26
N SER B 77 20.81 -16.19 21.60
CA SER B 77 21.65 -15.11 21.10
C SER B 77 22.28 -14.35 22.27
N GLY B 78 23.48 -13.84 22.04
CA GLY B 78 24.19 -13.10 23.07
C GLY B 78 24.57 -13.96 24.25
N VAL B 79 25.03 -15.19 24.01
CA VAL B 79 25.45 -16.09 25.08
C VAL B 79 26.81 -16.67 24.68
N PRO B 80 27.78 -16.79 25.60
CA PRO B 80 29.06 -17.40 25.22
C PRO B 80 28.86 -18.84 24.74
N SER B 81 29.68 -19.24 23.78
CA SER B 81 29.55 -20.56 23.18
C SER B 81 30.03 -21.68 24.07
N ARG B 82 30.54 -21.37 25.27
CA ARG B 82 31.05 -22.39 26.18
C ARG B 82 29.95 -23.34 26.66
N PHE B 83 28.68 -22.96 26.55
CA PHE B 83 27.57 -23.83 26.94
C PHE B 83 27.05 -24.60 25.74
N SER B 84 26.90 -25.92 25.89
CA SER B 84 26.43 -26.77 24.80
C SER B 84 25.49 -27.80 25.40
N GLY B 85 24.19 -27.66 25.13
CA GLY B 85 23.22 -28.62 25.63
C GLY B 85 23.18 -29.88 24.78
N GLY B 86 22.31 -30.80 25.17
CA GLY B 86 22.21 -32.03 24.40
C GLY B 86 21.34 -33.06 25.08
N GLY B 87 21.17 -34.18 24.38
CA GLY B 87 20.35 -35.26 24.87
C GLY B 87 18.88 -35.09 24.52
N SER B 88 18.17 -36.21 24.50
CA SER B 88 16.75 -36.18 24.15
C SER B 88 16.03 -37.37 24.77
N GLY B 89 14.74 -37.19 25.04
CA GLY B 89 13.93 -38.24 25.61
C GLY B 89 13.82 -38.07 27.11
N THR B 90 14.47 -38.99 27.84
CA THR B 90 14.48 -38.99 29.29
C THR B 90 15.86 -38.67 29.86
N ASP B 91 16.88 -38.56 29.01
CA ASP B 91 18.25 -38.23 29.40
C ASP B 91 18.69 -37.00 28.62
N PHE B 92 19.16 -36.00 29.34
CA PHE B 92 19.63 -34.75 28.75
C PHE B 92 20.98 -34.38 29.38
N THR B 93 21.53 -33.25 28.96
CA THR B 93 22.83 -32.81 29.45
C THR B 93 23.04 -31.34 29.11
N LEU B 94 24.08 -30.78 29.73
CA LEU B 94 24.53 -29.43 29.46
C LEU B 94 26.03 -29.37 29.76
N THR B 95 26.84 -29.34 28.70
CA THR B 95 28.28 -29.48 28.78
C THR B 95 28.89 -28.09 28.66
N ILE B 96 29.38 -27.57 29.78
CA ILE B 96 30.10 -26.30 29.79
C ILE B 96 31.54 -26.57 29.36
N SER B 97 31.99 -25.82 28.35
CA SER B 97 33.36 -25.97 27.87
C SER B 97 34.38 -25.56 28.93
N SER B 98 34.13 -24.45 29.62
CA SER B 98 35.02 -23.98 30.67
C SER B 98 34.28 -22.98 31.54
N LEU B 99 34.70 -22.88 32.80
CA LEU B 99 34.05 -22.02 33.77
C LEU B 99 34.80 -20.71 33.91
N GLN B 100 34.05 -19.61 33.89
CA GLN B 100 34.54 -18.26 34.10
C GLN B 100 33.89 -17.68 35.35
N PRO B 101 34.51 -16.69 36.00
CA PRO B 101 33.96 -16.17 37.27
C PRO B 101 32.62 -15.44 37.15
N GLU B 102 32.02 -15.29 35.96
CA GLU B 102 30.74 -14.59 35.80
C GLU B 102 29.55 -15.50 35.52
N ASP B 103 29.72 -16.83 35.56
CA ASP B 103 28.61 -17.76 35.31
C ASP B 103 28.54 -18.81 36.41
N PHE B 104 28.64 -18.37 37.66
CA PHE B 104 28.48 -19.24 38.83
C PHE B 104 27.10 -18.98 39.43
N ALA B 105 26.24 -19.98 39.38
CA ALA B 105 24.88 -19.83 39.89
C ALA B 105 24.22 -21.21 39.96
N THR B 106 22.93 -21.21 40.31
CA THR B 106 22.11 -22.41 40.27
C THR B 106 21.56 -22.61 38.87
N TYR B 107 21.27 -23.87 38.52
CA TYR B 107 20.82 -24.23 37.19
C TYR B 107 19.53 -25.04 37.26
N TYR B 108 18.59 -24.70 36.38
CA TYR B 108 17.28 -25.34 36.32
C TYR B 108 17.01 -25.84 34.90
N CYS B 109 16.30 -26.96 34.82
CA CYS B 109 15.82 -27.51 33.56
C CYS B 109 14.30 -27.59 33.56
N GLN B 110 13.69 -27.13 32.46
CA GLN B 110 12.24 -27.06 32.28
C GLN B 110 11.80 -28.05 31.21
N GLN B 111 10.61 -28.60 31.39
CA GLN B 111 9.94 -29.41 30.38
C GLN B 111 8.75 -28.61 29.87
N SER B 112 8.53 -28.66 28.55
CA SER B 112 7.38 -27.99 27.96
C SER B 112 6.69 -28.89 26.93
N TYR B 113 7.01 -30.19 26.90
CA TYR B 113 6.34 -31.11 25.99
C TYR B 113 4.85 -31.21 26.30
N THR B 114 4.50 -31.29 27.58
CA THR B 114 3.11 -31.24 28.03
C THR B 114 3.01 -30.38 29.28
N SER B 115 1.85 -29.75 29.45
CA SER B 115 1.58 -28.99 30.65
C SER B 115 1.25 -29.93 31.80
N PRO B 116 1.54 -29.54 33.06
CA PRO B 116 2.14 -28.28 33.51
C PRO B 116 3.65 -28.24 33.31
N ARG B 117 4.18 -27.02 33.26
CA ARG B 117 5.61 -26.76 33.12
C ARG B 117 6.30 -26.81 34.47
N THR B 118 7.16 -27.82 34.67
CA THR B 118 7.85 -28.03 35.93
C THR B 118 9.32 -27.63 35.80
N PHE B 119 9.81 -26.84 36.74
CA PHE B 119 11.22 -26.45 36.80
C PHE B 119 12.00 -27.54 37.54
N GLY B 120 13.27 -27.28 37.85
CA GLY B 120 14.13 -28.23 38.51
C GLY B 120 14.43 -27.86 39.96
N GLN B 121 15.42 -28.56 40.51
CA GLN B 121 15.82 -28.35 41.91
C GLN B 121 16.79 -27.18 42.06
N GLY B 122 17.89 -27.20 41.29
CA GLY B 122 18.93 -26.19 41.36
C GLY B 122 20.28 -26.75 41.74
N THR B 123 21.24 -26.66 40.82
CA THR B 123 22.62 -27.13 41.02
C THR B 123 23.52 -25.91 41.08
N LYS B 124 24.00 -25.59 42.29
CA LYS B 124 24.89 -24.45 42.48
C LYS B 124 26.34 -24.84 42.25
N VAL B 125 27.13 -23.87 41.79
CA VAL B 125 28.57 -24.01 41.65
C VAL B 125 29.22 -22.87 42.42
N GLU B 126 30.22 -23.20 43.23
CA GLU B 126 30.78 -22.27 44.22
C GLU B 126 32.30 -22.41 44.17
N ILE B 127 32.99 -21.35 44.60
CA ILE B 127 34.44 -21.30 44.45
C ILE B 127 35.07 -22.40 45.28
N LYS B 128 35.91 -23.21 44.65
CA LYS B 128 36.60 -24.30 45.34
C LYS B 128 37.76 -23.73 46.15
N GLY C 42 -5.17 -52.23 21.47
CA GLY C 42 -6.30 -52.26 20.55
C GLY C 42 -5.88 -51.82 19.16
N ASP C 43 -6.50 -50.74 18.67
CA ASP C 43 -6.19 -50.21 17.34
C ASP C 43 -6.94 -48.89 17.13
N THR C 44 -7.09 -48.48 15.87
CA THR C 44 -7.89 -47.30 15.48
C THR C 44 -7.36 -45.95 15.95
N ILE C 45 -6.10 -45.63 15.65
CA ILE C 45 -5.66 -44.26 15.92
C ILE C 45 -6.43 -43.37 14.95
N CYS C 46 -6.50 -42.07 15.25
CA CYS C 46 -7.30 -41.19 14.40
C CYS C 46 -6.73 -39.77 14.45
N ILE C 47 -6.23 -39.29 13.32
CA ILE C 47 -5.80 -37.90 13.24
C ILE C 47 -7.06 -37.03 13.14
N GLY C 48 -7.00 -35.85 13.73
CA GLY C 48 -8.15 -34.98 13.77
C GLY C 48 -7.72 -33.55 14.01
N TYR C 49 -8.69 -32.70 14.36
CA TYR C 49 -8.35 -31.32 14.64
C TYR C 49 -9.30 -30.76 15.70
N HIS C 50 -8.85 -29.70 16.36
CA HIS C 50 -9.52 -29.15 17.53
C HIS C 50 -10.78 -28.37 17.15
N ALA C 51 -11.94 -28.82 17.64
CA ALA C 51 -13.19 -28.07 17.58
C ALA C 51 -13.62 -27.67 18.99
N ASN C 52 -14.50 -26.67 19.06
CA ASN C 52 -14.98 -26.17 20.34
C ASN C 52 -16.31 -25.46 20.14
N ASN C 53 -16.93 -25.09 21.26
CA ASN C 53 -18.22 -24.41 21.28
C ASN C 53 -18.14 -22.93 20.91
N SER C 54 -17.00 -22.43 20.45
CA SER C 54 -16.90 -21.02 20.09
C SER C 54 -17.77 -20.72 18.88
N THR C 55 -18.21 -19.46 18.78
CA THR C 55 -19.09 -19.01 17.71
C THR C 55 -18.52 -17.83 16.94
N ASP C 56 -17.23 -17.54 17.11
CA ASP C 56 -16.61 -16.45 16.36
C ASP C 56 -16.55 -16.78 14.88
N THR C 57 -16.83 -15.78 14.04
CA THR C 57 -16.84 -15.93 12.59
C THR C 57 -15.95 -14.85 11.99
N VAL C 58 -15.28 -15.20 10.90
CA VAL C 58 -14.38 -14.30 10.18
C VAL C 58 -14.73 -14.31 8.69
N ASP C 59 -14.08 -13.41 7.96
CA ASP C 59 -14.26 -13.26 6.52
C ASP C 59 -12.94 -13.55 5.83
N THR C 60 -12.97 -14.44 4.84
CA THR C 60 -11.83 -14.80 4.01
C THR C 60 -12.04 -14.31 2.58
N VAL C 61 -11.01 -14.48 1.74
CA VAL C 61 -11.08 -14.04 0.36
C VAL C 61 -11.68 -15.11 -0.55
N LEU C 62 -11.98 -16.30 -0.01
CA LEU C 62 -12.71 -17.36 -0.71
C LEU C 62 -14.06 -17.65 -0.10
N GLU C 63 -14.40 -17.04 1.03
CA GLU C 63 -15.65 -17.28 1.72
C GLU C 63 -15.85 -16.17 2.75
N LYS C 64 -17.11 -15.85 3.01
CA LYS C 64 -17.48 -14.80 3.95
C LYS C 64 -18.30 -15.39 5.09
N ASN C 65 -18.11 -14.84 6.29
CA ASN C 65 -18.83 -15.28 7.50
C ASN C 65 -18.65 -16.79 7.72
N VAL C 66 -17.39 -17.17 7.96
CA VAL C 66 -17.03 -18.56 8.21
C VAL C 66 -16.66 -18.72 9.68
N THR C 67 -17.15 -19.79 10.30
CA THR C 67 -16.99 -19.99 11.74
C THR C 67 -15.63 -20.61 12.04
N VAL C 68 -14.94 -20.06 13.05
CA VAL C 68 -13.61 -20.52 13.44
C VAL C 68 -13.61 -20.93 14.91
N THR C 69 -12.47 -21.42 15.38
CA THR C 69 -12.30 -21.81 16.78
C THR C 69 -11.74 -20.66 17.60
N HIS C 70 -10.57 -20.15 17.22
CA HIS C 70 -9.96 -19.00 17.85
C HIS C 70 -9.68 -17.95 16.79
N SER C 71 -9.70 -16.69 17.21
CA SER C 71 -9.44 -15.57 16.32
C SER C 71 -8.87 -14.43 17.16
N VAL C 72 -8.64 -13.29 16.51
CA VAL C 72 -8.17 -12.10 17.21
C VAL C 72 -8.62 -10.87 16.44
N ASN C 73 -9.05 -9.85 17.19
CA ASN C 73 -9.59 -8.63 16.60
C ASN C 73 -8.46 -7.61 16.51
N LEU C 74 -7.83 -7.52 15.34
CA LEU C 74 -6.83 -6.49 15.15
C LEU C 74 -7.41 -5.08 15.18
N LEU C 75 -8.71 -4.94 14.97
CA LEU C 75 -9.33 -3.64 15.04
C LEU C 75 -9.61 -3.27 16.48
N GLU C 76 -9.53 -1.97 16.76
CA GLU C 76 -9.76 -1.43 18.10
C GLU C 76 -11.04 -0.60 18.07
N ASP C 77 -12.00 -0.98 18.91
CA ASP C 77 -13.30 -0.32 18.96
C ASP C 77 -13.72 -0.05 20.40
N SER C 78 -12.74 0.23 21.27
CA SER C 78 -13.02 0.52 22.68
C SER C 78 -12.09 1.64 23.14
N HIS C 79 -12.52 2.35 24.17
CA HIS C 79 -11.74 3.45 24.71
C HIS C 79 -12.17 3.67 26.16
N ASN C 80 -11.32 4.38 26.91
CA ASN C 80 -11.66 4.71 28.29
C ASN C 80 -12.76 5.76 28.36
N GLY C 81 -12.98 6.53 27.29
CA GLY C 81 -14.00 7.56 27.30
C GLY C 81 -13.61 8.85 27.99
N LYS C 82 -12.39 8.97 28.50
CA LYS C 82 -11.95 10.16 29.22
C LYS C 82 -10.58 10.62 28.71
N LEU C 83 -9.98 11.60 29.38
CA LEU C 83 -8.72 12.20 28.97
C LEU C 83 -7.67 12.00 30.06
N CYS C 84 -6.51 11.48 29.68
CA CYS C 84 -5.44 11.24 30.63
C CYS C 84 -4.08 11.44 29.97
N ARG C 85 -3.03 11.17 30.72
CA ARG C 85 -1.68 11.54 30.32
C ARG C 85 -1.17 10.72 29.16
N LEU C 86 -0.34 11.36 28.33
CA LEU C 86 0.33 10.77 27.19
C LEU C 86 1.83 10.96 27.35
N LYS C 87 2.59 9.92 27.04
CA LYS C 87 4.05 9.89 27.26
C LYS C 87 4.42 10.13 28.73
N GLY C 88 3.47 9.93 29.64
CA GLY C 88 3.68 10.21 31.04
C GLY C 88 3.36 11.62 31.50
N ILE C 89 3.03 12.53 30.58
CA ILE C 89 2.75 13.92 30.91
C ILE C 89 1.28 14.19 30.64
N ALA C 90 0.61 14.84 31.60
CA ALA C 90 -0.80 15.17 31.48
C ALA C 90 -1.04 16.17 30.36
N PRO C 91 -2.11 16.01 29.57
CA PRO C 91 -2.39 17.03 28.54
C PRO C 91 -3.00 18.27 29.17
N LEU C 92 -2.85 19.39 28.45
CA LEU C 92 -3.45 20.62 28.93
C LEU C 92 -4.97 20.52 28.90
N GLN C 93 -5.60 21.25 29.81
CA GLN C 93 -7.06 21.26 29.96
C GLN C 93 -7.55 22.70 29.87
N LEU C 94 -8.34 22.99 28.84
CA LEU C 94 -8.96 24.30 28.65
C LEU C 94 -10.47 24.12 28.71
N GLY C 95 -11.01 24.18 29.92
CA GLY C 95 -12.44 24.06 30.10
C GLY C 95 -13.20 25.23 29.50
N ASN C 96 -13.90 24.98 28.39
CA ASN C 96 -14.69 25.99 27.70
C ASN C 96 -13.84 27.21 27.34
N CYS C 97 -12.62 26.95 26.86
CA CYS C 97 -11.69 27.99 26.47
C CYS C 97 -10.98 27.59 25.18
N SER C 98 -10.74 28.58 24.33
CA SER C 98 -10.03 28.36 23.08
C SER C 98 -8.52 28.35 23.33
N VAL C 99 -7.76 27.94 22.30
CA VAL C 99 -6.30 28.02 22.39
C VAL C 99 -5.88 29.47 22.55
N ALA C 100 -6.47 30.38 21.78
CA ALA C 100 -6.26 31.80 22.01
C ALA C 100 -6.78 32.22 23.39
N GLY C 101 -7.80 31.53 23.90
CA GLY C 101 -8.39 31.90 25.17
C GLY C 101 -7.42 31.82 26.34
N TRP C 102 -6.50 30.86 26.33
CA TRP C 102 -5.47 30.80 27.37
C TRP C 102 -4.12 31.32 26.91
N ILE C 103 -3.77 31.15 25.63
CA ILE C 103 -2.52 31.73 25.13
C ILE C 103 -2.55 33.24 25.30
N LEU C 104 -3.66 33.86 24.87
CA LEU C 104 -3.98 35.22 25.25
C LEU C 104 -4.90 35.11 26.46
N GLY C 105 -4.37 35.42 27.64
CA GLY C 105 -5.08 35.13 28.87
C GLY C 105 -6.44 35.78 28.98
N ASN C 106 -7.50 34.99 28.81
CA ASN C 106 -8.86 35.51 28.94
C ASN C 106 -9.21 35.65 30.41
N PRO C 107 -9.94 36.71 30.81
CA PRO C 107 -10.39 36.76 32.22
C PRO C 107 -11.17 35.52 32.63
N GLU C 108 -11.99 34.97 31.73
CA GLU C 108 -12.73 33.75 32.04
C GLU C 108 -11.84 32.51 32.00
N CYS C 109 -10.67 32.59 31.36
CA CYS C 109 -9.77 31.45 31.20
C CYS C 109 -8.54 31.54 32.10
N GLU C 110 -8.50 32.52 33.02
CA GLU C 110 -7.38 32.63 33.93
C GLU C 110 -7.41 31.59 35.06
N LEU C 111 -8.50 30.82 35.17
CA LEU C 111 -8.59 29.72 36.13
C LEU C 111 -7.90 28.44 35.64
N LEU C 112 -7.04 28.53 34.62
CA LEU C 112 -6.40 27.36 34.04
C LEU C 112 -5.46 26.71 35.07
N ILE C 113 -5.12 25.45 34.79
CA ILE C 113 -4.16 24.71 35.61
C ILE C 113 -2.78 25.06 35.04
N SER C 114 -2.08 25.97 35.70
CA SER C 114 -0.80 26.49 35.23
C SER C 114 0.28 25.44 35.45
N ARG C 115 0.32 24.46 34.55
CA ARG C 115 1.31 23.40 34.62
C ARG C 115 2.57 23.85 33.88
N GLU C 116 3.51 22.93 33.67
CA GLU C 116 4.80 23.22 33.07
C GLU C 116 5.02 22.53 31.74
N SER C 117 4.52 21.30 31.57
CA SER C 117 4.70 20.57 30.32
C SER C 117 3.43 19.81 30.00
N TRP C 118 3.23 19.54 28.70
CA TRP C 118 2.06 18.81 28.24
C TRP C 118 2.41 18.07 26.96
N SER C 119 1.61 17.04 26.66
CA SER C 119 1.79 16.24 25.47
C SER C 119 0.86 16.64 24.33
N TYR C 120 -0.27 17.26 24.64
CA TYR C 120 -1.19 17.79 23.65
C TYR C 120 -2.24 18.63 24.36
N ILE C 121 -2.63 19.73 23.74
CA ILE C 121 -3.63 20.62 24.31
C ILE C 121 -5.01 20.15 23.86
N VAL C 122 -6.04 20.57 24.61
CA VAL C 122 -7.42 20.17 24.36
C VAL C 122 -8.29 21.41 24.36
N GLU C 123 -9.17 21.50 23.36
CA GLU C 123 -10.09 22.60 23.17
C GLU C 123 -11.52 22.06 23.11
N LYS C 124 -12.45 22.75 23.76
CA LYS C 124 -13.85 22.37 23.59
C LYS C 124 -14.26 22.66 22.14
N PRO C 125 -15.11 21.80 21.52
CA PRO C 125 -15.54 22.09 20.14
C PRO C 125 -16.28 23.40 20.04
N ASN C 126 -15.69 24.37 19.34
CA ASN C 126 -16.23 25.72 19.21
C ASN C 126 -16.50 26.33 20.58
N PRO C 127 -15.46 26.65 21.36
CA PRO C 127 -15.69 27.18 22.70
C PRO C 127 -16.24 28.59 22.65
N GLU C 128 -16.99 28.95 23.69
CA GLU C 128 -17.68 30.24 23.70
C GLU C 128 -16.72 31.38 24.04
N ASN C 129 -16.00 31.27 25.17
CA ASN C 129 -15.13 32.34 25.64
C ASN C 129 -13.72 32.11 25.12
N GLY C 130 -13.54 32.41 23.83
CA GLY C 130 -12.22 32.39 23.22
C GLY C 130 -11.62 33.77 23.26
N THR C 131 -11.44 34.40 22.10
CA THR C 131 -10.99 35.79 22.06
C THR C 131 -12.13 36.68 22.52
N CYS C 132 -12.01 37.26 23.72
CA CYS C 132 -13.07 38.11 24.24
C CYS C 132 -13.28 39.33 23.37
N TYR C 133 -12.19 39.92 22.84
CA TYR C 133 -12.36 41.00 21.88
C TYR C 133 -12.43 40.42 20.48
N PRO C 134 -13.39 40.80 19.64
CA PRO C 134 -13.51 40.14 18.33
C PRO C 134 -12.42 40.60 17.37
N GLY C 135 -11.92 39.67 16.58
CA GLY C 135 -10.90 40.00 15.62
C GLY C 135 -10.37 38.77 14.92
N HIS C 136 -9.30 38.99 14.17
CA HIS C 136 -8.67 37.96 13.35
C HIS C 136 -7.31 37.62 13.96
N PHE C 137 -7.10 36.35 14.26
CA PHE C 137 -5.86 35.85 14.82
C PHE C 137 -4.96 35.42 13.67
N ALA C 138 -3.99 36.26 13.32
CA ALA C 138 -3.10 35.97 12.20
C ALA C 138 -2.21 34.76 12.49
N ASP C 139 -2.11 33.86 11.52
CA ASP C 139 -1.34 32.62 11.65
C ASP C 139 -1.75 31.81 12.87
N TYR C 140 -3.04 31.88 13.22
CA TYR C 140 -3.55 31.16 14.38
C TYR C 140 -3.28 29.67 14.28
N GLU C 141 -3.53 29.09 13.12
CA GLU C 141 -3.37 27.66 12.94
C GLU C 141 -1.91 27.26 13.07
N GLU C 142 -0.99 28.08 12.55
CA GLU C 142 0.44 27.79 12.73
C GLU C 142 0.82 27.80 14.21
N LEU C 143 0.32 28.79 14.95
CA LEU C 143 0.61 28.86 16.38
C LEU C 143 0.06 27.65 17.11
N ARG C 144 -1.16 27.23 16.77
CA ARG C 144 -1.75 26.07 17.40
C ARG C 144 -0.93 24.82 17.11
N GLU C 145 -0.49 24.65 15.85
CA GLU C 145 0.33 23.50 15.52
C GLU C 145 1.66 23.52 16.27
N GLN C 146 2.24 24.71 16.45
CA GLN C 146 3.49 24.79 17.19
C GLN C 146 3.29 24.53 18.68
N LEU C 147 2.24 25.09 19.26
CA LEU C 147 2.01 24.97 20.70
C LEU C 147 1.37 23.66 21.11
N SER C 148 1.18 22.73 20.15
CA SER C 148 0.60 21.44 20.48
C SER C 148 1.40 20.71 21.56
N SER C 149 2.73 20.72 21.47
CA SER C 149 3.59 20.06 22.45
C SER C 149 4.66 21.02 22.95
N VAL C 150 4.90 20.96 24.26
CA VAL C 150 5.96 21.72 24.91
C VAL C 150 6.47 20.84 26.05
N SER C 151 7.80 20.79 26.19
CA SER C 151 8.42 20.02 27.25
C SER C 151 8.72 20.85 28.48
N SER C 152 8.87 22.17 28.33
CA SER C 152 9.05 23.07 29.47
C SER C 152 8.45 24.41 29.08
N PHE C 153 7.52 24.90 29.91
CA PHE C 153 6.72 26.08 29.61
C PHE C 153 6.84 27.04 30.78
N GLU C 154 7.88 27.88 30.76
CA GLU C 154 8.17 28.79 31.85
C GLU C 154 7.54 30.14 31.52
N ARG C 155 6.46 30.46 32.22
CA ARG C 155 5.76 31.73 32.03
C ARG C 155 6.61 32.84 32.64
N PHE C 156 7.32 33.56 31.80
CA PHE C 156 8.11 34.71 32.21
C PHE C 156 7.35 36.00 31.94
N GLU C 157 8.01 37.13 32.22
CA GLU C 157 7.54 38.44 31.79
C GLU C 157 8.75 39.25 31.35
N ILE C 158 8.72 39.75 30.12
CA ILE C 158 9.88 40.44 29.55
C ILE C 158 10.10 41.84 30.14
N PHE C 159 9.21 42.28 31.02
CA PHE C 159 9.31 43.58 31.67
C PHE C 159 8.67 43.49 33.05
N PRO C 160 8.65 44.56 33.84
CA PRO C 160 7.62 44.70 34.87
C PRO C 160 6.40 45.45 34.33
N LYS C 161 5.28 45.27 35.02
CA LYS C 161 4.04 45.93 34.60
C LYS C 161 4.10 47.44 34.77
N GLU C 162 4.63 47.92 35.90
CA GLU C 162 4.61 49.34 36.23
C GLU C 162 6.00 49.97 36.35
N SER C 163 7.07 49.25 36.02
CA SER C 163 8.42 49.79 36.02
C SER C 163 9.03 49.79 34.63
N SER C 164 8.21 49.65 33.58
CA SER C 164 8.67 49.70 32.20
C SER C 164 7.82 50.59 31.32
N TRP C 165 6.57 50.90 31.68
CA TRP C 165 5.71 51.78 30.91
C TRP C 165 5.19 52.89 31.82
N PRO C 166 6.04 53.87 32.16
CA PRO C 166 5.61 54.93 33.08
C PRO C 166 4.92 56.09 32.38
N ASN C 167 4.96 56.14 31.05
CA ASN C 167 4.36 57.19 30.24
C ASN C 167 3.22 56.64 29.38
N HIS C 168 2.59 55.56 29.85
CA HIS C 168 1.52 54.91 29.09
C HIS C 168 0.59 54.26 30.10
N THR C 169 -0.62 54.79 30.25
CA THR C 169 -1.59 54.14 31.13
C THR C 169 -1.93 52.76 30.61
N THR C 170 -1.92 51.78 31.51
CA THR C 170 -2.14 50.38 31.17
C THR C 170 -3.43 49.83 31.78
N THR C 171 -4.28 50.70 32.33
CA THR C 171 -5.57 50.27 32.90
C THR C 171 -6.58 50.03 31.77
N GLY C 172 -6.28 49.03 30.95
CA GLY C 172 -7.11 48.75 29.80
C GLY C 172 -8.44 48.13 30.13
N VAL C 173 -9.51 48.90 29.93
CA VAL C 173 -10.88 48.46 30.21
C VAL C 173 -11.59 48.19 28.89
N SER C 174 -12.48 47.19 28.91
CA SER C 174 -13.29 46.85 27.75
C SER C 174 -14.54 46.12 28.23
N ALA C 175 -15.67 46.39 27.58
CA ALA C 175 -16.93 45.78 28.01
C ALA C 175 -17.01 44.31 27.62
N SER C 176 -16.55 43.98 26.41
CA SER C 176 -16.68 42.61 25.92
C SER C 176 -15.83 41.61 26.70
N CYS C 177 -14.77 42.08 27.37
CA CYS C 177 -13.87 41.20 28.12
C CYS C 177 -14.16 41.21 29.61
N SER C 178 -15.44 41.33 29.98
CA SER C 178 -15.81 41.38 31.39
C SER C 178 -15.57 40.03 32.06
N HIS C 179 -15.22 40.07 33.34
CA HIS C 179 -14.97 38.87 34.14
C HIS C 179 -16.20 38.46 34.95
N ASN C 180 -16.72 39.36 35.77
CA ASN C 180 -17.90 39.09 36.59
C ASN C 180 -18.84 40.30 36.56
N GLY C 181 -19.04 40.86 35.37
CA GLY C 181 -19.82 42.07 35.22
C GLY C 181 -19.02 43.36 35.22
N GLU C 182 -17.74 43.30 35.59
CA GLU C 182 -16.86 44.45 35.57
C GLU C 182 -15.95 44.40 34.35
N SER C 183 -15.66 45.56 33.80
CA SER C 183 -14.84 45.64 32.58
C SER C 183 -13.40 45.24 32.89
N SER C 184 -12.76 44.59 31.92
CA SER C 184 -11.37 44.16 32.06
C SER C 184 -10.78 43.94 30.67
N PHE C 185 -9.61 43.30 30.63
CA PHE C 185 -8.92 42.98 29.38
C PHE C 185 -8.18 41.66 29.64
N TYR C 186 -7.27 41.30 28.73
CA TYR C 186 -6.54 40.05 28.79
C TYR C 186 -5.57 40.06 29.97
N LYS C 187 -5.03 38.88 30.26
CA LYS C 187 -4.05 38.71 31.33
C LYS C 187 -2.62 38.70 30.80
N ASN C 188 -2.41 38.18 29.59
CA ASN C 188 -1.09 38.09 28.99
C ASN C 188 -0.74 39.29 28.10
N LEU C 189 -1.65 40.25 27.93
CA LEU C 189 -1.40 41.39 27.05
C LEU C 189 -1.73 42.70 27.77
N LEU C 190 -1.66 43.84 27.06
CA LEU C 190 -1.83 45.13 27.73
C LEU C 190 -2.27 46.17 26.72
N TRP C 191 -3.50 46.70 26.87
CA TRP C 191 -4.08 47.63 25.91
C TRP C 191 -3.66 49.06 26.26
N LEU C 192 -2.43 49.39 25.87
CA LEU C 192 -1.90 50.72 26.14
C LEU C 192 -2.76 51.79 25.46
N THR C 193 -2.97 52.91 26.17
CA THR C 193 -3.87 53.97 25.69
C THR C 193 -3.27 55.36 25.93
N GLY C 194 -1.96 55.47 25.96
CA GLY C 194 -1.31 56.75 26.19
C GLY C 194 -1.30 57.15 27.65
N LYS C 195 -0.96 58.41 27.89
CA LYS C 195 -0.85 58.93 29.25
C LYS C 195 -0.79 60.44 29.21
N ASN C 196 -1.54 61.08 30.11
CA ASN C 196 -1.55 62.54 30.25
C ASN C 196 -1.92 63.22 28.93
N GLY C 197 -2.84 62.60 28.19
CA GLY C 197 -3.30 63.18 26.94
C GLY C 197 -2.35 63.08 25.78
N LEU C 198 -1.28 62.29 25.89
CA LEU C 198 -0.31 62.10 24.82
C LEU C 198 0.00 60.60 24.69
N TYR C 199 0.90 60.27 23.77
CA TYR C 199 1.33 58.88 23.55
C TYR C 199 2.76 58.92 23.03
N PRO C 200 3.75 58.88 23.93
CA PRO C 200 5.14 58.91 23.46
C PRO C 200 5.51 57.69 22.62
N ASN C 201 6.35 57.92 21.62
CA ASN C 201 6.85 56.85 20.75
C ASN C 201 7.77 55.92 21.54
N LEU C 202 7.34 54.68 21.72
CA LEU C 202 8.07 53.69 22.49
C LEU C 202 8.92 52.83 21.56
N SER C 203 10.08 52.42 22.07
CA SER C 203 11.03 51.58 21.34
C SER C 203 11.54 50.45 22.24
N LYS C 204 10.65 49.87 23.04
CA LYS C 204 11.05 48.83 23.97
C LYS C 204 11.52 47.57 23.25
N SER C 205 12.59 46.98 23.78
CA SER C 205 13.25 45.82 23.19
C SER C 205 13.38 44.71 24.22
N TYR C 206 13.91 43.57 23.76
CA TYR C 206 14.13 42.41 24.60
C TYR C 206 15.12 41.50 23.87
N ALA C 207 15.94 40.80 24.64
CA ALA C 207 16.98 39.92 24.10
C ALA C 207 16.83 38.54 24.71
N ASN C 208 16.62 37.53 23.86
CA ASN C 208 16.53 36.14 24.30
C ASN C 208 17.90 35.49 24.40
N ASN C 209 18.83 36.14 25.09
CA ASN C 209 20.12 35.49 25.35
C ASN C 209 20.01 34.48 26.49
N LYS C 210 19.10 34.72 27.43
CA LYS C 210 18.84 33.80 28.53
C LYS C 210 17.86 32.72 28.07
N GLU C 211 17.61 31.74 28.95
CA GLU C 211 16.82 30.52 28.71
C GLU C 211 16.88 29.97 27.27
N LYS C 212 15.75 29.77 26.60
CA LYS C 212 15.66 28.95 25.39
C LYS C 212 14.79 29.71 24.40
N GLU C 213 14.29 29.00 23.38
CA GLU C 213 13.51 29.60 22.31
C GLU C 213 12.17 30.07 22.87
N VAL C 214 12.07 31.37 23.19
CA VAL C 214 10.85 31.91 23.78
C VAL C 214 9.88 32.32 22.68
N LEU C 215 8.60 32.39 23.03
CA LEU C 215 7.54 32.86 22.14
C LEU C 215 7.02 34.21 22.62
N VAL C 216 6.76 35.11 21.67
CA VAL C 216 6.33 36.47 21.95
C VAL C 216 4.99 36.69 21.25
N LEU C 217 4.07 37.32 22.00
CA LEU C 217 2.70 37.57 21.57
C LEU C 217 2.41 39.06 21.63
N TRP C 218 1.66 39.57 20.67
CA TRP C 218 1.22 40.96 20.75
C TRP C 218 0.06 41.15 19.79
N GLY C 219 -0.49 42.36 19.77
CA GLY C 219 -1.60 42.65 18.88
C GLY C 219 -1.64 44.11 18.52
N VAL C 220 -2.48 44.41 17.54
CA VAL C 220 -2.76 45.78 17.12
C VAL C 220 -4.28 45.99 17.11
N HIS C 221 -4.72 47.11 17.66
CA HIS C 221 -6.13 47.43 17.79
C HIS C 221 -6.56 48.33 16.64
N HIS C 222 -7.65 47.97 15.97
CA HIS C 222 -8.21 48.72 14.87
C HIS C 222 -9.51 49.34 15.37
N PRO C 223 -9.53 50.64 15.74
CA PRO C 223 -10.77 51.24 16.21
C PRO C 223 -11.80 51.32 15.09
N PRO C 224 -13.09 51.36 15.41
CA PRO C 224 -14.12 51.35 14.37
C PRO C 224 -14.43 52.71 13.76
N ASN C 225 -13.62 53.73 14.03
CA ASN C 225 -13.84 55.06 13.45
C ASN C 225 -12.62 55.91 13.72
N ILE C 226 -12.54 57.05 13.03
CA ILE C 226 -11.46 58.00 13.26
C ILE C 226 -11.62 58.67 14.62
N GLY C 227 -12.84 58.71 15.17
CA GLY C 227 -13.03 59.37 16.45
C GLY C 227 -12.28 58.69 17.57
N ASP C 228 -12.32 57.35 17.61
CA ASP C 228 -11.60 56.62 18.64
C ASP C 228 -10.09 56.85 18.53
N GLN C 229 -9.55 56.81 17.30
CA GLN C 229 -8.14 57.11 17.10
C GLN C 229 -7.80 58.50 17.64
N ARG C 230 -8.56 59.50 17.21
CA ARG C 230 -8.25 60.88 17.58
C ARG C 230 -8.36 61.11 19.08
N ALA C 231 -9.36 60.50 19.72
CA ALA C 231 -9.60 60.74 21.14
C ALA C 231 -8.87 59.77 22.07
N LEU C 232 -8.20 58.74 21.55
CA LEU C 232 -7.55 57.73 22.38
C LEU C 232 -6.03 57.75 22.23
N TYR C 233 -5.51 57.61 21.00
CA TYR C 233 -4.07 57.71 20.75
C TYR C 233 -3.65 59.13 20.39
N HIS C 234 -4.58 60.08 20.31
CA HIS C 234 -4.33 61.51 20.13
C HIS C 234 -3.71 61.86 18.79
N LYS C 235 -3.56 60.92 17.87
CA LYS C 235 -3.04 61.20 16.54
C LYS C 235 -3.27 59.98 15.66
N GLU C 236 -3.57 60.24 14.38
CA GLU C 236 -3.92 59.20 13.42
C GLU C 236 -2.61 58.65 12.82
N ASN C 237 -2.73 57.84 11.75
CA ASN C 237 -1.61 57.22 11.01
C ASN C 237 -0.51 56.69 11.92
N ALA C 238 -0.91 55.85 12.86
CA ALA C 238 0.01 55.25 13.83
C ALA C 238 0.45 53.87 13.33
N TYR C 239 1.76 53.68 13.23
CA TYR C 239 2.37 52.45 12.75
C TYR C 239 2.86 51.59 13.92
N VAL C 240 2.94 50.28 13.65
CA VAL C 240 3.56 49.31 14.56
C VAL C 240 4.55 48.50 13.76
N SER C 241 5.83 48.55 14.17
CA SER C 241 6.95 47.94 13.45
C SER C 241 7.75 47.08 14.41
N VAL C 242 7.39 45.81 14.52
CA VAL C 242 8.20 44.85 15.25
C VAL C 242 9.37 44.46 14.36
N VAL C 243 10.56 44.28 14.93
CA VAL C 243 11.74 43.94 14.15
C VAL C 243 12.53 42.89 14.93
N SER C 244 13.15 41.96 14.23
CA SER C 244 14.07 41.02 14.82
C SER C 244 15.03 40.55 13.73
N SER C 245 15.77 39.48 14.02
CA SER C 245 16.76 38.99 13.06
C SER C 245 16.10 38.52 11.77
N HIS C 246 14.95 37.84 11.89
CA HIS C 246 14.25 37.25 10.75
C HIS C 246 12.76 37.59 10.77
N TYR C 247 12.39 38.74 11.33
CA TYR C 247 10.98 39.13 11.43
C TYR C 247 10.95 40.65 11.50
N SER C 248 10.68 41.30 10.37
CA SER C 248 10.80 42.76 10.27
C SER C 248 9.65 43.35 9.46
N ARG C 249 8.43 42.89 9.71
CA ARG C 249 7.25 43.41 9.01
C ARG C 249 6.55 44.47 9.85
N LYS C 250 5.83 45.36 9.17
CA LYS C 250 5.22 46.53 9.77
C LYS C 250 3.70 46.44 9.65
N PHE C 251 3.01 46.98 10.64
CA PHE C 251 1.55 47.07 10.67
C PHE C 251 1.16 48.55 10.72
N THR C 252 0.19 48.92 9.90
CA THR C 252 -0.30 50.31 9.78
C THR C 252 -1.82 50.29 9.88
N PRO C 253 -2.36 49.99 11.07
CA PRO C 253 -3.82 49.86 11.21
C PRO C 253 -4.51 51.21 11.20
N GLU C 254 -5.27 51.48 10.14
CA GLU C 254 -6.06 52.71 10.02
C GLU C 254 -7.37 52.36 9.30
N ILE C 255 -8.41 52.05 10.07
CA ILE C 255 -9.71 51.69 9.52
C ILE C 255 -10.76 52.55 10.23
N ALA C 256 -11.86 52.81 9.53
CA ALA C 256 -12.90 53.73 10.01
C ALA C 256 -14.29 53.11 10.18
N LYS C 257 -14.46 51.80 9.98
CA LYS C 257 -15.76 51.19 10.20
C LYS C 257 -15.60 49.69 10.33
N ARG C 258 -16.56 49.07 11.01
CA ARG C 258 -16.64 47.63 11.17
C ARG C 258 -18.10 47.26 11.37
N PRO C 259 -18.45 45.98 11.24
CA PRO C 259 -19.75 45.52 11.75
C PRO C 259 -19.69 45.36 13.27
N LYS C 260 -20.75 44.84 13.88
CA LYS C 260 -20.79 44.61 15.33
C LYS C 260 -20.78 43.11 15.59
N VAL C 261 -19.79 42.66 16.36
CA VAL C 261 -19.66 41.27 16.76
C VAL C 261 -19.35 41.25 18.25
N ARG C 262 -20.09 40.44 19.00
CA ARG C 262 -19.92 40.31 20.45
C ARG C 262 -20.03 41.67 21.14
N ASP C 263 -20.98 42.49 20.67
CA ASP C 263 -21.20 43.83 21.20
C ASP C 263 -19.93 44.67 21.18
N GLN C 264 -19.24 44.65 20.04
CA GLN C 264 -17.99 45.39 19.88
C GLN C 264 -17.80 45.72 18.41
N GLU C 265 -17.79 47.02 18.09
CA GLU C 265 -17.62 47.45 16.70
C GLU C 265 -16.20 47.21 16.22
N GLY C 266 -15.22 47.82 16.87
CA GLY C 266 -13.83 47.73 16.43
C GLY C 266 -13.32 46.29 16.44
N ARG C 267 -12.10 46.13 15.92
CA ARG C 267 -11.49 44.82 15.79
C ARG C 267 -10.04 44.88 16.24
N ILE C 268 -9.43 43.70 16.34
CA ILE C 268 -8.05 43.59 16.82
C ILE C 268 -7.38 42.41 16.14
N ASN C 269 -6.11 42.57 15.77
CA ASN C 269 -5.33 41.51 15.12
C ASN C 269 -4.22 41.09 16.07
N TYR C 270 -4.25 39.82 16.45
CA TYR C 270 -3.27 39.24 17.36
C TYR C 270 -2.16 38.56 16.55
N TYR C 271 -0.99 39.19 16.52
CA TYR C 271 0.18 38.59 15.91
C TYR C 271 1.05 37.90 16.96
N TRP C 272 2.06 37.19 16.48
CA TRP C 272 3.02 36.53 17.35
C TRP C 272 4.31 36.34 16.58
N THR C 273 5.28 35.70 17.23
CA THR C 273 6.58 35.45 16.61
C THR C 273 7.31 34.40 17.45
N LEU C 274 8.58 34.18 17.13
CA LEU C 274 9.43 33.26 17.86
C LEU C 274 10.81 33.88 18.00
N LEU C 275 11.40 33.75 19.20
CA LEU C 275 12.70 34.28 19.53
C LEU C 275 13.64 33.11 19.81
N GLU C 276 14.55 32.86 18.88
CA GLU C 276 15.54 31.80 19.04
C GLU C 276 16.53 32.19 20.14
N PRO C 277 17.25 31.23 20.70
CA PRO C 277 18.27 31.57 21.71
C PRO C 277 19.29 32.56 21.14
N GLY C 278 19.61 33.57 21.93
CA GLY C 278 20.54 34.60 21.51
C GLY C 278 19.98 35.66 20.60
N ASP C 279 18.69 35.60 20.26
CA ASP C 279 18.10 36.58 19.37
C ASP C 279 17.76 37.87 20.13
N THR C 280 17.17 38.83 19.41
CA THR C 280 16.81 40.11 20.03
C THR C 280 15.69 40.74 19.21
N ILE C 281 14.53 40.92 19.84
CA ILE C 281 13.36 41.54 19.21
C ILE C 281 13.17 42.94 19.76
N ILE C 282 12.81 43.87 18.88
CA ILE C 282 12.62 45.27 19.23
C ILE C 282 11.25 45.69 18.72
N PHE C 283 10.46 46.31 19.60
CA PHE C 283 9.11 46.75 19.30
C PHE C 283 9.16 48.26 19.11
N GLU C 284 8.97 48.74 17.87
CA GLU C 284 8.85 50.16 17.60
C GLU C 284 7.39 50.46 17.35
N ALA C 285 6.82 51.38 18.12
CA ALA C 285 5.44 51.75 17.89
C ALA C 285 5.16 53.09 18.54
N ASN C 286 4.15 53.77 18.01
CA ASN C 286 3.67 55.03 18.55
C ASN C 286 2.15 55.10 18.58
N GLY C 287 1.49 53.94 18.62
CA GLY C 287 0.05 53.87 18.69
C GLY C 287 -0.45 52.54 18.16
N ASN C 288 -1.69 52.23 18.52
CA ASN C 288 -2.37 51.00 18.09
C ASN C 288 -1.54 49.75 18.41
N LEU C 289 -0.96 49.72 19.62
CA LEU C 289 -0.10 48.63 20.05
C LEU C 289 -0.75 47.93 21.23
N ILE C 290 -0.66 46.61 21.24
CA ILE C 290 -1.03 45.78 22.38
C ILE C 290 0.24 45.15 22.91
N ALA C 291 0.89 45.82 23.86
CA ALA C 291 2.20 45.36 24.32
C ALA C 291 2.05 44.04 25.08
N PRO C 292 3.01 43.11 24.95
CA PRO C 292 2.95 41.89 25.76
C PRO C 292 3.03 42.18 27.25
N ARG C 293 2.31 41.38 28.04
CA ARG C 293 2.28 41.52 29.49
C ARG C 293 2.68 40.25 30.21
N TYR C 294 2.50 39.07 29.60
CA TYR C 294 3.10 37.80 30.02
C TYR C 294 3.57 37.10 28.75
N ALA C 295 4.88 37.13 28.47
CA ALA C 295 5.41 36.32 27.39
C ALA C 295 5.54 34.89 27.87
N PHE C 296 6.07 34.00 27.03
CA PHE C 296 6.24 32.60 27.40
C PHE C 296 7.68 32.16 27.20
N ALA C 297 7.96 30.87 27.40
CA ALA C 297 9.28 30.31 27.14
C ALA C 297 9.07 28.86 26.72
N LEU C 298 9.03 28.63 25.41
CA LEU C 298 8.75 27.32 24.84
C LEU C 298 10.00 26.46 24.86
N SER C 299 9.80 25.16 24.57
CA SER C 299 10.89 24.19 24.44
C SER C 299 10.69 23.30 23.22
N ARG C 300 10.02 23.82 22.20
CA ARG C 300 9.71 23.09 20.96
C ARG C 300 8.96 21.81 21.30
N GLY C 301 9.39 20.64 20.83
CA GLY C 301 8.63 19.41 20.99
C GLY C 301 7.71 19.26 19.79
N PHE C 302 7.92 18.21 19.00
CA PHE C 302 7.22 18.02 17.73
C PHE C 302 6.50 16.68 17.71
N GLY C 303 5.31 16.68 17.10
CA GLY C 303 4.54 15.46 16.92
C GLY C 303 3.17 15.43 17.56
N SER C 304 2.70 16.54 18.12
CA SER C 304 1.41 16.59 18.79
C SER C 304 0.43 17.44 17.98
N GLY C 305 -0.79 17.54 18.51
CA GLY C 305 -1.83 18.29 17.86
C GLY C 305 -3.05 18.37 18.76
N ILE C 306 -3.93 19.29 18.41
CA ILE C 306 -5.11 19.58 19.22
C ILE C 306 -6.16 18.50 18.99
N ILE C 307 -6.81 18.10 20.09
CA ILE C 307 -7.96 17.19 20.07
C ILE C 307 -9.15 17.97 20.59
N ASN C 308 -10.21 18.04 19.77
CA ASN C 308 -11.45 18.70 20.18
C ASN C 308 -12.37 17.67 20.81
N SER C 309 -12.64 17.82 22.11
CA SER C 309 -13.41 16.83 22.85
C SER C 309 -14.10 17.50 24.03
N ASN C 310 -15.20 16.86 24.47
CA ASN C 310 -15.95 17.29 25.65
C ASN C 310 -15.83 16.35 26.84
N ALA C 311 -15.18 15.20 26.69
CA ALA C 311 -15.08 14.25 27.78
C ALA C 311 -14.22 14.81 28.92
N PRO C 312 -14.45 14.36 30.15
CA PRO C 312 -13.69 14.92 31.29
C PRO C 312 -12.37 14.21 31.52
N MET C 313 -11.50 14.90 32.25
CA MET C 313 -10.16 14.41 32.52
C MET C 313 -10.18 13.29 33.56
N ASP C 314 -9.28 12.33 33.38
CA ASP C 314 -9.04 11.25 34.33
C ASP C 314 -7.55 10.91 34.30
N GLU C 315 -7.18 9.77 34.88
CA GLU C 315 -5.80 9.30 34.91
C GLU C 315 -5.71 7.88 34.37
N CYS C 316 -4.77 7.68 33.44
CA CYS C 316 -4.49 6.35 32.89
C CYS C 316 -3.14 6.41 32.19
N ASP C 317 -2.74 5.28 31.62
CA ASP C 317 -1.44 5.13 30.95
C ASP C 317 -1.60 5.11 29.44
N ALA C 318 -2.52 5.93 28.90
CA ALA C 318 -2.81 5.90 27.48
C ALA C 318 -1.59 6.29 26.65
N LYS C 319 -1.29 5.48 25.63
CA LYS C 319 -0.24 5.78 24.66
C LYS C 319 -0.77 6.50 23.42
N CYS C 320 -2.08 6.61 23.26
CA CYS C 320 -2.63 7.47 22.21
C CYS C 320 -4.10 7.72 22.52
N GLN C 321 -4.61 8.82 21.98
CA GLN C 321 -5.97 9.23 22.26
C GLN C 321 -6.70 9.71 21.01
N THR C 322 -8.02 9.40 20.97
CA THR C 322 -9.02 9.90 20.05
C THR C 322 -9.91 10.93 20.74
N PRO C 323 -10.62 11.78 19.99
CA PRO C 323 -11.53 12.74 20.66
C PRO C 323 -12.57 12.12 21.57
N GLN C 324 -13.10 10.94 21.24
CA GLN C 324 -14.14 10.29 22.03
C GLN C 324 -13.59 9.23 22.98
N GLY C 325 -12.36 9.39 23.46
CA GLY C 325 -11.76 8.45 24.39
C GLY C 325 -10.35 8.07 23.98
N ALA C 326 -9.65 7.45 24.94
CA ALA C 326 -8.26 7.07 24.75
C ALA C 326 -8.16 5.60 24.37
N ILE C 327 -7.35 5.32 23.33
CA ILE C 327 -7.08 3.96 22.87
C ILE C 327 -5.90 3.44 23.68
N ASN C 328 -6.19 2.68 24.73
CA ASN C 328 -5.12 2.06 25.51
C ASN C 328 -4.41 0.95 24.76
N SER C 329 -4.96 0.51 23.63
CA SER C 329 -4.44 -0.65 22.91
C SER C 329 -3.15 -0.32 22.17
N SER C 330 -2.46 -1.36 21.71
CA SER C 330 -1.19 -1.27 20.99
C SER C 330 -1.20 -2.19 19.77
N LEU C 331 -2.30 -2.15 19.01
CA LEU C 331 -2.46 -2.93 17.77
C LEU C 331 -2.54 -1.99 16.58
N PRO C 332 -2.15 -2.44 15.38
CA PRO C 332 -1.96 -1.50 14.26
C PRO C 332 -3.21 -0.96 13.59
N PHE C 333 -4.40 -1.46 13.92
CA PHE C 333 -5.63 -1.06 13.24
C PHE C 333 -6.68 -0.61 14.26
N GLN C 334 -7.20 0.60 14.05
CA GLN C 334 -8.27 1.15 14.89
C GLN C 334 -9.31 1.82 14.00
N ASN C 335 -10.59 1.69 14.38
CA ASN C 335 -11.68 2.38 13.70
C ASN C 335 -12.41 3.36 14.62
N VAL C 336 -11.82 3.71 15.77
CA VAL C 336 -12.50 4.61 16.69
C VAL C 336 -12.69 5.99 16.08
N HIS C 337 -11.62 6.58 15.55
CA HIS C 337 -11.70 7.93 15.02
C HIS C 337 -10.45 8.24 14.21
N PRO C 338 -10.53 9.01 13.11
CA PRO C 338 -9.29 9.32 12.36
C PRO C 338 -8.29 10.16 13.15
N VAL C 339 -8.75 11.19 13.85
CA VAL C 339 -7.88 12.07 14.62
C VAL C 339 -7.33 11.28 15.81
N THR C 340 -6.03 10.98 15.77
CA THR C 340 -5.35 10.17 16.78
C THR C 340 -4.03 10.82 17.18
N ILE C 341 -3.99 11.40 18.38
CA ILE C 341 -2.75 11.97 18.91
C ILE C 341 -1.94 10.88 19.61
N GLY C 342 -0.63 10.87 19.33
CA GLY C 342 0.31 9.95 19.95
C GLY C 342 0.83 8.91 18.98
N GLU C 343 1.64 7.98 19.53
CA GLU C 343 2.18 6.87 18.76
C GLU C 343 1.03 5.90 18.53
N CYS C 344 0.10 6.29 17.66
CA CYS C 344 -1.18 5.61 17.65
C CYS C 344 -1.35 4.85 16.33
N PRO C 345 -2.07 3.72 16.30
CA PRO C 345 -2.31 3.05 15.01
C PRO C 345 -3.04 3.95 14.02
N LYS C 346 -3.03 3.50 12.77
CA LYS C 346 -3.65 4.23 11.67
C LYS C 346 -5.13 3.87 11.56
N TYR C 347 -5.93 4.87 11.21
CA TYR C 347 -7.38 4.69 11.13
C TYR C 347 -7.76 3.72 10.02
N VAL C 348 -8.82 2.96 10.27
CA VAL C 348 -9.40 2.03 9.31
C VAL C 348 -10.92 2.23 9.31
N ARG C 349 -11.50 2.43 8.12
CA ARG C 349 -12.92 2.70 7.97
C ARG C 349 -13.78 1.45 8.05
N SER C 350 -13.19 0.28 8.24
CA SER C 350 -13.93 -0.95 8.35
C SER C 350 -14.43 -1.11 9.78
N ALA C 351 -15.05 -2.26 10.05
CA ALA C 351 -15.62 -2.55 11.35
C ALA C 351 -15.19 -3.89 11.93
N LYS C 352 -14.61 -4.79 11.14
CA LYS C 352 -14.22 -6.10 11.65
C LYS C 352 -13.02 -6.63 10.85
N LEU C 353 -11.81 -6.46 11.39
CA LEU C 353 -10.59 -7.04 10.86
C LEU C 353 -10.17 -8.29 11.64
N ARG C 354 -11.15 -9.07 12.09
CA ARG C 354 -10.86 -10.24 12.91
C ARG C 354 -10.08 -11.26 12.10
N MET C 355 -8.79 -11.40 12.39
CA MET C 355 -7.98 -12.42 11.75
C MET C 355 -8.20 -13.76 12.43
N VAL C 356 -8.32 -14.82 11.62
CA VAL C 356 -8.39 -16.15 12.19
C VAL C 356 -7.05 -16.45 12.84
N THR C 357 -7.10 -17.23 13.91
CA THR C 357 -5.91 -17.62 14.63
C THR C 357 -5.96 -19.11 14.96
N GLY C 358 -7.00 -19.82 14.52
CA GLY C 358 -7.15 -21.24 14.79
C GLY C 358 -7.87 -21.94 13.65
N LEU C 359 -8.55 -23.01 13.99
CA LEU C 359 -9.20 -23.94 13.07
C LEU C 359 -10.58 -23.44 12.65
N ARG C 360 -11.34 -24.31 11.99
CA ARG C 360 -12.74 -24.07 11.64
C ARG C 360 -13.64 -24.88 12.57
N ASN C 361 -14.61 -24.20 13.18
CA ASN C 361 -15.49 -24.83 14.15
C ASN C 361 -16.46 -25.73 13.40
N ILE C 362 -16.17 -27.02 13.35
CA ILE C 362 -17.02 -28.02 12.71
C ILE C 362 -17.29 -29.12 13.74
N PRO C 363 -18.22 -28.92 14.68
CA PRO C 363 -18.46 -29.94 15.71
C PRO C 363 -19.42 -31.02 15.24
N GLY D 1 -9.28 -24.46 2.43
CA GLY D 1 -9.30 -25.93 2.17
C GLY D 1 -8.55 -26.30 0.90
N LEU D 2 -7.40 -25.66 0.68
CA LEU D 2 -6.61 -25.93 -0.51
C LEU D 2 -6.08 -27.36 -0.50
N PHE D 3 -5.54 -27.81 0.63
CA PHE D 3 -5.03 -29.17 0.75
C PHE D 3 -6.12 -30.19 1.02
N GLY D 4 -7.32 -29.75 1.38
CA GLY D 4 -8.46 -30.64 1.48
C GLY D 4 -8.38 -31.69 2.57
N ALA D 5 -7.76 -31.37 3.70
CA ALA D 5 -7.83 -32.23 4.88
C ALA D 5 -8.96 -31.76 5.80
N ILE D 6 -8.85 -30.53 6.31
CA ILE D 6 -9.91 -29.98 7.14
C ILE D 6 -11.09 -29.63 6.26
N ALA D 7 -12.29 -30.07 6.65
CA ALA D 7 -13.51 -30.01 5.84
C ALA D 7 -13.40 -30.77 4.52
N GLY D 8 -12.35 -31.59 4.33
CA GLY D 8 -12.18 -32.40 3.14
C GLY D 8 -12.49 -33.84 3.44
N PHE D 9 -11.45 -34.64 3.71
CA PHE D 9 -11.62 -36.04 4.07
C PHE D 9 -11.52 -36.25 5.57
N ILE D 10 -11.57 -35.18 6.36
CA ILE D 10 -11.76 -35.23 7.81
C ILE D 10 -12.99 -34.37 8.04
N GLU D 11 -14.16 -35.02 8.16
CA GLU D 11 -15.42 -34.30 8.02
C GLU D 11 -15.62 -33.27 9.13
N GLY D 12 -15.36 -33.65 10.37
CA GLY D 12 -15.68 -32.80 11.50
C GLY D 12 -14.58 -32.78 12.53
N GLY D 13 -14.54 -31.68 13.29
CA GLY D 13 -13.58 -31.54 14.37
C GLY D 13 -14.05 -32.23 15.64
N TRP D 14 -13.22 -32.12 16.67
CA TRP D 14 -13.43 -32.74 17.96
C TRP D 14 -13.59 -31.68 19.05
N THR D 15 -14.68 -31.78 19.81
CA THR D 15 -14.95 -30.80 20.86
C THR D 15 -14.07 -31.00 22.09
N GLY D 16 -13.61 -32.22 22.34
CA GLY D 16 -12.80 -32.50 23.51
C GLY D 16 -11.35 -32.08 23.42
N MET D 17 -10.87 -31.73 22.23
CA MET D 17 -9.51 -31.22 22.05
C MET D 17 -9.35 -29.89 22.77
N VAL D 18 -8.62 -29.90 23.89
CA VAL D 18 -8.44 -28.72 24.72
C VAL D 18 -6.98 -28.39 24.95
N ASP D 19 -6.06 -29.37 24.88
CA ASP D 19 -4.64 -29.13 25.14
C ASP D 19 -3.89 -28.72 23.88
N GLY D 20 -4.21 -29.33 22.73
CA GLY D 20 -3.54 -29.02 21.48
C GLY D 20 -4.51 -28.97 20.33
N TRP D 21 -3.99 -28.56 19.17
CA TRP D 21 -4.82 -28.46 17.97
C TRP D 21 -4.96 -29.80 17.27
N TYR D 22 -3.84 -30.38 16.82
CA TYR D 22 -3.87 -31.55 15.95
C TYR D 22 -3.63 -32.78 16.82
N GLY D 23 -4.70 -33.23 17.47
CA GLY D 23 -4.62 -34.32 18.41
C GLY D 23 -4.84 -35.68 17.79
N TYR D 24 -5.25 -36.62 18.65
CA TYR D 24 -5.60 -37.96 18.23
C TYR D 24 -6.80 -38.44 19.04
N HIS D 25 -7.25 -39.65 18.72
CA HIS D 25 -8.25 -40.35 19.50
C HIS D 25 -7.91 -41.84 19.41
N HIS D 26 -7.13 -42.32 20.37
CA HIS D 26 -6.67 -43.71 20.37
C HIS D 26 -7.67 -44.56 21.15
N GLN D 27 -8.67 -45.07 20.43
CA GLN D 27 -9.65 -46.01 21.00
C GLN D 27 -9.07 -47.43 21.08
N ASN D 28 -7.98 -47.55 21.83
CA ASN D 28 -7.29 -48.82 22.01
C ASN D 28 -7.83 -49.55 23.23
N GLU D 29 -7.33 -50.76 23.45
CA GLU D 29 -7.81 -51.60 24.54
C GLU D 29 -7.55 -50.98 25.91
N GLN D 30 -6.35 -50.42 26.11
CA GLN D 30 -6.00 -49.95 27.45
C GLN D 30 -6.83 -48.75 27.89
N GLY D 31 -7.40 -48.01 26.95
CA GLY D 31 -8.21 -46.86 27.29
C GLY D 31 -8.55 -45.98 26.12
N SER D 32 -8.59 -44.66 26.34
CA SER D 32 -8.93 -43.70 25.30
C SER D 32 -8.35 -42.36 25.70
N GLY D 33 -8.77 -41.32 24.99
CA GLY D 33 -8.37 -39.95 25.29
C GLY D 33 -8.09 -39.13 24.05
N TYR D 34 -7.69 -37.88 24.27
CA TYR D 34 -7.44 -36.89 23.22
C TYR D 34 -6.06 -36.30 23.39
N ALA D 35 -5.06 -37.17 23.53
CA ALA D 35 -3.67 -36.73 23.64
C ALA D 35 -3.28 -35.96 22.39
N ALA D 36 -2.71 -34.78 22.59
CA ALA D 36 -2.35 -33.94 21.45
C ALA D 36 -1.07 -34.45 20.80
N ASP D 37 -0.71 -33.85 19.67
CA ASP D 37 0.54 -34.11 18.97
C ASP D 37 1.43 -32.91 19.23
N GLN D 38 2.26 -33.01 20.28
CA GLN D 38 2.93 -31.85 20.84
C GLN D 38 3.83 -31.15 19.84
N LYS D 39 4.58 -31.91 19.04
CA LYS D 39 5.51 -31.29 18.10
C LYS D 39 4.78 -30.45 17.07
N SER D 40 3.78 -31.03 16.41
CA SER D 40 3.10 -30.35 15.32
C SER D 40 2.33 -29.13 15.82
N THR D 41 1.57 -29.29 16.91
CA THR D 41 0.81 -28.14 17.41
C THR D 41 1.73 -27.06 17.95
N GLN D 42 2.86 -27.44 18.57
CA GLN D 42 3.80 -26.43 19.05
C GLN D 42 4.38 -25.63 17.89
N ASN D 43 4.80 -26.33 16.83
CA ASN D 43 5.33 -25.65 15.66
C ASN D 43 4.26 -24.77 15.01
N ALA D 44 3.02 -25.26 14.93
CA ALA D 44 1.95 -24.48 14.32
C ALA D 44 1.66 -23.22 15.14
N ILE D 45 1.57 -23.36 16.46
CA ILE D 45 1.33 -22.20 17.32
C ILE D 45 2.46 -21.21 17.17
N ASN D 46 3.70 -21.72 17.10
CA ASN D 46 4.84 -20.85 16.85
C ASN D 46 4.65 -20.07 15.55
N GLY D 47 4.22 -20.76 14.49
CA GLY D 47 4.08 -20.10 13.21
C GLY D 47 3.02 -19.02 13.21
N ILE D 48 1.84 -19.32 13.80
CA ILE D 48 0.81 -18.29 13.85
C ILE D 48 1.25 -17.13 14.74
N THR D 49 1.97 -17.41 15.82
CA THR D 49 2.46 -16.31 16.64
C THR D 49 3.43 -15.44 15.85
N ASN D 50 4.33 -16.04 15.07
CA ASN D 50 5.20 -15.21 14.23
C ASN D 50 4.37 -14.38 13.26
N LYS D 51 3.36 -14.99 12.65
CA LYS D 51 2.53 -14.26 11.69
C LYS D 51 1.87 -13.04 12.33
N VAL D 52 1.19 -13.25 13.47
CA VAL D 52 0.47 -12.15 14.10
C VAL D 52 1.46 -11.09 14.60
N ASN D 53 2.53 -11.51 15.27
CA ASN D 53 3.47 -10.52 15.80
C ASN D 53 4.16 -9.75 14.69
N SER D 54 4.43 -10.38 13.54
CA SER D 54 4.96 -9.65 12.41
C SER D 54 3.95 -8.63 11.92
N VAL D 55 2.66 -8.99 11.90
CA VAL D 55 1.64 -8.03 11.51
C VAL D 55 1.64 -6.82 12.47
N ILE D 56 1.84 -7.07 13.77
CA ILE D 56 1.81 -5.95 14.72
C ILE D 56 3.08 -5.10 14.62
N GLU D 57 4.24 -5.74 14.75
CA GLU D 57 5.47 -4.98 15.00
C GLU D 57 5.97 -4.25 13.76
N LYS D 58 5.76 -4.82 12.57
CA LYS D 58 6.25 -4.17 11.36
C LYS D 58 5.60 -2.81 11.14
N MET D 59 4.41 -2.58 11.70
CA MET D 59 3.77 -1.29 11.62
C MET D 59 4.56 -0.29 12.44
N ASN D 60 5.20 0.67 11.79
CA ASN D 60 6.01 1.64 12.49
C ASN D 60 5.11 2.60 13.27
N THR D 61 5.70 3.27 14.26
CA THR D 61 4.98 4.16 15.15
C THR D 61 5.54 5.56 15.03
N GLN D 62 4.67 6.53 14.81
CA GLN D 62 5.02 7.94 14.80
C GLN D 62 4.02 8.70 15.64
N PHE D 63 4.40 9.90 16.08
CA PHE D 63 3.68 10.56 17.16
C PHE D 63 2.43 11.31 16.70
N THR D 64 2.13 11.36 15.40
CA THR D 64 0.92 12.04 14.96
C THR D 64 0.40 11.42 13.66
N ALA D 65 -0.92 11.42 13.55
CA ALA D 65 -1.65 11.08 12.33
C ALA D 65 -2.86 11.99 12.17
N VAL D 66 -2.80 13.19 12.75
CA VAL D 66 -3.97 14.06 12.90
C VAL D 66 -3.93 15.11 11.80
N GLY D 67 -5.04 15.23 11.08
CA GLY D 67 -5.17 16.31 10.12
C GLY D 67 -5.31 17.64 10.84
N LYS D 68 -4.52 18.62 10.43
CA LYS D 68 -4.57 19.95 10.99
C LYS D 68 -5.85 20.67 10.54
N GLU D 69 -6.07 21.86 11.10
CA GLU D 69 -7.23 22.67 10.76
C GLU D 69 -6.80 23.89 9.94
N PHE D 70 -7.73 24.42 9.16
CA PHE D 70 -7.48 25.55 8.27
C PHE D 70 -8.70 26.46 8.27
N ASN D 71 -8.47 27.75 8.03
CA ASN D 71 -9.55 28.72 8.03
C ASN D 71 -10.23 28.71 6.66
N LYS D 72 -11.08 29.72 6.42
CA LYS D 72 -11.91 29.75 5.21
C LYS D 72 -11.19 30.21 3.95
N LEU D 73 -9.89 30.49 4.02
CA LEU D 73 -9.12 30.92 2.85
C LEU D 73 -8.10 29.89 2.37
N GLU D 74 -7.87 28.82 3.11
CA GLU D 74 -6.99 27.73 2.72
C GLU D 74 -7.78 26.48 2.34
N ARG D 75 -8.90 26.68 1.62
CA ARG D 75 -9.67 25.54 1.13
C ARG D 75 -8.83 24.64 0.25
N ARG D 76 -7.86 25.19 -0.48
CA ARG D 76 -6.89 24.34 -1.15
C ARG D 76 -6.16 23.46 -0.14
N MET D 77 -5.64 24.07 0.92
CA MET D 77 -4.88 23.30 1.90
C MET D 77 -5.77 22.29 2.60
N GLU D 78 -6.99 22.69 2.97
CA GLU D 78 -7.90 21.77 3.64
C GLU D 78 -8.27 20.60 2.74
N ASN D 79 -8.58 20.88 1.47
CA ASN D 79 -8.90 19.80 0.55
C ASN D 79 -7.71 18.91 0.28
N LEU D 80 -6.51 19.49 0.19
CA LEU D 80 -5.32 18.68 0.00
C LEU D 80 -5.06 17.79 1.21
N ASN D 81 -5.17 18.34 2.42
CA ASN D 81 -4.96 17.53 3.62
C ASN D 81 -6.01 16.44 3.71
N LYS D 82 -7.26 16.76 3.39
CA LYS D 82 -8.29 15.74 3.37
C LYS D 82 -7.97 14.68 2.34
N LYS D 83 -7.45 15.08 1.18
CA LYS D 83 -7.09 14.10 0.16
C LYS D 83 -5.97 13.19 0.66
N VAL D 84 -4.95 13.76 1.33
CA VAL D 84 -3.86 12.93 1.84
C VAL D 84 -4.37 11.99 2.93
N ASP D 85 -5.14 12.51 3.88
CA ASP D 85 -5.65 11.66 4.96
C ASP D 85 -6.57 10.58 4.42
N ASP D 86 -7.46 10.95 3.50
CA ASP D 86 -8.41 10.00 2.94
C ASP D 86 -7.73 8.99 2.03
N GLY D 87 -6.71 9.40 1.28
CA GLY D 87 -5.96 8.46 0.47
C GLY D 87 -5.13 7.51 1.31
N PHE D 88 -4.51 8.02 2.38
CA PHE D 88 -3.79 7.13 3.29
C PHE D 88 -4.76 6.14 3.93
N ILE D 89 -5.92 6.63 4.36
CA ILE D 89 -6.91 5.75 4.97
C ILE D 89 -7.42 4.75 3.94
N ASP D 90 -7.65 5.17 2.70
CA ASP D 90 -8.13 4.26 1.68
C ASP D 90 -7.12 3.19 1.37
N ILE D 91 -5.84 3.58 1.23
CA ILE D 91 -4.78 2.61 0.98
C ILE D 91 -4.67 1.66 2.15
N TRP D 92 -4.72 2.20 3.38
CA TRP D 92 -4.61 1.34 4.56
C TRP D 92 -5.79 0.40 4.67
N THR D 93 -7.00 0.86 4.34
CA THR D 93 -8.16 -0.01 4.41
C THR D 93 -8.07 -1.11 3.38
N TYR D 94 -7.74 -0.75 2.13
CA TYR D 94 -7.59 -1.77 1.10
C TYR D 94 -6.51 -2.77 1.47
N ASN D 95 -5.32 -2.27 1.83
CA ASN D 95 -4.23 -3.16 2.16
C ASN D 95 -4.56 -4.01 3.36
N ALA D 96 -5.13 -3.42 4.41
CA ALA D 96 -5.37 -4.16 5.64
C ALA D 96 -6.46 -5.19 5.45
N GLU D 97 -7.52 -4.84 4.73
CA GLU D 97 -8.61 -5.78 4.51
C GLU D 97 -8.17 -6.90 3.58
N LEU D 98 -7.52 -6.56 2.46
CA LEU D 98 -6.97 -7.62 1.61
C LEU D 98 -5.94 -8.47 2.33
N LEU D 99 -5.13 -7.89 3.22
CA LEU D 99 -4.24 -8.73 4.04
C LEU D 99 -5.07 -9.67 4.90
N VAL D 100 -5.86 -9.11 5.85
CA VAL D 100 -6.72 -9.90 6.73
C VAL D 100 -7.37 -11.05 5.97
N LEU D 101 -7.99 -10.77 4.82
CA LEU D 101 -8.60 -11.83 4.03
C LEU D 101 -7.55 -12.83 3.50
N LEU D 102 -6.45 -12.31 2.95
CA LEU D 102 -5.51 -13.19 2.26
C LEU D 102 -4.79 -14.12 3.24
N GLU D 103 -4.17 -13.57 4.29
CA GLU D 103 -3.62 -14.48 5.28
C GLU D 103 -4.65 -15.12 6.20
N ASN D 104 -5.94 -14.73 6.16
CA ASN D 104 -6.94 -15.64 6.71
C ASN D 104 -6.95 -16.90 5.88
N GLU D 105 -6.95 -16.75 4.55
CA GLU D 105 -6.89 -17.93 3.68
C GLU D 105 -5.60 -18.70 3.89
N ARG D 106 -4.47 -17.99 4.05
CA ARG D 106 -3.19 -18.66 4.29
C ARG D 106 -3.22 -19.41 5.62
N THR D 107 -3.85 -18.85 6.63
CA THR D 107 -3.97 -19.54 7.90
C THR D 107 -4.85 -20.79 7.76
N LEU D 108 -5.96 -20.67 7.03
CA LEU D 108 -6.82 -21.84 6.84
C LEU D 108 -6.10 -22.97 6.11
N ASP D 109 -5.46 -22.67 4.98
CA ASP D 109 -4.81 -23.79 4.28
C ASP D 109 -3.49 -24.16 4.93
N PHE D 110 -2.94 -23.33 5.83
CA PHE D 110 -1.79 -23.75 6.62
C PHE D 110 -2.20 -24.76 7.68
N HIS D 111 -3.34 -24.53 8.34
CA HIS D 111 -3.88 -25.56 9.23
C HIS D 111 -4.25 -26.81 8.43
N ASP D 112 -4.79 -26.61 7.23
CA ASP D 112 -5.08 -27.73 6.34
C ASP D 112 -3.81 -28.51 6.02
N SER D 113 -2.73 -27.80 5.72
CA SER D 113 -1.46 -28.44 5.40
C SER D 113 -0.87 -29.13 6.62
N ASN D 114 -1.06 -28.58 7.81
CA ASN D 114 -0.56 -29.25 9.01
C ASN D 114 -1.27 -30.57 9.22
N VAL D 115 -2.60 -30.57 9.14
CA VAL D 115 -3.36 -31.82 9.26
C VAL D 115 -2.96 -32.78 8.14
N LYS D 116 -2.80 -32.26 6.92
CA LYS D 116 -2.36 -33.08 5.80
C LYS D 116 -1.02 -33.74 6.11
N ASN D 117 0.03 -32.92 6.29
CA ASN D 117 1.38 -33.41 6.54
C ASN D 117 1.41 -34.41 7.68
N LEU D 118 0.61 -34.16 8.74
CA LEU D 118 0.49 -35.15 9.80
C LEU D 118 -0.10 -36.46 9.26
N TYR D 119 -1.12 -36.36 8.41
CA TYR D 119 -1.77 -37.56 7.90
C TYR D 119 -0.81 -38.38 7.05
N GLU D 120 -0.12 -37.75 6.11
CA GLU D 120 0.86 -38.49 5.32
C GLU D 120 2.04 -38.94 6.17
N LYS D 121 2.39 -38.22 7.24
CA LYS D 121 3.45 -38.68 8.11
C LYS D 121 3.07 -40.01 8.78
N VAL D 122 1.88 -40.06 9.36
CA VAL D 122 1.42 -41.31 9.97
C VAL D 122 1.27 -42.39 8.91
N LYS D 123 0.75 -42.04 7.74
CA LYS D 123 0.55 -43.04 6.69
C LYS D 123 1.88 -43.63 6.23
N SER D 124 2.89 -42.79 6.07
CA SER D 124 4.22 -43.26 5.71
C SER D 124 4.83 -44.11 6.81
N GLN D 125 4.64 -43.70 8.07
CA GLN D 125 5.17 -44.51 9.17
C GLN D 125 4.52 -45.89 9.21
N LEU D 126 3.22 -45.95 8.90
CA LEU D 126 2.47 -47.20 8.95
C LEU D 126 2.49 -47.95 7.63
N LYS D 127 2.72 -47.25 6.52
CA LYS D 127 2.67 -47.84 5.18
C LYS D 127 1.39 -48.64 4.97
N ASN D 128 1.45 -49.98 4.94
CA ASN D 128 0.26 -50.83 4.83
C ASN D 128 -0.02 -51.61 6.11
N ASN D 129 0.65 -51.29 7.22
CA ASN D 129 0.36 -51.98 8.48
C ASN D 129 -1.07 -51.72 8.94
N ALA D 130 -1.55 -50.49 8.76
CA ALA D 130 -2.88 -50.08 9.19
C ALA D 130 -3.63 -49.55 7.99
N LYS D 131 -4.80 -50.12 7.73
CA LYS D 131 -5.59 -49.63 6.61
C LYS D 131 -6.20 -48.26 6.91
N GLU D 132 -6.46 -47.51 5.84
CA GLU D 132 -7.07 -46.20 5.92
C GLU D 132 -8.59 -46.33 5.80
N ILE D 133 -9.29 -45.38 6.40
CA ILE D 133 -10.74 -45.27 6.29
C ILE D 133 -11.06 -43.80 6.06
N GLY D 134 -12.35 -43.47 6.01
CA GLY D 134 -12.75 -42.10 5.86
C GLY D 134 -12.45 -41.33 7.13
N ASN D 135 -12.70 -40.02 7.05
CA ASN D 135 -12.51 -39.10 8.17
C ASN D 135 -11.06 -38.99 8.62
N GLY D 136 -10.10 -39.52 7.86
CA GLY D 136 -8.72 -39.41 8.27
C GLY D 136 -8.33 -40.33 9.40
N CYS D 137 -9.17 -41.30 9.74
CA CYS D 137 -8.92 -42.20 10.85
C CYS D 137 -7.98 -43.31 10.35
N PHE D 138 -7.78 -44.36 11.14
CA PHE D 138 -6.90 -45.45 10.76
C PHE D 138 -7.39 -46.74 11.41
N GLU D 139 -6.80 -47.87 10.99
CA GLU D 139 -7.20 -49.19 11.52
C GLU D 139 -5.97 -50.10 11.56
N PHE D 140 -5.32 -50.19 12.72
CA PHE D 140 -4.15 -51.05 12.88
C PHE D 140 -4.53 -52.52 12.76
N TYR D 141 -3.84 -53.23 11.87
CA TYR D 141 -4.08 -54.67 11.74
C TYR D 141 -3.57 -55.43 12.96
N HIS D 142 -2.38 -55.08 13.45
CA HIS D 142 -1.77 -55.79 14.56
C HIS D 142 -2.40 -55.41 15.89
N LYS D 143 -2.15 -56.23 16.91
CA LYS D 143 -2.45 -55.82 18.27
C LYS D 143 -1.57 -54.63 18.62
N CYS D 144 -2.15 -53.64 19.29
CA CYS D 144 -1.56 -52.31 19.39
C CYS D 144 -1.78 -51.80 20.81
N ASN D 145 -0.72 -51.75 21.62
CA ASN D 145 -0.83 -51.23 22.98
C ASN D 145 -0.50 -49.74 22.99
N ASP D 146 -0.32 -49.18 24.18
CA ASP D 146 0.04 -47.77 24.33
C ASP D 146 1.41 -47.45 23.74
N GLU D 147 2.33 -48.43 23.70
CA GLU D 147 3.64 -48.17 23.11
C GLU D 147 3.54 -47.74 21.65
N CYS D 148 2.48 -48.16 20.95
CA CYS D 148 2.20 -47.64 19.61
C CYS D 148 2.18 -46.13 19.63
N MET D 149 1.42 -45.55 20.56
CA MET D 149 1.29 -44.09 20.60
C MET D 149 2.65 -43.47 20.86
N GLU D 150 3.42 -44.08 21.76
CA GLU D 150 4.75 -43.58 22.07
C GLU D 150 5.57 -43.53 20.79
N SER D 151 5.56 -44.61 20.01
CA SER D 151 6.33 -44.63 18.79
C SER D 151 5.72 -43.74 17.72
N VAL D 152 4.38 -43.62 17.67
CA VAL D 152 3.77 -42.85 16.59
C VAL D 152 4.00 -41.35 16.78
N LYS D 153 3.83 -40.84 18.00
CA LYS D 153 4.01 -39.42 18.25
C LYS D 153 5.47 -39.01 18.44
N ASN D 154 6.37 -39.96 18.66
CA ASN D 154 7.80 -39.70 18.56
C ASN D 154 8.39 -40.03 17.20
N GLY D 155 7.60 -40.57 16.28
CA GLY D 155 8.09 -40.85 14.94
C GLY D 155 8.91 -42.11 14.79
N THR D 156 9.09 -42.88 15.86
CA THR D 156 9.97 -44.06 15.85
C THR D 156 9.16 -45.34 15.67
N TYR D 157 8.09 -45.30 14.87
CA TYR D 157 7.30 -46.50 14.61
C TYR D 157 8.08 -47.44 13.72
N ASP D 158 8.74 -48.42 14.32
CA ASP D 158 9.52 -49.39 13.55
C ASP D 158 8.56 -50.37 12.88
N TYR D 159 8.50 -50.32 11.56
CA TYR D 159 7.61 -51.19 10.81
C TYR D 159 7.90 -52.68 10.98
N PRO D 160 9.15 -53.16 10.85
CA PRO D 160 9.35 -54.62 10.71
C PRO D 160 8.83 -55.48 11.85
N LYS D 161 8.89 -55.02 13.10
CA LYS D 161 8.52 -55.89 14.21
C LYS D 161 7.02 -56.13 14.27
N TYR D 162 6.23 -55.29 13.61
CA TYR D 162 4.78 -55.49 13.48
C TYR D 162 4.39 -55.88 12.06
N SER D 163 5.36 -56.10 11.17
CA SER D 163 5.01 -56.33 9.77
C SER D 163 4.23 -57.62 9.58
N GLU D 164 4.77 -58.73 10.07
CA GLU D 164 4.17 -60.03 9.78
C GLU D 164 2.79 -60.18 10.39
N GLU D 165 2.55 -59.55 11.54
CA GLU D 165 1.24 -59.60 12.16
C GLU D 165 0.22 -58.99 11.22
N SER D 166 0.55 -57.83 10.64
CA SER D 166 -0.37 -57.22 9.69
C SER D 166 -0.56 -58.11 8.48
N LYS D 167 0.53 -58.75 8.04
CA LYS D 167 0.45 -59.65 6.90
C LYS D 167 -0.51 -60.79 7.19
N LEU D 168 -0.50 -61.29 8.42
CA LEU D 168 -1.46 -62.34 8.77
C LEU D 168 -2.88 -61.79 8.74
N ASN D 169 -3.09 -60.61 9.35
CA ASN D 169 -4.43 -60.05 9.45
C ASN D 169 -4.99 -59.56 8.12
N ARG D 170 -4.14 -59.43 7.08
CA ARG D 170 -4.60 -59.02 5.76
C ARG D 170 -5.77 -59.87 5.26
N GLU D 171 -5.73 -61.18 5.52
CA GLU D 171 -6.77 -62.11 5.11
C GLU D 171 -7.37 -62.86 6.29
N LYS D 172 -6.57 -63.24 7.27
CA LYS D 172 -6.99 -63.78 8.57
C LYS D 172 -7.63 -65.16 8.49
N ILE D 173 -7.81 -65.74 7.31
CA ILE D 173 -8.45 -67.05 7.16
C ILE D 173 -7.62 -67.87 6.18
N GLU E 22 -25.83 -6.35 0.39
CA GLU E 22 -27.06 -5.54 0.14
C GLU E 22 -26.85 -4.57 -1.01
N VAL E 23 -27.07 -5.04 -2.23
CA VAL E 23 -26.92 -4.25 -3.44
C VAL E 23 -28.30 -3.78 -3.86
N GLN E 24 -28.53 -2.46 -3.83
CA GLN E 24 -29.84 -1.91 -4.18
C GLN E 24 -30.04 -1.95 -5.68
N LEU E 25 -30.70 -3.00 -6.17
CA LEU E 25 -30.96 -3.12 -7.61
C LEU E 25 -32.07 -2.16 -8.02
N VAL E 26 -31.81 -1.37 -9.06
CA VAL E 26 -32.76 -0.40 -9.59
C VAL E 26 -33.00 -0.78 -11.05
N GLN E 27 -34.07 -1.52 -11.30
CA GLN E 27 -34.40 -1.91 -12.66
C GLN E 27 -35.03 -0.73 -13.41
N SER E 28 -35.27 -0.93 -14.71
CA SER E 28 -35.80 0.11 -15.57
C SER E 28 -37.26 0.41 -15.21
N GLY E 29 -37.85 1.35 -15.94
CA GLY E 29 -39.23 1.73 -15.74
C GLY E 29 -40.18 0.75 -16.42
N ALA E 30 -41.42 1.21 -16.57
CA ALA E 30 -42.48 0.44 -17.22
C ALA E 30 -42.65 0.90 -18.67
N GLU E 31 -42.79 -0.06 -19.57
CA GLU E 31 -42.93 0.25 -20.99
C GLU E 31 -43.79 -0.82 -21.66
N VAL E 32 -44.38 -0.43 -22.80
CA VAL E 32 -45.24 -1.30 -23.60
C VAL E 32 -44.82 -1.18 -25.06
N LYS E 33 -44.93 -2.28 -25.79
CA LYS E 33 -44.54 -2.28 -27.19
C LYS E 33 -45.46 -3.22 -27.98
N LYS E 34 -45.50 -2.99 -29.29
CA LYS E 34 -46.32 -3.80 -30.17
C LYS E 34 -45.72 -5.21 -30.32
N PRO E 35 -46.54 -6.22 -30.62
CA PRO E 35 -45.97 -7.56 -30.87
C PRO E 35 -45.03 -7.56 -32.05
N GLY E 36 -44.01 -8.39 -31.97
CA GLY E 36 -43.00 -8.51 -33.00
C GLY E 36 -42.00 -7.37 -33.02
N SER E 37 -41.28 -7.21 -31.92
CA SER E 37 -40.28 -6.16 -31.76
C SER E 37 -39.32 -6.61 -30.66
N SER E 38 -38.47 -5.68 -30.19
CA SER E 38 -37.50 -5.97 -29.15
C SER E 38 -37.78 -5.14 -27.91
N VAL E 39 -37.24 -5.62 -26.77
CA VAL E 39 -37.45 -5.00 -25.47
C VAL E 39 -36.09 -4.80 -24.80
N ARG E 40 -36.02 -3.78 -23.93
CA ARG E 40 -34.79 -3.43 -23.21
C ARG E 40 -35.15 -3.17 -21.75
N VAL E 41 -34.91 -4.16 -20.88
CA VAL E 41 -35.13 -4.02 -19.44
C VAL E 41 -33.76 -4.08 -18.76
N SER E 42 -33.43 -3.03 -18.02
CA SER E 42 -32.15 -2.91 -17.32
C SER E 42 -32.25 -3.50 -15.92
N CYS E 43 -31.08 -3.78 -15.34
CA CYS E 43 -30.96 -4.24 -13.96
C CYS E 43 -29.82 -3.50 -13.28
N LYS E 44 -29.82 -2.17 -13.43
CA LYS E 44 -28.77 -1.31 -12.87
C LYS E 44 -28.65 -1.53 -11.37
N ALA E 45 -27.46 -1.96 -10.95
CA ALA E 45 -27.17 -2.24 -9.55
C ALA E 45 -26.67 -0.97 -8.86
N SER E 46 -26.26 -1.11 -7.60
CA SER E 46 -25.75 -0.01 -6.80
C SER E 46 -24.23 0.00 -6.70
N GLY E 47 -23.61 -1.18 -6.60
CA GLY E 47 -22.16 -1.27 -6.54
C GLY E 47 -21.65 -2.34 -7.48
N GLY E 48 -20.38 -2.19 -7.85
CA GLY E 48 -19.72 -3.16 -8.72
C GLY E 48 -19.75 -4.55 -8.13
N THR E 49 -20.23 -5.52 -8.91
CA THR E 49 -20.41 -6.88 -8.41
C THR E 49 -20.24 -7.81 -9.60
N PHE E 50 -19.68 -9.01 -9.36
CA PHE E 50 -19.48 -10.03 -10.38
C PHE E 50 -20.25 -11.33 -10.13
N SER E 51 -21.27 -11.30 -9.29
CA SER E 51 -22.09 -12.47 -9.11
C SER E 51 -22.97 -12.68 -10.34
N ALA E 52 -23.55 -13.87 -10.43
CA ALA E 52 -24.35 -14.22 -11.58
C ALA E 52 -25.61 -13.34 -11.64
N ILE E 53 -26.32 -13.46 -12.76
CA ILE E 53 -27.55 -12.73 -13.01
C ILE E 53 -28.61 -13.74 -13.43
N SER E 54 -29.81 -13.58 -12.89
CA SER E 54 -30.93 -14.41 -13.27
C SER E 54 -32.13 -13.51 -13.56
N TRP E 55 -32.94 -13.92 -14.52
CA TRP E 55 -34.16 -13.22 -14.90
C TRP E 55 -35.33 -14.19 -14.82
N VAL E 56 -36.45 -13.70 -14.29
CA VAL E 56 -37.64 -14.52 -14.14
C VAL E 56 -38.86 -13.74 -14.59
N ARG E 57 -39.83 -14.48 -15.13
CA ARG E 57 -41.09 -13.97 -15.67
C ARG E 57 -42.17 -14.18 -14.62
N GLN E 58 -42.93 -13.13 -14.32
CA GLN E 58 -44.14 -13.23 -13.51
C GLN E 58 -45.32 -12.88 -14.42
N ALA E 59 -45.79 -13.88 -15.16
CA ALA E 59 -47.02 -13.74 -15.90
C ALA E 59 -48.21 -13.83 -14.94
N PRO E 60 -49.24 -12.99 -15.09
CA PRO E 60 -50.38 -13.07 -14.15
C PRO E 60 -51.03 -14.45 -14.19
N GLY E 61 -51.24 -15.02 -13.00
CA GLY E 61 -51.82 -16.34 -12.85
C GLY E 61 -50.87 -17.51 -12.99
N GLN E 62 -49.64 -17.30 -13.46
CA GLN E 62 -48.66 -18.38 -13.63
C GLN E 62 -47.54 -18.23 -12.60
N GLY E 63 -46.76 -19.30 -12.43
CA GLY E 63 -45.66 -19.29 -11.50
C GLY E 63 -44.36 -18.79 -12.12
N LEU E 64 -43.36 -18.67 -11.27
CA LEU E 64 -42.03 -18.24 -11.70
C LEU E 64 -41.38 -19.31 -12.58
N GLU E 65 -40.52 -18.85 -13.50
CA GLU E 65 -39.73 -19.74 -14.34
C GLU E 65 -38.50 -18.97 -14.81
N TRP E 66 -37.32 -19.56 -14.63
CA TRP E 66 -36.06 -18.90 -15.00
C TRP E 66 -35.83 -19.04 -16.50
N MET E 67 -35.61 -17.88 -17.14
CA MET E 67 -35.48 -17.80 -18.59
C MET E 67 -34.03 -17.96 -19.05
N GLY E 68 -33.14 -17.08 -18.61
CA GLY E 68 -31.75 -17.07 -19.02
C GLY E 68 -30.87 -16.49 -17.94
N GLY E 69 -29.57 -16.47 -18.21
CA GLY E 69 -28.63 -15.93 -17.26
C GLY E 69 -27.19 -16.19 -17.65
N ILE E 70 -26.26 -15.37 -17.15
CA ILE E 70 -24.86 -15.51 -17.48
C ILE E 70 -24.13 -15.56 -16.14
N ILE E 71 -22.94 -16.14 -16.16
CA ILE E 71 -22.04 -16.17 -15.01
C ILE E 71 -20.81 -15.36 -15.40
N PRO E 72 -20.48 -14.23 -14.72
CA PRO E 72 -19.30 -13.45 -15.14
C PRO E 72 -17.95 -14.15 -15.01
N VAL E 73 -17.95 -15.37 -14.49
CA VAL E 73 -16.75 -16.19 -14.37
C VAL E 73 -16.56 -16.97 -15.67
N PHE E 74 -17.53 -17.83 -16.00
CA PHE E 74 -17.47 -18.50 -17.29
C PHE E 74 -17.59 -17.51 -18.44
N GLY E 75 -18.52 -16.56 -18.33
CA GLY E 75 -18.80 -15.63 -19.39
C GLY E 75 -19.82 -16.14 -20.39
N THR E 76 -20.11 -17.44 -20.38
CA THR E 76 -21.10 -18.01 -21.28
C THR E 76 -22.50 -17.60 -20.83
N ALA E 77 -23.41 -17.54 -21.79
CA ALA E 77 -24.80 -17.16 -21.55
C ALA E 77 -25.70 -18.38 -21.69
N ASN E 78 -26.11 -18.93 -20.55
CA ASN E 78 -26.99 -20.10 -20.55
C ASN E 78 -28.44 -19.63 -20.60
N TYR E 79 -29.30 -20.53 -21.10
CA TYR E 79 -30.68 -20.19 -21.38
C TYR E 79 -31.55 -21.42 -21.18
N ALA E 80 -32.85 -21.18 -21.03
CA ALA E 80 -33.80 -22.28 -20.96
C ALA E 80 -33.91 -22.94 -22.33
N GLN E 81 -34.10 -24.26 -22.33
CA GLN E 81 -34.10 -25.02 -23.57
C GLN E 81 -35.33 -24.75 -24.44
N LYS E 82 -36.34 -24.06 -23.93
CA LYS E 82 -37.48 -23.63 -24.71
C LYS E 82 -37.44 -22.16 -25.10
N PHE E 83 -36.37 -21.43 -24.77
CA PHE E 83 -36.29 -20.00 -24.98
C PHE E 83 -35.09 -19.55 -25.79
N GLN E 84 -34.07 -20.40 -25.97
CA GLN E 84 -32.81 -19.97 -26.57
C GLN E 84 -33.04 -19.42 -27.98
N GLY E 85 -32.26 -18.41 -28.33
CA GLY E 85 -32.41 -17.72 -29.60
C GLY E 85 -33.32 -16.51 -29.51
N ARG E 86 -34.56 -16.73 -29.05
CA ARG E 86 -35.51 -15.63 -28.92
C ARG E 86 -35.08 -14.61 -27.86
N VAL E 87 -34.32 -15.03 -26.86
CA VAL E 87 -33.92 -14.17 -25.74
C VAL E 87 -32.41 -14.15 -25.63
N THR E 88 -31.84 -12.96 -25.43
CA THR E 88 -30.41 -12.82 -25.17
C THR E 88 -30.17 -11.91 -23.96
N ILE E 89 -29.13 -12.27 -23.22
CA ILE E 89 -28.71 -11.59 -22.00
C ILE E 89 -27.25 -11.19 -22.19
N THR E 90 -26.96 -9.92 -21.95
CA THR E 90 -25.59 -9.41 -21.94
C THR E 90 -25.45 -8.50 -20.74
N ALA E 91 -24.32 -8.59 -20.05
CA ALA E 91 -24.07 -7.77 -18.87
C ALA E 91 -22.59 -7.44 -18.89
N ASP E 92 -22.27 -6.24 -19.35
CA ASP E 92 -20.88 -5.82 -19.43
C ASP E 92 -20.27 -5.83 -18.03
N ASP E 93 -19.12 -6.47 -17.90
CA ASP E 93 -18.46 -6.51 -16.61
C ASP E 93 -18.04 -5.12 -16.15
N SER E 94 -17.87 -4.19 -17.09
CA SER E 94 -17.40 -2.85 -16.75
C SER E 94 -18.40 -2.13 -15.83
N THR E 95 -19.69 -2.18 -16.18
CA THR E 95 -20.73 -1.55 -15.38
C THR E 95 -21.54 -2.53 -14.55
N SER E 96 -21.38 -3.84 -14.78
CA SER E 96 -22.13 -4.88 -14.05
C SER E 96 -23.65 -4.68 -14.15
N THR E 97 -24.11 -4.06 -15.23
CA THR E 97 -25.54 -3.81 -15.45
C THR E 97 -26.04 -4.83 -16.47
N ALA E 98 -27.01 -5.64 -16.05
CA ALA E 98 -27.55 -6.68 -16.92
C ALA E 98 -28.63 -6.12 -17.84
N TYR E 99 -28.57 -6.53 -19.11
CA TYR E 99 -29.50 -6.13 -20.15
C TYR E 99 -30.39 -7.32 -20.51
N MET E 100 -31.62 -7.00 -20.89
CA MET E 100 -32.69 -7.97 -21.13
C MET E 100 -33.25 -7.75 -22.53
N GLU E 101 -32.97 -8.66 -23.47
CA GLU E 101 -33.49 -8.52 -24.83
C GLU E 101 -34.28 -9.77 -25.20
N VAL E 102 -35.49 -9.56 -25.72
CA VAL E 102 -36.31 -10.62 -26.26
C VAL E 102 -36.80 -10.16 -27.63
N SER E 103 -36.48 -10.93 -28.66
CA SER E 103 -36.91 -10.60 -30.01
C SER E 103 -38.24 -11.26 -30.31
N SER E 104 -38.98 -10.66 -31.24
CA SER E 104 -40.28 -11.16 -31.66
C SER E 104 -41.25 -11.28 -30.48
N LEU E 105 -41.57 -10.13 -29.89
CA LEU E 105 -42.50 -10.10 -28.77
C LEU E 105 -43.88 -10.58 -29.21
N ARG E 106 -44.56 -11.27 -28.29
CA ARG E 106 -45.92 -11.75 -28.51
C ARG E 106 -46.78 -11.49 -27.28
N SER E 107 -48.10 -11.55 -27.49
CA SER E 107 -49.06 -11.04 -26.52
C SER E 107 -49.00 -11.79 -25.20
N ASP E 108 -48.93 -13.13 -25.23
CA ASP E 108 -49.00 -13.89 -23.98
C ASP E 108 -47.76 -13.71 -23.11
N ASP E 109 -46.70 -13.09 -23.62
CA ASP E 109 -45.55 -12.71 -22.81
C ASP E 109 -45.80 -11.50 -21.92
N THR E 110 -47.04 -11.00 -21.85
CA THR E 110 -47.39 -9.93 -20.94
C THR E 110 -47.12 -10.38 -19.51
N ALA E 111 -46.27 -9.63 -18.80
CA ALA E 111 -45.85 -10.03 -17.46
C ALA E 111 -45.08 -8.88 -16.80
N VAL E 112 -44.61 -9.14 -15.58
CA VAL E 112 -43.69 -8.27 -14.89
C VAL E 112 -42.38 -9.05 -14.69
N TYR E 113 -41.25 -8.36 -14.87
CA TYR E 113 -39.94 -9.01 -14.99
C TYR E 113 -39.13 -8.74 -13.73
N TYR E 114 -38.49 -9.79 -13.19
CA TYR E 114 -37.71 -9.67 -11.95
C TYR E 114 -36.28 -10.13 -12.19
N CYS E 115 -35.32 -9.31 -11.74
CA CYS E 115 -33.89 -9.56 -11.91
C CYS E 115 -33.22 -9.88 -10.58
N ALA E 116 -32.44 -10.96 -10.54
CA ALA E 116 -31.72 -11.42 -9.37
C ALA E 116 -30.22 -11.22 -9.55
N ARG E 117 -29.56 -10.74 -8.49
CA ARG E 117 -28.14 -10.44 -8.41
C ARG E 117 -27.30 -11.57 -7.83
N GLU E 118 -27.92 -12.61 -7.27
CA GLU E 118 -27.17 -13.81 -6.85
C GLU E 118 -26.16 -13.51 -5.73
N GLU E 119 -26.65 -13.06 -4.57
CA GLU E 119 -25.73 -12.73 -3.48
C GLU E 119 -26.44 -12.87 -2.13
N THR E 120 -26.05 -13.89 -1.36
CA THR E 120 -26.60 -14.17 -0.04
C THR E 120 -25.67 -13.61 1.04
N TRP E 121 -25.97 -13.95 2.31
CA TRP E 121 -25.15 -13.45 3.42
C TRP E 121 -23.77 -14.11 3.42
N LYS E 122 -23.70 -15.39 3.05
CA LYS E 122 -22.44 -16.12 3.03
C LYS E 122 -21.65 -15.85 1.76
N GLY E 123 -21.43 -14.58 1.45
CA GLY E 123 -20.69 -14.21 0.26
C GLY E 123 -21.52 -14.45 -0.99
N ALA E 124 -20.90 -14.15 -2.13
CA ALA E 124 -21.54 -14.39 -3.43
C ALA E 124 -21.50 -15.87 -3.74
N THR E 125 -22.65 -16.54 -3.60
CA THR E 125 -22.78 -17.96 -3.89
C THR E 125 -23.62 -18.12 -5.15
N ILE E 126 -23.30 -19.15 -5.92
CA ILE E 126 -23.95 -19.41 -7.22
C ILE E 126 -24.81 -20.65 -7.11
N GLY E 127 -25.99 -20.60 -7.73
CA GLY E 127 -27.01 -21.60 -7.59
C GLY E 127 -28.14 -21.21 -6.66
N VAL E 128 -28.18 -19.95 -6.23
CA VAL E 128 -29.16 -19.42 -5.28
C VAL E 128 -29.71 -18.19 -5.98
N MET E 129 -30.55 -17.39 -5.31
CA MET E 129 -30.96 -16.08 -5.82
C MET E 129 -30.55 -14.92 -4.92
N GLY E 130 -30.46 -15.13 -3.61
CA GLY E 130 -30.08 -14.03 -2.73
C GLY E 130 -31.05 -12.87 -2.84
N ILE E 131 -30.52 -11.68 -3.06
CA ILE E 131 -31.34 -10.48 -3.22
C ILE E 131 -31.99 -10.49 -4.59
N TRP E 132 -33.10 -9.76 -4.71
CA TRP E 132 -33.94 -9.72 -5.89
C TRP E 132 -34.13 -8.27 -6.33
N GLY E 133 -34.70 -8.11 -7.53
CA GLY E 133 -35.03 -6.80 -8.06
C GLY E 133 -36.33 -6.30 -7.46
N GLN E 134 -37.04 -5.47 -8.22
CA GLN E 134 -38.29 -4.89 -7.76
C GLN E 134 -39.44 -5.13 -8.72
N GLY E 135 -39.14 -5.21 -10.02
CA GLY E 135 -40.16 -5.49 -11.03
C GLY E 135 -40.27 -4.45 -12.13
N THR E 136 -40.38 -4.90 -13.38
CA THR E 136 -40.61 -4.00 -14.50
C THR E 136 -41.79 -4.53 -15.29
N MET E 137 -42.86 -3.73 -15.34
CA MET E 137 -44.08 -4.08 -16.06
C MET E 137 -43.84 -4.03 -17.57
N VAL E 138 -43.94 -5.17 -18.23
CA VAL E 138 -43.78 -5.28 -19.68
C VAL E 138 -45.01 -6.02 -20.14
N THR E 139 -45.97 -5.30 -20.73
CA THR E 139 -47.21 -5.87 -21.24
C THR E 139 -47.24 -5.66 -22.74
N VAL E 140 -47.45 -6.74 -23.48
CA VAL E 140 -47.49 -6.72 -24.94
C VAL E 140 -48.96 -6.87 -25.35
N SER E 141 -49.51 -5.83 -25.97
CA SER E 141 -50.90 -5.83 -26.40
C SER E 141 -51.06 -4.72 -27.44
N SER E 142 -52.31 -4.44 -27.81
CA SER E 142 -52.63 -3.41 -28.78
C SER E 142 -53.01 -2.09 -28.10
N ASP F 22 -34.93 -29.20 -17.45
CA ASP F 22 -34.70 -30.67 -17.66
C ASP F 22 -35.23 -31.50 -16.51
N ILE F 23 -35.26 -30.91 -15.31
CA ILE F 23 -35.78 -31.56 -14.11
C ILE F 23 -36.95 -30.74 -13.62
N GLN F 24 -38.08 -31.41 -13.37
CA GLN F 24 -39.31 -30.74 -12.97
C GLN F 24 -39.46 -30.78 -11.46
N MET F 25 -39.82 -29.63 -10.89
CA MET F 25 -40.01 -29.46 -9.45
C MET F 25 -41.49 -29.57 -9.15
N THR F 26 -41.93 -30.77 -8.75
CA THR F 26 -43.32 -31.04 -8.47
C THR F 26 -43.61 -30.74 -7.01
N GLN F 27 -44.27 -29.61 -6.76
CA GLN F 27 -44.70 -29.23 -5.42
C GLN F 27 -45.80 -30.17 -4.95
N SER F 28 -45.81 -30.46 -3.65
CA SER F 28 -46.83 -31.32 -3.07
C SER F 28 -46.95 -30.99 -1.59
N PRO F 29 -48.15 -30.73 -1.05
CA PRO F 29 -49.48 -30.71 -1.67
C PRO F 29 -49.71 -29.47 -2.53
N SER F 30 -50.73 -29.52 -3.38
CA SER F 30 -50.97 -28.43 -4.32
C SER F 30 -51.36 -27.14 -3.58
N SER F 31 -52.32 -27.22 -2.67
CA SER F 31 -52.77 -26.04 -1.96
C SER F 31 -53.63 -26.42 -0.75
N LEU F 32 -53.29 -25.87 0.42
CA LEU F 32 -54.04 -26.08 1.66
C LEU F 32 -54.24 -24.73 2.34
N SER F 33 -55.02 -24.77 3.43
CA SER F 33 -55.33 -23.60 4.24
C SER F 33 -55.08 -23.94 5.71
N ALA F 34 -54.76 -22.92 6.50
CA ALA F 34 -54.47 -23.11 7.92
C ALA F 34 -54.77 -21.81 8.66
N SER F 35 -54.37 -21.78 9.93
CA SER F 35 -54.60 -20.62 10.80
C SER F 35 -53.27 -20.18 11.43
N VAL F 36 -53.33 -19.26 12.39
CA VAL F 36 -52.14 -18.74 13.04
C VAL F 36 -51.63 -19.78 14.03
N GLY F 37 -50.38 -20.20 13.85
CA GLY F 37 -49.75 -21.15 14.76
C GLY F 37 -50.18 -22.58 14.55
N ASP F 38 -49.87 -23.14 13.38
CA ASP F 38 -50.22 -24.50 13.02
C ASP F 38 -48.96 -25.22 12.53
N ARG F 39 -49.15 -26.48 12.12
CA ARG F 39 -48.09 -27.34 11.59
C ARG F 39 -48.36 -27.61 10.11
N VAL F 40 -47.49 -27.11 9.24
CA VAL F 40 -47.62 -27.29 7.80
C VAL F 40 -46.28 -27.75 7.24
N THR F 41 -46.33 -28.62 6.23
CA THR F 41 -45.14 -29.15 5.57
C THR F 41 -45.33 -28.99 4.08
N ILE F 42 -44.30 -28.47 3.40
CA ILE F 42 -44.29 -28.33 1.95
C ILE F 42 -43.19 -29.24 1.42
N THR F 43 -43.56 -30.18 0.55
CA THR F 43 -42.67 -31.17 -0.02
C THR F 43 -42.36 -30.84 -1.47
N CYS F 44 -41.09 -30.78 -1.80
CA CYS F 44 -40.62 -30.59 -3.18
C CYS F 44 -40.08 -31.91 -3.69
N ARG F 45 -40.61 -32.38 -4.81
CA ARG F 45 -40.21 -33.67 -5.38
C ARG F 45 -39.52 -33.42 -6.72
N ALA F 46 -38.39 -34.08 -6.92
CA ALA F 46 -37.57 -33.96 -8.11
C ALA F 46 -37.38 -35.33 -8.75
N SER F 47 -37.49 -35.38 -10.08
CA SER F 47 -37.25 -36.63 -10.80
C SER F 47 -35.81 -37.08 -10.63
N GLN F 48 -34.86 -36.27 -11.08
CA GLN F 48 -33.43 -36.57 -10.93
C GLN F 48 -32.91 -35.99 -9.61
N SER F 49 -31.92 -36.67 -9.06
CA SER F 49 -31.30 -36.24 -7.81
C SER F 49 -30.51 -34.95 -8.04
N ILE F 50 -30.84 -33.91 -7.28
CA ILE F 50 -30.19 -32.61 -7.36
C ILE F 50 -29.28 -32.36 -6.17
N SER F 51 -28.85 -33.43 -5.49
CA SER F 51 -28.00 -33.33 -4.31
C SER F 51 -28.66 -32.50 -3.21
N SER F 52 -28.14 -31.30 -2.88
CA SER F 52 -28.71 -30.47 -1.83
C SER F 52 -28.73 -29.00 -2.25
N TYR F 53 -28.79 -28.72 -3.55
CA TYR F 53 -28.81 -27.35 -4.07
C TYR F 53 -30.24 -26.89 -4.32
N LEU F 54 -31.05 -26.92 -3.26
CA LEU F 54 -32.45 -26.51 -3.32
C LEU F 54 -32.57 -25.07 -2.83
N ASN F 55 -33.79 -24.52 -2.99
CA ASN F 55 -34.15 -23.20 -2.49
C ASN F 55 -35.62 -23.27 -2.07
N TRP F 56 -36.08 -22.19 -1.43
CA TRP F 56 -37.45 -22.12 -0.94
C TRP F 56 -37.87 -20.66 -0.95
N TYR F 57 -38.67 -20.28 -1.94
CA TYR F 57 -39.10 -18.90 -2.15
C TYR F 57 -40.55 -18.76 -1.73
N GLN F 58 -40.82 -17.78 -0.89
CA GLN F 58 -42.20 -17.33 -0.64
C GLN F 58 -42.46 -16.12 -1.51
N HIS F 59 -43.66 -16.06 -2.08
CA HIS F 59 -44.02 -15.01 -3.04
C HIS F 59 -45.33 -14.38 -2.56
N LYS F 60 -45.19 -13.25 -1.87
CA LYS F 60 -46.35 -12.47 -1.47
C LYS F 60 -47.10 -12.04 -2.74
N PRO F 61 -48.44 -12.09 -2.74
CA PRO F 61 -49.15 -11.58 -3.93
C PRO F 61 -48.89 -10.10 -4.16
N GLY F 62 -48.41 -9.78 -5.37
CA GLY F 62 -48.03 -8.43 -5.70
C GLY F 62 -46.82 -7.93 -4.93
N LYS F 63 -45.74 -8.71 -4.95
CA LYS F 63 -44.50 -8.31 -4.30
C LYS F 63 -43.35 -9.10 -4.90
N ALA F 64 -42.14 -8.60 -4.70
CA ALA F 64 -40.95 -9.26 -5.21
C ALA F 64 -40.72 -10.58 -4.48
N PRO F 65 -40.45 -11.69 -5.16
CA PRO F 65 -40.20 -12.94 -4.43
C PRO F 65 -38.90 -12.84 -3.63
N LYS F 66 -38.77 -13.72 -2.65
CA LYS F 66 -37.58 -13.71 -1.81
C LYS F 66 -37.44 -15.09 -1.16
N LEU F 67 -36.21 -15.58 -1.07
CA LEU F 67 -35.94 -16.92 -0.56
C LEU F 67 -35.88 -17.00 0.96
N LEU F 68 -36.03 -18.22 1.47
CA LEU F 68 -35.95 -18.54 2.89
C LEU F 68 -34.80 -19.47 3.23
N ILE F 69 -34.72 -20.61 2.54
CA ILE F 69 -33.71 -21.63 2.77
C ILE F 69 -32.95 -21.83 1.47
N PHE F 70 -31.62 -21.72 1.52
CA PHE F 70 -30.77 -22.02 0.38
C PHE F 70 -29.86 -23.19 0.73
N THR F 71 -29.51 -23.98 -0.29
CA THR F 71 -28.79 -25.25 -0.14
C THR F 71 -29.55 -26.26 0.73
N ALA F 72 -30.86 -26.06 0.92
CA ALA F 72 -31.78 -26.99 1.57
C ALA F 72 -31.59 -27.12 3.08
N SER F 73 -30.55 -26.49 3.64
CA SER F 73 -30.30 -26.50 5.08
C SER F 73 -30.02 -25.12 5.66
N ASN F 74 -29.30 -24.27 4.93
CA ASN F 74 -28.90 -22.99 5.48
C ASN F 74 -30.09 -22.04 5.58
N LEU F 75 -29.96 -21.07 6.47
CA LEU F 75 -31.01 -20.10 6.75
C LEU F 75 -30.52 -18.72 6.31
N GLN F 76 -31.34 -18.02 5.53
CA GLN F 76 -31.00 -16.68 5.08
C GLN F 76 -31.00 -15.72 6.26
N SER F 77 -30.10 -14.74 6.20
CA SER F 77 -30.02 -13.73 7.24
C SER F 77 -31.29 -12.89 7.26
N GLY F 78 -31.66 -12.44 8.46
CA GLY F 78 -32.86 -11.63 8.60
C GLY F 78 -34.13 -12.39 8.29
N VAL F 79 -34.23 -13.64 8.74
CA VAL F 79 -35.41 -14.46 8.51
C VAL F 79 -35.79 -15.10 9.84
N PRO F 80 -37.07 -15.17 10.21
CA PRO F 80 -37.42 -15.85 11.47
C PRO F 80 -37.01 -17.31 11.43
N SER F 81 -36.62 -17.82 12.59
CA SER F 81 -36.10 -19.18 12.68
C SER F 81 -37.20 -20.24 12.59
N ARG F 82 -38.47 -19.83 12.45
CA ARG F 82 -39.57 -20.78 12.37
C ARG F 82 -39.50 -21.65 11.12
N PHE F 83 -38.75 -21.25 10.09
CA PHE F 83 -38.58 -22.05 8.88
C PHE F 83 -37.33 -22.91 8.98
N SER F 84 -37.48 -24.20 8.68
CA SER F 84 -36.35 -25.14 8.76
C SER F 84 -36.46 -26.09 7.57
N GLY F 85 -35.58 -25.94 6.59
CA GLY F 85 -35.58 -26.82 5.44
C GLY F 85 -34.92 -28.15 5.75
N GLY F 86 -34.88 -29.00 4.74
CA GLY F 86 -34.24 -30.30 4.95
C GLY F 86 -34.46 -31.24 3.79
N GLY F 87 -33.83 -32.41 3.90
CA GLY F 87 -33.92 -33.43 2.88
C GLY F 87 -32.87 -33.24 1.79
N SER F 88 -32.57 -34.34 1.10
CA SER F 88 -31.56 -34.31 0.06
C SER F 88 -31.82 -35.41 -0.95
N GLY F 89 -31.39 -35.17 -2.19
CA GLY F 89 -31.55 -36.14 -3.26
C GLY F 89 -32.78 -35.85 -4.08
N THR F 90 -33.79 -36.71 -3.94
CA THR F 90 -35.05 -36.58 -4.64
C THR F 90 -36.21 -36.24 -3.71
N ASP F 91 -35.97 -36.25 -2.40
CA ASP F 91 -36.98 -35.91 -1.40
C ASP F 91 -36.44 -34.78 -0.54
N PHE F 92 -37.24 -33.72 -0.41
CA PHE F 92 -36.89 -32.54 0.37
C PHE F 92 -38.08 -32.16 1.25
N THR F 93 -37.90 -31.09 2.01
CA THR F 93 -38.96 -30.64 2.92
C THR F 93 -38.67 -29.22 3.37
N LEU F 94 -39.70 -28.63 4.01
CA LEU F 94 -39.60 -27.32 4.63
C LEU F 94 -40.60 -27.28 5.78
N THR F 95 -40.09 -27.36 7.00
CA THR F 95 -40.89 -27.53 8.20
C THR F 95 -41.00 -26.17 8.89
N ILE F 96 -42.18 -25.57 8.79
CA ILE F 96 -42.47 -24.32 9.49
C ILE F 96 -42.84 -24.67 10.93
N SER F 97 -42.14 -24.02 11.88
CA SER F 97 -42.42 -24.26 13.29
C SER F 97 -43.82 -23.78 13.67
N SER F 98 -44.22 -22.60 13.19
CA SER F 98 -45.54 -22.06 13.47
C SER F 98 -45.85 -20.97 12.47
N LEU F 99 -47.14 -20.77 12.22
CA LEU F 99 -47.61 -19.81 11.23
C LEU F 99 -48.01 -18.51 11.89
N GLN F 100 -47.55 -17.40 11.34
CA GLN F 100 -47.89 -16.05 11.75
C GLN F 100 -48.62 -15.34 10.61
N PRO F 101 -49.42 -14.32 10.89
CA PRO F 101 -50.19 -13.67 9.82
C PRO F 101 -49.39 -12.92 8.77
N GLU F 102 -48.04 -12.86 8.85
CA GLU F 102 -47.23 -12.14 7.88
C GLU F 102 -46.45 -13.04 6.92
N ASP F 103 -46.65 -14.36 6.94
CA ASP F 103 -45.94 -15.29 6.05
C ASP F 103 -46.92 -16.23 5.37
N PHE F 104 -48.02 -15.68 4.86
CA PHE F 104 -49.01 -16.44 4.09
C PHE F 104 -48.83 -16.09 2.62
N ALA F 105 -48.41 -17.06 1.82
CA ALA F 105 -48.16 -16.83 0.40
C ALA F 105 -47.98 -18.18 -0.30
N THR F 106 -47.64 -18.12 -1.59
CA THR F 106 -47.28 -19.29 -2.36
C THR F 106 -45.80 -19.60 -2.15
N TYR F 107 -45.44 -20.88 -2.31
CA TYR F 107 -44.08 -21.35 -2.06
C TYR F 107 -43.56 -22.11 -3.28
N TYR F 108 -42.31 -21.83 -3.63
CA TYR F 108 -41.64 -22.44 -4.77
C TYR F 108 -40.31 -23.05 -4.34
N CYS F 109 -39.96 -24.15 -5.00
CA CYS F 109 -38.67 -24.81 -4.82
C CYS F 109 -37.91 -24.84 -6.14
N GLN F 110 -36.62 -24.46 -6.09
CA GLN F 110 -35.75 -24.37 -7.26
C GLN F 110 -34.67 -25.44 -7.17
N GLN F 111 -34.26 -25.94 -8.33
CA GLN F 111 -33.11 -26.82 -8.46
C GLN F 111 -32.02 -26.04 -9.18
N SER F 112 -30.77 -26.20 -8.73
CA SER F 112 -29.64 -25.56 -9.38
C SER F 112 -28.46 -26.53 -9.52
N TYR F 113 -28.68 -27.83 -9.33
CA TYR F 113 -27.62 -28.81 -9.52
C TYR F 113 -27.15 -28.84 -10.96
N THR F 114 -28.08 -28.80 -11.91
CA THR F 114 -27.78 -28.67 -13.34
C THR F 114 -28.75 -27.70 -13.98
N SER F 115 -28.27 -27.02 -15.03
CA SER F 115 -29.12 -26.15 -15.81
C SER F 115 -30.02 -26.98 -16.73
N PRO F 116 -31.22 -26.49 -17.08
CA PRO F 116 -31.83 -25.21 -16.69
C PRO F 116 -32.41 -25.22 -15.28
N ARG F 117 -32.56 -24.03 -14.72
CA ARG F 117 -33.13 -23.82 -13.39
C ARG F 117 -34.65 -23.77 -13.46
N THR F 118 -35.31 -24.77 -12.89
CA THR F 118 -36.77 -24.89 -12.93
C THR F 118 -37.35 -24.55 -11.57
N PHE F 119 -38.37 -23.68 -11.56
CA PHE F 119 -39.10 -23.33 -10.34
C PHE F 119 -40.20 -24.37 -10.11
N GLY F 120 -41.08 -24.12 -9.14
CA GLY F 120 -42.15 -25.02 -8.79
C GLY F 120 -43.52 -24.53 -9.22
N GLN F 121 -44.54 -25.21 -8.69
CA GLN F 121 -45.93 -24.89 -9.02
C GLN F 121 -46.47 -23.74 -8.17
N GLY F 122 -46.35 -23.85 -6.84
CA GLY F 122 -46.87 -22.87 -5.91
C GLY F 122 -47.91 -23.43 -4.96
N THR F 123 -47.58 -23.45 -3.66
CA THR F 123 -48.48 -23.94 -2.62
C THR F 123 -48.91 -22.75 -1.77
N LYS F 124 -50.17 -22.33 -1.94
CA LYS F 124 -50.71 -21.20 -1.18
C LYS F 124 -51.25 -21.65 0.16
N VAL F 125 -51.19 -20.75 1.13
CA VAL F 125 -51.80 -20.94 2.45
C VAL F 125 -52.72 -19.75 2.70
N GLU F 126 -53.93 -20.03 3.14
CA GLU F 126 -55.01 -19.04 3.20
C GLU F 126 -55.74 -19.22 4.53
N ILE F 127 -56.39 -18.14 4.99
CA ILE F 127 -56.98 -18.15 6.32
C ILE F 127 -58.09 -19.19 6.39
N LYS F 128 -58.01 -20.07 7.37
CA LYS F 128 -59.01 -21.11 7.56
C LYS F 128 -60.26 -20.50 8.19
N GLY G 42 -19.32 -49.93 -18.69
CA GLY G 42 -17.97 -50.01 -19.21
C GLY G 42 -16.95 -49.71 -18.13
N ASP G 43 -16.15 -48.67 -18.34
CA ASP G 43 -15.11 -48.26 -17.39
C ASP G 43 -14.48 -46.94 -17.84
N THR G 44 -13.28 -46.65 -17.32
CA THR G 44 -12.47 -45.49 -17.74
C THR G 44 -13.06 -44.12 -17.43
N ILE G 45 -13.41 -43.86 -16.15
CA ILE G 45 -13.77 -42.48 -15.82
C ILE G 45 -12.49 -41.66 -15.94
N CYS G 46 -12.63 -40.34 -16.06
CA CYS G 46 -11.45 -39.51 -16.28
C CYS G 46 -11.68 -38.12 -15.71
N ILE G 47 -10.92 -37.75 -14.67
CA ILE G 47 -10.97 -36.39 -14.18
C ILE G 47 -10.21 -35.49 -15.15
N GLY G 48 -10.67 -34.27 -15.31
CA GLY G 48 -10.07 -33.37 -16.28
C GLY G 48 -10.40 -31.93 -15.92
N TYR G 49 -10.16 -31.04 -16.87
CA TYR G 49 -10.49 -29.64 -16.63
C TYR G 49 -10.89 -28.97 -17.94
N HIS G 50 -11.63 -27.86 -17.80
CA HIS G 50 -12.25 -27.19 -18.93
C HIS G 50 -11.25 -26.41 -19.77
N ALA G 51 -11.13 -26.79 -21.05
CA ALA G 51 -10.40 -26.01 -22.06
C ALA G 51 -11.37 -25.47 -23.09
N ASN G 52 -10.94 -24.45 -23.82
CA ASN G 52 -11.78 -23.82 -24.84
C ASN G 52 -10.88 -23.10 -25.84
N ASN G 53 -11.52 -22.62 -26.91
CA ASN G 53 -10.85 -21.90 -27.99
C ASN G 53 -10.48 -20.46 -27.64
N SER G 54 -10.61 -20.03 -26.39
CA SER G 54 -10.26 -18.66 -26.03
C SER G 54 -8.76 -18.45 -26.16
N THR G 55 -8.37 -17.19 -26.41
CA THR G 55 -6.98 -16.82 -26.61
C THR G 55 -6.53 -15.72 -25.65
N ASP G 56 -7.29 -15.46 -24.59
CA ASP G 56 -6.89 -14.46 -23.61
C ASP G 56 -5.65 -14.92 -22.85
N THR G 57 -4.73 -14.00 -22.61
CA THR G 57 -3.49 -14.28 -21.92
C THR G 57 -3.34 -13.28 -20.77
N VAL G 58 -2.75 -13.74 -19.67
CA VAL G 58 -2.52 -12.93 -18.48
C VAL G 58 -1.07 -13.07 -18.04
N ASP G 59 -0.70 -12.26 -17.05
CA ASP G 59 0.64 -12.23 -16.49
C ASP G 59 0.56 -12.62 -15.01
N THR G 60 1.37 -13.59 -14.61
CA THR G 60 1.49 -14.06 -13.24
C THR G 60 2.87 -13.69 -12.68
N VAL G 61 3.06 -13.96 -11.39
CA VAL G 61 4.33 -13.64 -10.71
C VAL G 61 5.34 -14.78 -10.88
N LEU G 62 4.95 -15.91 -11.48
CA LEU G 62 5.85 -17.00 -11.83
C LEU G 62 5.98 -17.20 -13.34
N GLU G 63 5.21 -16.48 -14.14
CA GLU G 63 5.22 -16.62 -15.59
C GLU G 63 4.51 -15.42 -16.19
N LYS G 64 4.93 -15.04 -17.39
CA LYS G 64 4.37 -13.91 -18.11
C LYS G 64 3.76 -14.37 -19.42
N ASN G 65 2.66 -13.72 -19.81
CA ASN G 65 1.95 -14.03 -21.05
C ASN G 65 1.57 -15.51 -21.12
N VAL G 66 0.72 -15.91 -20.18
CA VAL G 66 0.23 -17.28 -20.09
C VAL G 66 -1.24 -17.31 -20.51
N THR G 67 -1.59 -18.31 -21.31
CA THR G 67 -2.93 -18.39 -21.89
C THR G 67 -3.91 -19.01 -20.90
N VAL G 68 -5.09 -18.39 -20.78
CA VAL G 68 -6.13 -18.85 -19.85
C VAL G 68 -7.41 -19.13 -20.61
N THR G 69 -8.43 -19.61 -19.89
CA THR G 69 -9.74 -19.87 -20.46
C THR G 69 -10.67 -18.67 -20.31
N HIS G 70 -10.88 -18.23 -19.06
CA HIS G 70 -11.66 -17.05 -18.77
C HIS G 70 -10.82 -16.10 -17.92
N SER G 71 -11.09 -14.81 -18.08
CA SER G 71 -10.39 -13.78 -17.33
C SER G 71 -11.31 -12.59 -17.17
N VAL G 72 -10.79 -11.51 -16.57
CA VAL G 72 -11.56 -10.28 -16.44
C VAL G 72 -10.59 -9.11 -16.36
N ASN G 73 -10.95 -8.02 -17.03
CA ASN G 73 -10.11 -6.84 -17.12
C ASN G 73 -10.53 -5.87 -16.03
N LEU G 74 -9.82 -5.90 -14.89
CA LEU G 74 -10.10 -4.92 -13.86
C LEU G 74 -9.73 -3.50 -14.29
N LEU G 75 -8.89 -3.34 -15.30
CA LEU G 75 -8.56 -2.02 -15.78
C LEU G 75 -9.66 -1.52 -16.71
N GLU G 76 -9.85 -0.20 -16.70
CA GLU G 76 -10.85 0.46 -17.52
C GLU G 76 -10.13 1.32 -18.55
N ASP G 77 -10.40 1.05 -19.83
CA ASP G 77 -9.76 1.74 -20.94
C ASP G 77 -10.77 2.15 -22.00
N SER G 78 -11.98 2.48 -21.57
CA SER G 78 -13.05 2.91 -22.47
C SER G 78 -13.84 4.03 -21.81
N HIS G 79 -14.46 4.85 -22.66
CA HIS G 79 -15.27 5.97 -22.19
C HIS G 79 -16.28 6.33 -23.25
N ASN G 80 -17.30 7.08 -22.84
CA ASN G 80 -18.30 7.55 -23.80
C ASN G 80 -17.75 8.63 -24.72
N GLY G 81 -16.67 9.30 -24.33
CA GLY G 81 -16.10 10.36 -25.14
C GLY G 81 -16.80 11.69 -25.06
N LYS G 82 -17.85 11.82 -24.24
CA LYS G 82 -18.61 13.06 -24.13
C LYS G 82 -18.82 13.43 -22.67
N LEU G 83 -19.64 14.45 -22.41
CA LEU G 83 -19.89 14.99 -21.08
C LEU G 83 -21.36 14.86 -20.73
N CYS G 84 -21.65 14.27 -19.57
CA CYS G 84 -23.03 14.09 -19.13
C CYS G 84 -23.10 14.19 -17.61
N ARG G 85 -24.31 13.96 -17.10
CA ARG G 85 -24.62 14.26 -15.70
C ARG G 85 -23.91 13.32 -14.73
N LEU G 86 -23.57 13.86 -13.58
CA LEU G 86 -22.96 13.16 -12.46
C LEU G 86 -23.84 13.32 -11.23
N LYS G 87 -24.02 12.23 -10.48
CA LYS G 87 -24.93 12.18 -9.34
C LYS G 87 -26.36 12.54 -9.73
N GLY G 88 -26.70 12.46 -11.01
CA GLY G 88 -28.01 12.85 -11.51
C GLY G 88 -28.14 14.30 -11.91
N ILE G 89 -27.13 15.14 -11.68
CA ILE G 89 -27.18 16.56 -12.00
C ILE G 89 -26.18 16.85 -13.13
N ALA G 90 -26.65 17.60 -14.12
CA ALA G 90 -25.83 17.95 -15.27
C ALA G 90 -24.66 18.85 -14.85
N PRO G 91 -23.44 18.66 -15.39
CA PRO G 91 -22.36 19.59 -15.06
C PRO G 91 -22.52 20.89 -15.81
N LEU G 92 -21.90 21.93 -15.26
CA LEU G 92 -21.95 23.22 -15.92
C LEU G 92 -21.16 23.16 -17.23
N GLN G 93 -21.58 23.99 -18.19
CA GLN G 93 -20.99 24.05 -19.51
C GLN G 93 -20.58 25.48 -19.79
N LEU G 94 -19.28 25.70 -19.95
CA LEU G 94 -18.71 27.01 -20.30
C LEU G 94 -18.01 26.87 -21.65
N GLY G 95 -18.78 27.06 -22.72
CA GLY G 95 -18.23 26.99 -24.06
C GLY G 95 -17.26 28.12 -24.33
N ASN G 96 -15.98 27.79 -24.41
CA ASN G 96 -14.92 28.76 -24.68
C ASN G 96 -14.96 29.92 -23.68
N CYS G 97 -15.15 29.59 -22.41
CA CYS G 97 -15.22 30.56 -21.33
C CYS G 97 -14.49 30.03 -20.11
N SER G 98 -13.80 30.93 -19.41
CA SER G 98 -13.10 30.58 -18.18
C SER G 98 -14.08 30.55 -17.00
N VAL G 99 -13.59 30.03 -15.87
CA VAL G 99 -14.39 30.08 -14.65
C VAL G 99 -14.65 31.52 -14.25
N ALA G 100 -13.62 32.38 -14.33
CA ALA G 100 -13.84 33.80 -14.17
C ALA G 100 -14.73 34.36 -15.26
N GLY G 101 -14.71 33.74 -16.45
CA GLY G 101 -15.50 34.24 -17.57
C GLY G 101 -17.00 34.25 -17.31
N TRP G 102 -17.51 33.26 -16.57
CA TRP G 102 -18.92 33.27 -16.21
C TRP G 102 -19.16 33.71 -14.76
N ILE G 103 -18.25 33.42 -13.84
CA ILE G 103 -18.40 33.91 -12.47
C ILE G 103 -18.44 35.43 -12.48
N LEU G 104 -17.48 36.04 -13.18
CA LEU G 104 -17.56 37.44 -13.56
C LEU G 104 -18.15 37.46 -14.97
N GLY G 105 -19.41 37.87 -15.08
CA GLY G 105 -20.14 37.70 -16.31
C GLY G 105 -19.51 38.40 -17.51
N ASN G 106 -18.89 37.62 -18.38
CA ASN G 106 -18.28 38.19 -19.58
C ASN G 106 -19.38 38.47 -20.62
N PRO G 107 -19.29 39.58 -21.38
CA PRO G 107 -20.27 39.77 -22.47
C PRO G 107 -20.31 38.60 -23.43
N GLU G 108 -19.17 37.99 -23.73
CA GLU G 108 -19.14 36.82 -24.60
C GLU G 108 -19.63 35.56 -23.90
N CYS G 109 -19.65 35.55 -22.56
CA CYS G 109 -20.05 34.37 -21.78
C CYS G 109 -21.43 34.52 -21.16
N GLU G 110 -22.18 35.57 -21.52
CA GLU G 110 -23.53 35.74 -20.98
C GLU G 110 -24.54 34.80 -21.64
N LEU G 111 -24.15 34.07 -22.68
CA LEU G 111 -25.00 33.06 -23.32
C LEU G 111 -25.00 31.73 -22.56
N LEU G 112 -24.55 31.70 -21.31
CA LEU G 112 -24.45 30.47 -20.56
C LEU G 112 -25.84 29.89 -20.29
N ILE G 113 -25.86 28.60 -19.95
CA ILE G 113 -27.09 27.91 -19.57
C ILE G 113 -27.26 28.17 -18.07
N SER G 114 -28.12 29.12 -17.73
CA SER G 114 -28.32 29.56 -16.35
C SER G 114 -29.13 28.50 -15.61
N ARG G 115 -28.43 27.45 -15.19
CA ARG G 115 -29.05 26.37 -14.43
C ARG G 115 -29.01 26.72 -12.95
N GLU G 116 -29.36 25.76 -12.10
CA GLU G 116 -29.47 25.96 -10.66
C GLU G 116 -28.47 25.14 -9.84
N SER G 117 -28.15 23.92 -10.28
CA SER G 117 -27.22 23.07 -9.57
C SER G 117 -26.34 22.32 -10.56
N TRP G 118 -25.15 21.94 -10.10
CA TRP G 118 -24.21 21.20 -10.94
C TRP G 118 -23.34 20.34 -10.05
N SER G 119 -22.75 19.32 -10.66
CA SER G 119 -21.85 18.41 -9.97
C SER G 119 -20.38 18.73 -10.18
N TYR G 120 -20.04 19.41 -11.28
CA TYR G 120 -18.68 19.86 -11.55
C TYR G 120 -18.73 20.80 -12.75
N ILE G 121 -17.92 21.85 -12.69
CA ILE G 121 -17.86 22.81 -13.79
C ILE G 121 -16.82 22.34 -14.80
N VAL G 122 -16.91 22.85 -16.02
CA VAL G 122 -16.04 22.47 -17.13
C VAL G 122 -15.51 23.73 -17.79
N GLU G 123 -14.21 23.75 -18.05
CA GLU G 123 -13.51 24.85 -18.69
C GLU G 123 -12.79 24.35 -19.92
N LYS G 124 -12.84 25.12 -21.01
CA LYS G 124 -12.01 24.77 -22.16
C LYS G 124 -10.54 24.93 -21.78
N PRO G 125 -9.64 24.04 -22.27
CA PRO G 125 -8.22 24.22 -21.93
C PRO G 125 -7.67 25.54 -22.43
N ASN G 126 -7.30 26.43 -21.50
CA ASN G 126 -6.83 27.77 -21.82
C ASN G 126 -7.84 28.51 -22.68
N PRO G 127 -9.01 28.87 -22.16
CA PRO G 127 -10.02 29.52 -22.98
C PRO G 127 -9.61 30.94 -23.34
N GLU G 128 -10.11 31.41 -24.48
CA GLU G 128 -9.69 32.71 -24.99
C GLU G 128 -10.40 33.85 -24.25
N ASN G 129 -11.72 33.83 -24.20
CA ASN G 129 -12.50 34.91 -23.61
C ASN G 129 -12.78 34.59 -22.14
N GLY G 130 -11.74 34.78 -21.33
CA GLY G 130 -11.86 34.66 -19.88
C GLY G 130 -12.12 36.03 -19.28
N THR G 131 -11.16 36.54 -18.51
CA THR G 131 -11.26 37.91 -18.01
C THR G 131 -11.03 38.87 -19.17
N CYS G 132 -12.10 39.55 -19.61
CA CYS G 132 -11.97 40.48 -20.73
C CYS G 132 -11.02 41.62 -20.40
N TYR G 133 -11.07 42.12 -19.15
CA TYR G 133 -10.09 43.12 -18.75
C TYR G 133 -8.88 42.41 -18.15
N PRO G 134 -7.65 42.75 -18.53
CA PRO G 134 -6.50 41.98 -18.04
C PRO G 134 -6.19 42.32 -16.59
N GLY G 135 -5.80 41.30 -15.83
CA GLY G 135 -5.47 41.53 -14.45
C GLY G 135 -5.20 40.22 -13.72
N HIS G 136 -5.08 40.34 -12.40
CA HIS G 136 -4.77 39.23 -11.53
C HIS G 136 -5.98 38.91 -10.68
N PHE G 137 -6.43 37.67 -10.75
CA PHE G 137 -7.57 37.18 -9.97
C PHE G 137 -7.05 36.62 -8.65
N ALA G 138 -7.17 37.41 -7.59
CA ALA G 138 -6.69 36.99 -6.28
C ALA G 138 -7.45 35.79 -5.74
N ASP G 139 -6.71 34.80 -5.22
CA ASP G 139 -7.29 33.56 -4.71
C ASP G 139 -8.19 32.88 -5.72
N TYR G 140 -7.85 33.01 -7.01
CA TYR G 140 -8.64 32.41 -8.08
C TYR G 140 -8.80 30.91 -7.89
N GLU G 141 -7.69 30.23 -7.59
CA GLU G 141 -7.71 28.79 -7.44
C GLU G 141 -8.59 28.36 -6.27
N GLU G 142 -8.55 29.11 -5.16
CA GLU G 142 -9.42 28.80 -4.04
C GLU G 142 -10.89 28.94 -4.44
N LEU G 143 -11.22 30.00 -5.17
CA LEU G 143 -12.60 30.19 -5.63
C LEU G 143 -13.02 29.06 -6.54
N ARG G 144 -12.15 28.65 -7.46
CA ARG G 144 -12.48 27.56 -8.36
C ARG G 144 -12.72 26.27 -7.59
N GLU G 145 -11.86 25.98 -6.62
CA GLU G 145 -12.06 24.78 -5.81
C GLU G 145 -13.36 24.83 -5.02
N GLN G 146 -13.73 26.02 -4.53
CA GLN G 146 -15.00 26.13 -3.80
C GLN G 146 -16.20 26.01 -4.74
N LEU G 147 -16.15 26.65 -5.90
CA LEU G 147 -17.28 26.67 -6.82
C LEU G 147 -17.39 25.41 -7.66
N SER G 148 -16.54 24.41 -7.42
CA SER G 148 -16.61 23.17 -8.17
C SER G 148 -17.99 22.52 -8.06
N SER G 149 -18.57 22.48 -6.86
CA SER G 149 -19.90 21.89 -6.65
C SER G 149 -20.80 22.86 -5.91
N VAL G 150 -22.05 22.92 -6.36
CA VAL G 150 -23.10 23.70 -5.72
C VAL G 150 -24.38 22.91 -5.89
N SER G 151 -25.17 22.83 -4.81
CA SER G 151 -26.47 22.15 -4.85
C SER G 151 -27.63 23.08 -5.15
N SER G 152 -27.48 24.38 -4.85
CA SER G 152 -28.48 25.37 -5.20
C SER G 152 -27.78 26.69 -5.44
N PHE G 153 -27.99 27.27 -6.62
CA PHE G 153 -27.25 28.44 -7.09
C PHE G 153 -28.27 29.50 -7.49
N GLU G 154 -28.71 30.31 -6.53
CA GLU G 154 -29.75 31.31 -6.76
C GLU G 154 -29.05 32.63 -7.04
N ARG G 155 -29.10 33.04 -8.31
CA ARG G 155 -28.51 34.31 -8.74
C ARG G 155 -29.38 35.45 -8.23
N PHE G 156 -28.96 36.07 -7.13
CA PHE G 156 -29.65 37.24 -6.58
C PHE G 156 -28.94 38.51 -7.02
N GLU G 157 -29.44 39.64 -6.51
CA GLU G 157 -28.76 40.92 -6.61
C GLU G 157 -28.93 41.65 -5.29
N ILE G 158 -27.82 42.05 -4.67
CA ILE G 158 -27.86 42.65 -3.34
C ILE G 158 -28.39 44.09 -3.34
N PHE G 159 -28.68 44.64 -4.53
CA PHE G 159 -29.21 45.98 -4.67
C PHE G 159 -30.08 46.03 -5.92
N PRO G 160 -30.67 47.16 -6.25
CA PRO G 160 -31.05 47.43 -7.63
C PRO G 160 -29.93 48.16 -8.37
N LYS G 161 -29.98 48.07 -9.70
CA LYS G 161 -28.96 48.72 -10.52
C LYS G 161 -29.04 50.24 -10.45
N GLU G 162 -30.24 50.81 -10.52
CA GLU G 162 -30.43 52.25 -10.61
C GLU G 162 -31.17 52.86 -9.42
N SER G 163 -31.47 52.07 -8.39
CA SER G 163 -32.12 52.58 -7.18
C SER G 163 -31.23 52.43 -5.95
N SER G 164 -29.92 52.23 -6.16
CA SER G 164 -28.94 52.14 -5.07
C SER G 164 -27.70 52.97 -5.31
N TRP G 165 -27.37 53.34 -6.55
CA TRP G 165 -26.22 54.17 -6.85
C TRP G 165 -26.68 55.37 -7.68
N PRO G 166 -27.34 56.36 -7.04
CA PRO G 166 -27.84 57.51 -7.80
C PRO G 166 -26.82 58.61 -7.97
N ASN G 167 -25.68 58.54 -7.26
CA ASN G 167 -24.62 59.53 -7.32
C ASN G 167 -23.35 58.94 -7.91
N HIS G 168 -23.50 57.92 -8.77
CA HIS G 168 -22.35 57.24 -9.36
C HIS G 168 -22.80 56.71 -10.71
N THR G 169 -22.29 57.28 -11.80
CA THR G 169 -22.61 56.74 -13.12
C THR G 169 -22.08 55.33 -13.25
N THR G 170 -22.93 54.43 -13.75
CA THR G 170 -22.62 53.02 -13.87
C THR G 170 -22.53 52.56 -15.33
N THR G 171 -22.52 53.49 -16.28
CA THR G 171 -22.40 53.15 -17.70
C THR G 171 -20.94 52.84 -18.03
N GLY G 172 -20.44 51.76 -17.44
CA GLY G 172 -19.05 51.41 -17.60
C GLY G 172 -18.71 50.85 -18.97
N VAL G 173 -17.94 51.62 -19.74
CA VAL G 173 -17.53 51.25 -21.09
C VAL G 173 -16.05 50.88 -21.08
N SER G 174 -15.70 49.92 -21.92
CA SER G 174 -14.31 49.50 -22.06
C SER G 174 -14.16 48.85 -23.44
N ALA G 175 -13.01 49.09 -24.08
CA ALA G 175 -12.79 48.56 -25.42
C ALA G 175 -12.50 47.06 -25.39
N SER G 176 -11.72 46.61 -24.42
CA SER G 176 -11.31 45.20 -24.38
C SER G 176 -12.47 44.26 -24.10
N CYS G 177 -13.55 44.75 -23.48
CA CYS G 177 -14.71 43.92 -23.14
C CYS G 177 -15.84 44.07 -24.13
N SER G 178 -15.52 44.25 -25.41
CA SER G 178 -16.55 44.44 -26.43
C SER G 178 -17.34 43.15 -26.63
N HIS G 179 -18.62 43.30 -26.97
CA HIS G 179 -19.50 42.17 -27.24
C HIS G 179 -19.61 41.87 -28.73
N ASN G 180 -20.01 42.85 -29.53
CA ASN G 180 -20.14 42.69 -30.97
C ASN G 180 -19.57 43.91 -31.69
N GLY G 181 -18.41 44.38 -31.24
CA GLY G 181 -17.80 45.59 -31.75
C GLY G 181 -18.12 46.84 -30.97
N GLU G 182 -19.10 46.79 -30.06
CA GLU G 182 -19.44 47.91 -29.19
C GLU G 182 -18.84 47.72 -27.81
N SER G 183 -18.43 48.82 -27.20
CA SER G 183 -17.79 48.76 -25.89
C SER G 183 -18.80 48.36 -24.82
N SER G 184 -18.32 47.61 -23.83
CA SER G 184 -19.17 47.15 -22.73
C SER G 184 -18.28 46.80 -21.54
N PHE G 185 -18.86 46.12 -20.56
CA PHE G 185 -18.15 45.67 -19.36
C PHE G 185 -18.82 44.36 -18.93
N TYR G 186 -18.52 43.89 -17.72
CA TYR G 186 -19.02 42.63 -17.21
C TYR G 186 -20.52 42.73 -16.94
N LYS G 187 -21.13 41.56 -16.71
CA LYS G 187 -22.54 41.46 -16.40
C LYS G 187 -22.80 41.36 -14.90
N ASN G 188 -21.90 40.73 -14.15
CA ASN G 188 -22.04 40.56 -12.71
C ASN G 188 -21.38 41.66 -11.90
N LEU G 189 -20.70 42.63 -12.53
CA LEU G 189 -20.00 43.68 -11.80
C LEU G 189 -20.37 45.06 -12.35
N LEU G 190 -19.72 46.12 -11.87
CA LEU G 190 -20.14 47.47 -12.26
C LEU G 190 -18.97 48.43 -12.06
N TRP G 191 -18.46 49.00 -13.16
CA TRP G 191 -17.28 49.86 -13.13
C TRP G 191 -17.70 51.30 -12.84
N LEU G 192 -17.95 51.56 -11.56
CA LEU G 192 -18.37 52.90 -11.14
C LEU G 192 -17.28 53.92 -11.49
N THR G 193 -17.71 55.11 -11.94
CA THR G 193 -16.79 56.14 -12.40
C THR G 193 -17.20 57.53 -11.92
N GLY G 194 -17.87 57.61 -10.78
CA GLY G 194 -18.31 58.89 -10.25
C GLY G 194 -19.56 59.41 -10.94
N LYS G 195 -19.86 60.68 -10.67
CA LYS G 195 -21.05 61.32 -11.23
C LYS G 195 -20.94 62.82 -11.05
N ASN G 196 -21.31 63.56 -12.10
CA ASN G 196 -21.32 65.02 -12.07
C ASN G 196 -19.96 65.60 -11.70
N GLY G 197 -18.90 64.94 -12.15
CA GLY G 197 -17.56 65.41 -11.91
C GLY G 197 -17.04 65.18 -10.50
N LEU G 198 -17.71 64.37 -9.69
CA LEU G 198 -17.29 64.06 -8.33
C LEU G 198 -17.42 62.55 -8.10
N TYR G 199 -17.09 62.11 -6.90
CA TYR G 199 -17.22 60.70 -6.51
C TYR G 199 -17.48 60.66 -5.01
N PRO G 200 -18.76 60.67 -4.59
CA PRO G 200 -19.05 60.62 -3.15
C PRO G 200 -18.58 59.31 -2.51
N ASN G 201 -18.12 59.43 -1.27
CA ASN G 201 -17.69 58.27 -0.48
C ASN G 201 -18.89 57.40 -0.14
N LEU G 202 -18.91 56.19 -0.69
CA LEU G 202 -20.00 55.25 -0.50
C LEU G 202 -19.69 54.30 0.64
N SER G 203 -20.73 53.90 1.37
CA SER G 203 -20.63 52.97 2.49
C SER G 203 -21.73 51.91 2.41
N LYS G 204 -22.00 51.43 1.20
CA LYS G 204 -23.09 50.47 1.01
C LYS G 204 -22.79 49.14 1.69
N SER G 205 -23.81 48.57 2.32
CA SER G 205 -23.70 47.34 3.10
C SER G 205 -24.73 46.32 2.62
N TYR G 206 -24.67 45.14 3.23
CA TYR G 206 -25.58 44.05 2.94
C TYR G 206 -25.50 43.05 4.08
N ALA G 207 -26.63 42.40 4.37
CA ALA G 207 -26.73 41.45 5.47
C ALA G 207 -27.27 40.13 4.95
N ASN G 208 -26.50 39.06 5.12
CA ASN G 208 -26.92 37.72 4.72
C ASN G 208 -27.73 37.04 5.82
N ASN G 209 -28.77 37.72 6.33
CA ASN G 209 -29.66 37.06 7.27
C ASN G 209 -30.66 36.16 6.54
N LYS G 210 -31.00 36.51 5.30
CA LYS G 210 -31.88 35.71 4.48
C LYS G 210 -31.06 34.61 3.78
N GLU G 211 -31.76 33.73 3.05
CA GLU G 211 -31.24 32.51 2.41
C GLU G 211 -30.07 31.83 3.13
N LYS G 212 -28.94 31.60 2.48
CA LYS G 212 -27.89 30.68 2.94
C LYS G 212 -26.55 31.37 2.74
N GLU G 213 -25.47 30.58 2.76
CA GLU G 213 -24.12 31.11 2.65
C GLU G 213 -23.90 31.66 1.24
N VAL G 214 -24.05 32.98 1.09
CA VAL G 214 -23.91 33.61 -0.23
C VAL G 214 -22.44 33.95 -0.48
N LEU G 215 -22.10 34.08 -1.76
CA LEU G 215 -20.78 34.50 -2.20
C LEU G 215 -20.84 35.90 -2.80
N VAL G 216 -19.83 36.72 -2.50
CA VAL G 216 -19.77 38.11 -2.91
C VAL G 216 -18.49 38.31 -3.71
N LEU G 217 -18.63 39.02 -4.84
CA LEU G 217 -17.57 39.27 -5.80
C LEU G 217 -17.38 40.77 -5.97
N TRP G 218 -16.13 41.21 -6.11
CA TRP G 218 -15.90 42.61 -6.43
C TRP G 218 -14.48 42.74 -6.96
N GLY G 219 -14.10 43.96 -7.33
CA GLY G 219 -12.76 44.20 -7.83
C GLY G 219 -12.33 45.62 -7.59
N VAL G 220 -11.04 45.86 -7.82
CA VAL G 220 -10.46 47.19 -7.75
C VAL G 220 -9.69 47.44 -9.04
N HIS G 221 -9.87 48.62 -9.62
CA HIS G 221 -9.25 48.99 -10.89
C HIS G 221 -8.00 49.79 -10.63
N HIS G 222 -6.90 49.40 -11.27
CA HIS G 222 -5.60 50.07 -11.16
C HIS G 222 -5.35 50.76 -12.49
N PRO G 223 -5.57 52.08 -12.60
CA PRO G 223 -5.32 52.76 -13.87
C PRO G 223 -3.83 52.77 -14.19
N PRO G 224 -3.47 52.87 -15.47
CA PRO G 224 -2.05 52.79 -15.84
C PRO G 224 -1.29 54.11 -15.71
N ASN G 225 -1.85 55.12 -15.08
CA ASN G 225 -1.16 56.40 -14.90
C ASN G 225 -1.95 57.24 -13.91
N ILE G 226 -1.31 58.30 -13.43
CA ILE G 226 -2.00 59.25 -12.55
C ILE G 226 -3.05 60.04 -13.30
N GLY G 227 -2.91 60.16 -14.63
CA GLY G 227 -3.88 60.93 -15.39
C GLY G 227 -5.27 60.34 -15.34
N ASP G 228 -5.37 59.01 -15.48
CA ASP G 228 -6.66 58.36 -15.42
C ASP G 228 -7.31 58.53 -14.05
N GLN G 229 -6.52 58.38 -12.97
CA GLN G 229 -7.04 58.61 -11.63
C GLN G 229 -7.57 60.03 -11.51
N ARG G 230 -6.77 61.02 -11.89
CA ARG G 230 -7.14 62.41 -11.70
C ARG G 230 -8.37 62.78 -12.53
N ALA G 231 -8.47 62.26 -13.75
CA ALA G 231 -9.56 62.63 -14.65
C ALA G 231 -10.78 61.73 -14.55
N LEU G 232 -10.74 60.63 -13.78
CA LEU G 232 -11.85 59.69 -13.69
C LEU G 232 -12.48 59.66 -12.30
N TYR G 233 -11.69 59.39 -11.26
CA TYR G 233 -12.18 59.43 -9.88
C TYR G 233 -11.98 60.80 -9.23
N HIS G 234 -11.38 61.76 -9.93
CA HIS G 234 -11.26 63.16 -9.54
C HIS G 234 -10.39 63.37 -8.30
N LYS G 235 -9.73 62.35 -7.79
CA LYS G 235 -8.83 62.50 -6.65
C LYS G 235 -8.02 61.21 -6.50
N GLU G 236 -6.76 61.36 -6.11
CA GLU G 236 -5.83 60.25 -6.00
C GLU G 236 -6.00 59.61 -4.61
N ASN G 237 -5.07 58.72 -4.24
CA ASN G 237 -5.01 58.00 -2.95
C ASN G 237 -6.39 57.53 -2.48
N ALA G 238 -7.07 56.78 -3.35
CA ALA G 238 -8.40 56.24 -3.08
C ALA G 238 -8.28 54.82 -2.54
N TYR G 239 -8.86 54.59 -1.37
CA TYR G 239 -8.82 53.30 -0.70
C TYR G 239 -10.13 52.54 -0.91
N VAL G 240 -10.03 51.21 -0.79
CA VAL G 240 -11.19 50.31 -0.78
C VAL G 240 -11.05 49.40 0.43
N SER G 241 -12.02 49.45 1.33
CA SER G 241 -12.01 48.75 2.62
C SER G 241 -13.29 47.95 2.77
N VAL G 242 -13.28 46.72 2.32
CA VAL G 242 -14.38 45.80 2.60
C VAL G 242 -14.22 45.30 4.02
N VAL G 243 -15.32 45.14 4.75
CA VAL G 243 -15.27 44.70 6.15
C VAL G 243 -16.41 43.71 6.37
N SER G 244 -16.16 42.70 7.20
CA SER G 244 -17.20 41.79 7.63
C SER G 244 -16.77 41.20 8.97
N SER G 245 -17.45 40.13 9.40
CA SER G 245 -17.15 39.54 10.69
C SER G 245 -15.73 38.97 10.73
N HIS G 246 -15.30 38.33 9.64
CA HIS G 246 -14.01 37.67 9.56
C HIS G 246 -13.26 38.05 8.27
N TYR G 247 -13.48 39.25 7.76
CA TYR G 247 -12.84 39.69 6.52
C TYR G 247 -12.79 41.21 6.55
N SER G 248 -11.64 41.77 6.91
CA SER G 248 -11.51 43.20 7.17
C SER G 248 -10.20 43.75 6.62
N ARG G 249 -9.83 43.34 5.41
CA ARG G 249 -8.61 43.83 4.77
C ARG G 249 -8.92 44.98 3.82
N LYS G 250 -7.92 45.83 3.61
CA LYS G 250 -8.05 47.06 2.85
C LYS G 250 -7.19 47.00 1.59
N PHE G 251 -7.67 47.65 0.53
CA PHE G 251 -6.96 47.78 -0.73
C PHE G 251 -6.72 49.26 -0.99
N THR G 252 -5.49 49.59 -1.40
CA THR G 252 -5.07 50.97 -1.67
C THR G 252 -4.39 51.00 -3.04
N PRO G 253 -5.16 50.83 -4.12
CA PRO G 253 -4.57 50.75 -5.46
C PRO G 253 -4.13 52.12 -5.96
N GLU G 254 -2.81 52.31 -6.07
CA GLU G 254 -2.23 53.54 -6.62
C GLU G 254 -0.97 53.17 -7.41
N ILE G 255 -1.15 52.96 -8.72
CA ILE G 255 -0.05 52.58 -9.60
C ILE G 255 -0.08 53.52 -10.80
N ALA G 256 1.10 53.75 -11.40
CA ALA G 256 1.26 54.74 -12.46
C ALA G 256 1.76 54.18 -13.79
N LYS G 257 1.93 52.86 -13.93
CA LYS G 257 2.36 52.30 -15.21
C LYS G 257 2.06 50.82 -15.24
N ARG G 258 1.93 50.29 -16.45
CA ARG G 258 1.74 48.87 -16.69
C ARG G 258 2.27 48.56 -18.08
N PRO G 259 2.47 47.28 -18.40
CA PRO G 259 2.65 46.91 -19.82
C PRO G 259 1.30 46.88 -20.52
N LYS G 260 1.26 46.45 -21.78
CA LYS G 260 0.02 46.35 -22.55
C LYS G 260 -0.31 44.89 -22.77
N VAL G 261 -1.49 44.48 -22.34
CA VAL G 261 -1.99 43.12 -22.51
C VAL G 261 -3.44 43.23 -22.99
N ARG G 262 -3.76 42.51 -24.06
CA ARG G 262 -5.11 42.51 -24.63
C ARG G 262 -5.57 43.93 -24.97
N ASP G 263 -4.64 44.72 -25.51
CA ASP G 263 -4.90 46.12 -25.87
C ASP G 263 -5.46 46.91 -24.69
N GLN G 264 -4.82 46.77 -23.54
CA GLN G 264 -5.26 47.46 -22.34
C GLN G 264 -4.06 47.65 -21.42
N GLU G 265 -3.71 48.92 -21.16
CA GLU G 265 -2.57 49.22 -20.31
C GLU G 265 -2.87 48.90 -18.84
N GLY G 266 -3.90 49.54 -18.27
CA GLY G 266 -4.21 49.37 -16.87
C GLY G 266 -4.57 47.92 -16.52
N ARG G 267 -4.74 47.69 -15.22
CA ARG G 267 -5.02 46.35 -14.71
C ARG G 267 -6.12 46.41 -13.68
N ILE G 268 -6.59 45.23 -13.28
CA ILE G 268 -7.70 45.13 -12.34
C ILE G 268 -7.52 43.87 -11.50
N ASN G 269 -7.83 43.96 -10.21
CA ASN G 269 -7.73 42.83 -9.28
C ASN G 269 -9.12 42.46 -8.81
N TYR G 270 -9.52 41.23 -9.11
CA TYR G 270 -10.84 40.71 -8.76
C TYR G 270 -10.74 39.94 -7.44
N TYR G 271 -11.26 40.53 -6.38
CA TYR G 271 -11.35 39.84 -5.09
C TYR G 271 -12.74 39.23 -4.92
N TRP G 272 -12.87 38.45 -3.84
CA TRP G 272 -14.15 37.85 -3.50
C TRP G 272 -14.14 37.55 -2.01
N THR G 273 -15.23 36.95 -1.54
CA THR G 273 -15.36 36.61 -0.12
C THR G 273 -16.52 35.62 0.02
N LEU G 274 -16.88 35.34 1.26
CA LEU G 274 -18.00 34.47 1.57
C LEU G 274 -18.78 35.05 2.75
N LEU G 275 -20.11 35.02 2.64
CA LEU G 275 -21.02 35.54 3.65
C LEU G 275 -21.79 34.37 4.24
N GLU G 276 -21.46 34.01 5.48
CA GLU G 276 -22.16 32.95 6.18
C GLU G 276 -23.58 33.41 6.53
N PRO G 277 -24.50 32.49 6.80
CA PRO G 277 -25.84 32.88 7.21
C PRO G 277 -25.81 33.79 8.44
N GLY G 278 -26.59 34.86 8.39
CA GLY G 278 -26.62 35.83 9.48
C GLY G 278 -25.48 36.81 9.51
N ASP G 279 -24.55 36.76 8.56
CA ASP G 279 -23.41 37.67 8.57
C ASP G 279 -23.81 39.03 7.98
N THR G 280 -22.85 39.94 7.88
CA THR G 280 -23.12 41.27 7.36
C THR G 280 -21.83 41.87 6.84
N ILE G 281 -21.76 42.12 5.53
CA ILE G 281 -20.60 42.72 4.88
C ILE G 281 -20.88 44.17 4.53
N ILE G 282 -19.89 45.03 4.73
CA ILE G 282 -20.01 46.46 4.47
C ILE G 282 -18.86 46.87 3.57
N PHE G 283 -19.17 47.58 2.50
CA PHE G 283 -18.21 48.03 1.52
C PHE G 283 -17.97 49.52 1.76
N GLU G 284 -16.78 49.89 2.23
CA GLU G 284 -16.40 51.28 2.36
C GLU G 284 -15.43 51.60 1.23
N ALA G 285 -15.76 52.60 0.42
CA ALA G 285 -14.84 52.98 -0.63
C ALA G 285 -15.18 54.38 -1.10
N ASN G 286 -14.17 55.04 -1.67
CA ASN G 286 -14.32 56.35 -2.26
C ASN G 286 -13.58 56.47 -3.60
N GLY G 287 -13.37 55.34 -4.27
CA GLY G 287 -12.70 55.31 -5.55
C GLY G 287 -12.08 53.95 -5.81
N ASN G 288 -11.79 53.71 -7.08
CA ASN G 288 -11.16 52.47 -7.54
C ASN G 288 -11.93 51.23 -7.07
N LEU G 289 -13.26 51.29 -7.17
CA LEU G 289 -14.14 50.22 -6.71
C LEU G 289 -14.88 49.65 -7.91
N ILE G 290 -15.02 48.33 -7.92
CA ILE G 290 -15.87 47.62 -8.86
C ILE G 290 -17.01 47.00 -8.06
N ALA G 291 -18.11 47.74 -7.93
CA ALA G 291 -19.19 47.29 -7.07
C ALA G 291 -19.86 46.04 -7.65
N PRO G 292 -20.28 45.08 -6.82
CA PRO G 292 -21.03 43.94 -7.35
C PRO G 292 -22.34 44.36 -8.00
N ARG G 293 -22.71 43.65 -9.08
CA ARG G 293 -23.94 43.92 -9.82
C ARG G 293 -24.84 42.71 -9.92
N TYR G 294 -24.30 41.49 -9.86
CA TYR G 294 -25.04 40.24 -9.61
C TYR G 294 -24.22 39.42 -8.63
N ALA G 295 -24.65 39.39 -7.37
CA ALA G 295 -24.02 38.48 -6.41
C ALA G 295 -24.60 37.09 -6.65
N PHE G 296 -24.19 36.12 -5.82
CA PHE G 296 -24.68 34.75 -5.96
C PHE G 296 -25.27 34.25 -4.65
N ALA G 297 -25.65 32.98 -4.59
CA ALA G 297 -26.13 32.36 -3.36
C ALA G 297 -25.75 30.89 -3.43
N LEU G 298 -24.62 30.54 -2.82
CA LEU G 298 -24.08 29.20 -2.87
C LEU G 298 -24.76 28.30 -1.85
N SER G 299 -24.50 26.99 -1.97
CA SER G 299 -25.00 25.99 -1.05
C SER G 299 -23.90 24.99 -0.67
N ARG G 300 -22.65 25.44 -0.70
CA ARG G 300 -21.47 24.61 -0.40
C ARG G 300 -21.47 23.39 -1.32
N GLY G 301 -21.37 22.16 -0.79
CA GLY G 301 -21.20 20.97 -1.61
C GLY G 301 -19.72 20.75 -1.82
N PHE G 302 -19.19 19.62 -1.32
CA PHE G 302 -17.77 19.34 -1.31
C PHE G 302 -17.47 18.02 -2.02
N GLY G 303 -16.35 18.00 -2.75
CA GLY G 303 -15.89 16.79 -3.40
C GLY G 303 -15.76 16.85 -4.91
N SER G 304 -15.94 18.02 -5.51
CA SER G 304 -15.86 18.17 -6.97
C SER G 304 -14.63 18.96 -7.35
N GLY G 305 -14.46 19.15 -8.66
CA GLY G 305 -13.33 19.86 -9.19
C GLY G 305 -13.49 20.06 -10.69
N ILE G 306 -12.69 20.96 -11.21
CA ILE G 306 -12.78 21.36 -12.62
C ILE G 306 -12.13 20.29 -13.49
N ILE G 307 -12.78 20.00 -14.62
CA ILE G 307 -12.24 19.13 -15.67
C ILE G 307 -12.05 19.99 -16.91
N ASN G 308 -10.82 20.02 -17.42
CA ASN G 308 -10.51 20.74 -18.64
C ASN G 308 -10.66 19.79 -19.82
N SER G 309 -11.63 20.07 -20.69
CA SER G 309 -11.95 19.17 -21.80
C SER G 309 -12.58 19.96 -22.93
N ASN G 310 -12.46 19.39 -24.13
CA ASN G 310 -13.08 19.95 -25.34
C ASN G 310 -14.22 19.12 -25.90
N ALA G 311 -14.49 17.94 -25.33
CA ALA G 311 -15.55 17.09 -25.86
C ALA G 311 -16.92 17.72 -25.64
N PRO G 312 -17.90 17.40 -26.48
CA PRO G 312 -19.22 18.03 -26.36
C PRO G 312 -20.13 17.31 -25.36
N MET G 313 -21.15 18.04 -24.93
CA MET G 313 -22.09 17.54 -23.93
C MET G 313 -23.04 16.52 -24.55
N ASP G 314 -23.41 15.52 -23.74
CA ASP G 314 -24.41 14.53 -24.08
C ASP G 314 -25.15 14.15 -22.80
N GLU G 315 -25.91 13.05 -22.85
CA GLU G 315 -26.67 12.55 -21.70
C GLU G 315 -26.32 11.09 -21.44
N CYS G 316 -26.00 10.78 -20.19
CA CYS G 316 -25.75 9.40 -19.76
C CYS G 316 -25.83 9.36 -18.24
N ASP G 317 -25.61 8.17 -17.69
CA ASP G 317 -25.68 7.92 -16.25
C ASP G 317 -24.29 7.77 -15.64
N ALA G 318 -23.32 8.57 -16.10
CA ALA G 318 -21.95 8.42 -15.65
C ALA G 318 -21.82 8.70 -14.16
N LYS G 319 -21.14 7.79 -13.45
CA LYS G 319 -20.81 7.98 -12.05
C LYS G 319 -19.43 8.59 -11.83
N CYS G 320 -18.63 8.73 -12.89
CA CYS G 320 -17.39 9.50 -12.79
C CYS G 320 -16.91 9.82 -14.18
N GLN G 321 -16.11 10.88 -14.29
CA GLN G 321 -15.65 11.35 -15.59
C GLN G 321 -14.18 11.74 -15.56
N THR G 322 -13.50 11.46 -16.70
CA THR G 322 -12.17 11.90 -17.07
C THR G 322 -12.26 13.01 -18.12
N PRO G 323 -11.20 13.81 -18.31
CA PRO G 323 -11.26 14.85 -19.35
C PRO G 323 -11.57 14.34 -20.75
N GLN G 324 -11.09 13.16 -21.12
CA GLN G 324 -11.31 12.61 -22.46
C GLN G 324 -12.47 11.62 -22.52
N GLY G 325 -13.48 11.79 -21.69
CA GLY G 325 -14.65 10.92 -21.70
C GLY G 325 -15.02 10.47 -20.31
N ALA G 326 -16.23 9.92 -20.21
CA ALA G 326 -16.80 9.49 -18.94
C ALA G 326 -16.61 7.98 -18.75
N ILE G 327 -16.14 7.59 -17.57
CA ILE G 327 -15.96 6.19 -17.21
C ILE G 327 -17.29 5.71 -16.62
N ASN G 328 -18.09 5.06 -17.44
CA ASN G 328 -19.34 4.49 -16.94
C ASN G 328 -19.12 3.29 -16.02
N SER G 329 -17.90 2.76 -15.97
CA SER G 329 -17.62 1.53 -15.25
C SER G 329 -17.60 1.76 -13.74
N SER G 330 -17.61 0.66 -12.99
CA SER G 330 -17.62 0.65 -11.53
C SER G 330 -16.62 -0.37 -11.00
N LEU G 331 -15.40 -0.37 -11.56
CA LEU G 331 -14.31 -1.25 -11.14
C LEU G 331 -13.19 -0.43 -10.55
N PRO G 332 -12.36 -0.99 -9.66
CA PRO G 332 -11.44 -0.16 -8.87
C PRO G 332 -10.19 0.35 -9.59
N PHE G 333 -9.91 -0.08 -10.82
CA PHE G 333 -8.70 0.29 -11.52
C PHE G 333 -9.01 0.86 -12.89
N GLN G 334 -8.50 2.06 -13.16
CA GLN G 334 -8.65 2.71 -14.46
C GLN G 334 -7.32 3.32 -14.87
N ASN G 335 -7.02 3.26 -16.18
CA ASN G 335 -5.84 3.92 -16.75
C ASN G 335 -6.20 5.00 -17.76
N VAL G 336 -7.47 5.43 -17.80
CA VAL G 336 -7.87 6.42 -18.80
C VAL G 336 -7.16 7.75 -18.55
N HIS G 337 -7.20 8.26 -17.31
CA HIS G 337 -6.61 9.56 -17.04
C HIS G 337 -6.52 9.76 -15.52
N PRO G 338 -5.48 10.43 -14.99
CA PRO G 338 -5.43 10.64 -13.54
C PRO G 338 -6.56 11.52 -13.00
N VAL G 339 -6.87 12.62 -13.68
CA VAL G 339 -7.92 13.54 -13.25
C VAL G 339 -9.26 12.85 -13.42
N THR G 340 -9.90 12.51 -12.30
CA THR G 340 -11.17 11.78 -12.25
C THR G 340 -12.13 12.43 -11.28
N ILE G 341 -13.15 13.11 -11.79
CA ILE G 341 -14.19 13.69 -10.94
C ILE G 341 -15.27 12.64 -10.66
N GLY G 342 -15.68 12.57 -9.39
CA GLY G 342 -16.75 11.69 -8.94
C GLY G 342 -16.23 10.55 -8.08
N GLU G 343 -17.17 9.66 -7.72
CA GLU G 343 -16.85 8.46 -6.95
C GLU G 343 -16.14 7.51 -7.90
N CYS G 344 -14.88 7.85 -8.25
CA CYS G 344 -14.29 7.20 -9.39
C CYS G 344 -13.12 6.33 -8.93
N PRO G 345 -12.81 5.23 -9.62
CA PRO G 345 -11.62 4.45 -9.24
C PRO G 345 -10.34 5.27 -9.31
N LYS G 346 -9.29 4.72 -8.71
CA LYS G 346 -7.98 5.36 -8.65
C LYS G 346 -7.18 5.03 -9.90
N TYR G 347 -6.40 6.02 -10.36
CA TYR G 347 -5.63 5.86 -11.58
C TYR G 347 -4.54 4.81 -11.43
N VAL G 348 -4.27 4.10 -12.53
CA VAL G 348 -3.21 3.11 -12.62
C VAL G 348 -2.45 3.35 -13.91
N ARG G 349 -1.11 3.46 -13.82
CA ARG G 349 -0.26 3.75 -14.96
C ARG G 349 0.03 2.54 -15.84
N SER G 350 -0.50 1.38 -15.48
CA SER G 350 -0.31 0.18 -16.26
C SER G 350 -1.31 0.16 -17.42
N ALA G 351 -1.31 -0.94 -18.17
CA ALA G 351 -2.17 -1.10 -19.33
C ALA G 351 -2.97 -2.39 -19.33
N LYS G 352 -2.63 -3.37 -18.49
CA LYS G 352 -3.35 -4.65 -18.49
C LYS G 352 -3.29 -5.27 -17.11
N LEU G 353 -4.36 -5.09 -16.33
CA LEU G 353 -4.54 -5.75 -15.03
C LEU G 353 -5.50 -6.93 -15.15
N ARG G 354 -5.45 -7.64 -16.26
CA ARG G 354 -6.39 -8.74 -16.50
C ARG G 354 -6.13 -9.85 -15.49
N MET G 355 -7.04 -10.00 -14.54
CA MET G 355 -6.96 -11.10 -13.58
C MET G 355 -7.52 -12.36 -14.19
N VAL G 356 -6.83 -13.48 -13.97
CA VAL G 356 -7.37 -14.76 -14.41
C VAL G 356 -8.62 -15.03 -13.59
N THR G 357 -9.57 -15.71 -14.21
CA THR G 357 -10.82 -16.07 -13.57
C THR G 357 -11.17 -17.52 -13.88
N GLY G 358 -10.32 -18.24 -14.61
CA GLY G 358 -10.57 -19.62 -14.97
C GLY G 358 -9.27 -20.41 -15.07
N LEU G 359 -9.30 -21.42 -15.91
CA LEU G 359 -8.24 -22.41 -16.08
C LEU G 359 -7.13 -21.91 -17.03
N ARG G 360 -6.25 -22.82 -17.42
CA ARG G 360 -5.23 -22.57 -18.45
C ARG G 360 -5.63 -23.27 -19.73
N ASN G 361 -5.64 -22.51 -20.83
CA ASN G 361 -6.08 -23.03 -22.12
C ASN G 361 -4.99 -23.96 -22.65
N ILE G 362 -5.19 -25.26 -22.46
CA ILE G 362 -4.28 -26.29 -22.95
C ILE G 362 -5.11 -27.29 -23.76
N PRO G 363 -5.44 -26.98 -25.02
CA PRO G 363 -6.26 -27.90 -25.82
C PRO G 363 -5.45 -28.99 -26.49
N GLY H 1 0.96 -23.89 -10.91
CA GLY H 1 1.10 -25.37 -10.89
C GLY H 1 1.79 -25.87 -9.64
N LEU H 2 1.46 -25.28 -8.50
CA LEU H 2 2.08 -25.69 -7.24
C LEU H 2 1.71 -27.12 -6.88
N PHE H 3 0.43 -27.48 -7.01
CA PHE H 3 -0.01 -28.83 -6.72
C PHE H 3 0.23 -29.80 -7.86
N GLY H 4 0.56 -29.30 -9.06
CA GLY H 4 0.98 -30.15 -10.15
C GLY H 4 -0.07 -31.10 -10.70
N ALA H 5 -1.33 -30.69 -10.70
CA ALA H 5 -2.38 -31.44 -11.41
C ALA H 5 -2.58 -30.85 -12.80
N ILE H 6 -3.00 -29.59 -12.88
CA ILE H 6 -3.15 -28.94 -14.17
C ILE H 6 -1.76 -28.64 -14.73
N ALA H 7 -1.53 -29.01 -15.99
CA ALA H 7 -0.23 -28.99 -16.64
C ALA H 7 0.82 -29.87 -15.94
N GLY H 8 0.40 -30.72 -15.00
CA GLY H 8 1.29 -31.64 -14.31
C GLY H 8 1.10 -33.05 -14.82
N PHE H 9 0.30 -33.84 -14.12
CA PHE H 9 -0.03 -35.20 -14.54
C PHE H 9 -1.39 -35.28 -15.21
N ILE H 10 -1.97 -34.14 -15.57
CA ILE H 10 -3.13 -34.06 -16.46
C ILE H 10 -2.66 -33.14 -17.58
N GLU H 11 -2.23 -33.75 -18.69
CA GLU H 11 -1.42 -33.01 -19.67
C GLU H 11 -2.22 -31.88 -20.32
N GLY H 12 -3.45 -32.16 -20.74
CA GLY H 12 -4.21 -31.19 -21.52
C GLY H 12 -5.65 -31.12 -21.07
N GLY H 13 -6.25 -29.96 -21.33
CA GLY H 13 -7.65 -29.74 -21.05
C GLY H 13 -8.57 -30.31 -22.12
N TRP H 14 -9.86 -30.12 -21.89
CA TRP H 14 -10.92 -30.62 -22.77
C TRP H 14 -11.70 -29.46 -23.37
N THR H 15 -11.82 -29.46 -24.71
CA THR H 15 -12.52 -28.38 -25.39
C THR H 15 -14.04 -28.50 -25.25
N GLY H 16 -14.57 -29.71 -25.05
CA GLY H 16 -16.01 -29.89 -24.95
C GLY H 16 -16.63 -29.53 -23.63
N MET H 17 -15.81 -29.30 -22.60
CA MET H 17 -16.30 -28.84 -21.30
C MET H 17 -16.92 -27.46 -21.43
N VAL H 18 -18.25 -27.39 -21.35
CA VAL H 18 -18.98 -26.14 -21.52
C VAL H 18 -19.90 -25.83 -20.35
N ASP H 19 -20.34 -26.84 -19.59
CA ASP H 19 -21.27 -26.62 -18.48
C ASP H 19 -20.53 -26.34 -17.17
N GLY H 20 -19.41 -27.04 -16.92
CA GLY H 20 -18.66 -26.86 -15.70
C GLY H 20 -17.16 -26.89 -15.96
N TRP H 21 -16.41 -26.60 -14.91
CA TRP H 21 -14.95 -26.59 -15.02
C TRP H 21 -14.36 -27.98 -14.90
N TYR H 22 -14.57 -28.63 -13.74
CA TYR H 22 -13.87 -29.87 -13.41
C TYR H 22 -14.82 -31.02 -13.72
N GLY H 23 -14.89 -31.39 -14.99
CA GLY H 23 -15.80 -32.39 -15.47
C GLY H 23 -15.24 -33.79 -15.45
N TYR H 24 -15.83 -34.64 -16.30
CA TYR H 24 -15.39 -36.01 -16.48
C TYR H 24 -15.52 -36.38 -17.95
N HIS H 25 -15.10 -37.60 -18.26
CA HIS H 25 -15.33 -38.20 -19.58
C HIS H 25 -15.50 -39.70 -19.33
N HIS H 26 -16.75 -40.12 -19.16
CA HIS H 26 -17.07 -41.51 -18.85
C HIS H 26 -17.30 -42.26 -20.16
N GLN H 27 -16.21 -42.80 -20.72
CA GLN H 27 -16.27 -43.66 -21.90
C GLN H 27 -16.73 -45.08 -21.54
N ASN H 28 -17.93 -45.16 -20.98
CA ASN H 28 -18.50 -46.43 -20.55
C ASN H 28 -19.34 -47.03 -21.69
N GLU H 29 -19.86 -48.23 -21.44
CA GLU H 29 -20.61 -48.96 -22.46
C GLU H 29 -21.89 -48.23 -22.86
N GLN H 30 -22.62 -47.68 -21.89
CA GLN H 30 -23.93 -47.11 -22.22
C GLN H 30 -23.81 -45.85 -23.07
N GLY H 31 -22.66 -45.18 -23.04
CA GLY H 31 -22.49 -43.98 -23.84
C GLY H 31 -21.24 -43.20 -23.49
N SER H 32 -21.33 -41.87 -23.55
CA SER H 32 -20.21 -41.00 -23.26
C SER H 32 -20.75 -39.64 -22.86
N GLY H 33 -19.86 -38.65 -22.80
CA GLY H 33 -20.24 -37.28 -22.50
C GLY H 33 -19.24 -36.58 -21.60
N TYR H 34 -19.56 -35.32 -21.28
CA TYR H 34 -18.70 -34.44 -20.48
C TYR H 34 -19.51 -33.87 -19.31
N ALA H 35 -20.20 -34.76 -18.58
CA ALA H 35 -20.95 -34.35 -17.41
C ALA H 35 -20.02 -33.70 -16.40
N ALA H 36 -20.40 -32.52 -15.92
CA ALA H 36 -19.55 -31.80 -14.98
C ALA H 36 -19.66 -32.40 -13.58
N ASP H 37 -18.81 -31.91 -12.68
CA ASP H 37 -18.85 -32.27 -11.27
C ASP H 37 -19.45 -31.07 -10.55
N GLN H 38 -20.76 -31.11 -10.35
CA GLN H 38 -21.50 -29.92 -9.98
C GLN H 38 -21.05 -29.33 -8.65
N LYS H 39 -20.79 -30.19 -7.65
CA LYS H 39 -20.40 -29.67 -6.33
C LYS H 39 -19.09 -28.91 -6.39
N SER H 40 -18.06 -29.53 -6.98
CA SER H 40 -16.73 -28.92 -6.98
C SER H 40 -16.71 -27.65 -7.81
N THR H 41 -17.28 -27.69 -9.02
CA THR H 41 -17.25 -26.47 -9.84
C THR H 41 -18.12 -25.38 -9.25
N GLN H 42 -19.24 -25.73 -8.61
CA GLN H 42 -20.05 -24.70 -7.97
C GLN H 42 -19.29 -24.03 -6.83
N ASN H 43 -18.63 -24.83 -5.99
CA ASN H 43 -17.83 -24.27 -4.91
C ASN H 43 -16.68 -23.43 -5.44
N ALA H 44 -16.03 -23.89 -6.50
CA ALA H 44 -14.93 -23.14 -7.08
C ALA H 44 -15.40 -21.80 -7.65
N ILE H 45 -16.51 -21.82 -8.39
CA ILE H 45 -17.05 -20.58 -8.95
C ILE H 45 -17.43 -19.65 -7.82
N ASN H 46 -18.02 -20.19 -6.75
CA ASN H 46 -18.32 -19.37 -5.59
C ASN H 46 -17.04 -18.71 -5.06
N GLY H 47 -15.97 -19.49 -4.95
CA GLY H 47 -14.74 -18.94 -4.39
C GLY H 47 -14.15 -17.83 -5.25
N ILE H 48 -14.09 -18.04 -6.56
CA ILE H 48 -13.55 -16.99 -7.42
C ILE H 48 -14.46 -15.77 -7.40
N THR H 49 -15.77 -15.97 -7.32
CA THR H 49 -16.66 -14.81 -7.23
C THR H 49 -16.40 -14.04 -5.94
N ASN H 50 -16.21 -14.73 -4.82
CA ASN H 50 -15.86 -14.01 -3.59
C ASN H 50 -14.56 -13.25 -3.77
N LYS H 51 -13.57 -13.88 -4.39
CA LYS H 51 -12.28 -13.21 -4.58
C LYS H 51 -12.42 -11.92 -5.39
N VAL H 52 -13.08 -12.02 -6.55
CA VAL H 52 -13.20 -10.85 -7.41
C VAL H 52 -14.05 -9.77 -6.74
N ASN H 53 -15.19 -10.16 -6.16
CA ASN H 53 -16.06 -9.15 -5.55
C ASN H 53 -15.39 -8.50 -4.34
N SER H 54 -14.58 -9.24 -3.59
CA SER H 54 -13.82 -8.62 -2.51
C SER H 54 -12.82 -7.63 -3.07
N VAL H 55 -12.19 -7.95 -4.20
CA VAL H 55 -11.28 -7.00 -4.83
C VAL H 55 -12.02 -5.72 -5.23
N ILE H 56 -13.26 -5.85 -5.71
CA ILE H 56 -14.01 -4.65 -6.14
C ILE H 56 -14.49 -3.85 -4.93
N GLU H 57 -15.23 -4.50 -4.03
CA GLU H 57 -16.01 -3.76 -3.04
C GLU H 57 -15.14 -3.16 -1.95
N LYS H 58 -14.04 -3.82 -1.58
CA LYS H 58 -13.20 -3.30 -0.51
C LYS H 58 -12.60 -1.95 -0.87
N MET H 59 -12.47 -1.64 -2.16
CA MET H 59 -11.99 -0.34 -2.59
C MET H 59 -13.05 0.71 -2.25
N ASN H 60 -12.73 1.58 -1.29
CA ASN H 60 -13.68 2.59 -0.88
C ASN H 60 -13.84 3.65 -1.98
N THR H 61 -14.95 4.38 -1.92
CA THR H 61 -15.31 5.37 -2.92
C THR H 61 -15.39 6.74 -2.28
N GLN H 62 -14.71 7.71 -2.86
CA GLN H 62 -14.78 9.10 -2.45
C GLN H 62 -14.97 9.96 -3.69
N PHE H 63 -15.46 11.18 -3.49
CA PHE H 63 -15.99 11.95 -4.60
C PHE H 63 -14.92 12.69 -5.41
N THR H 64 -13.64 12.64 -5.01
CA THR H 64 -12.60 13.31 -5.79
C THR H 64 -11.27 12.59 -5.65
N ALA H 65 -10.51 12.61 -6.74
CA ALA H 65 -9.11 12.18 -6.79
C ALA H 65 -8.31 13.10 -7.70
N VAL H 66 -8.76 14.35 -7.84
CA VAL H 66 -8.26 15.27 -8.87
C VAL H 66 -7.26 16.21 -8.23
N GLY H 67 -6.07 16.30 -8.82
CA GLY H 67 -5.11 17.28 -8.37
C GLY H 67 -5.58 18.68 -8.76
N LYS H 68 -5.54 19.59 -7.80
CA LYS H 68 -5.92 20.97 -8.05
C LYS H 68 -4.84 21.68 -8.87
N GLU H 69 -5.14 22.92 -9.26
CA GLU H 69 -4.22 23.73 -10.05
C GLU H 69 -3.65 24.86 -9.18
N PHE H 70 -2.47 25.35 -9.57
CA PHE H 70 -1.77 26.38 -8.84
C PHE H 70 -1.09 27.33 -9.82
N ASN H 71 -0.92 28.57 -9.42
CA ASN H 71 -0.32 29.57 -10.28
C ASN H 71 1.21 29.46 -10.20
N LYS H 72 1.92 30.46 -10.74
CA LYS H 72 3.37 30.41 -10.87
C LYS H 72 4.12 30.73 -9.59
N LEU H 73 3.43 30.98 -8.47
CA LEU H 73 4.08 31.29 -7.20
C LEU H 73 3.93 30.19 -6.15
N GLU H 74 3.10 29.19 -6.39
CA GLU H 74 2.93 28.04 -5.51
C GLU H 74 3.57 26.78 -6.09
N ARG H 75 4.75 26.95 -6.69
CA ARG H 75 5.50 25.79 -7.19
C ARG H 75 5.78 24.79 -6.08
N ARG H 76 5.97 25.25 -4.85
CA ARG H 76 6.00 24.31 -3.73
C ARG H 76 4.71 23.51 -3.65
N MET H 77 3.57 24.20 -3.70
CA MET H 77 2.30 23.50 -3.58
C MET H 77 2.07 22.58 -4.77
N GLU H 78 2.38 23.04 -5.97
CA GLU H 78 2.21 22.22 -7.15
C GLU H 78 3.10 20.98 -7.12
N ASN H 79 4.36 21.16 -6.73
CA ASN H 79 5.25 20.01 -6.63
C ASN H 79 4.82 19.06 -5.52
N LEU H 80 4.33 19.60 -4.40
CA LEU H 80 3.86 18.74 -3.32
C LEU H 80 2.63 17.96 -3.76
N ASN H 81 1.68 18.61 -4.42
CA ASN H 81 0.48 17.91 -4.90
C ASN H 81 0.85 16.86 -5.92
N LYS H 82 1.78 17.19 -6.82
CA LYS H 82 2.25 16.20 -7.79
C LYS H 82 2.91 15.04 -7.07
N LYS H 83 3.67 15.32 -6.01
CA LYS H 83 4.31 14.25 -5.25
C LYS H 83 3.26 13.36 -4.59
N VAL H 84 2.22 13.95 -4.00
CA VAL H 84 1.17 13.15 -3.38
C VAL H 84 0.43 12.32 -4.42
N ASP H 85 0.02 12.94 -5.53
CA ASP H 85 -0.71 12.21 -6.55
C ASP H 85 0.15 11.11 -7.16
N ASP H 86 1.41 11.42 -7.45
CA ASP H 86 2.30 10.45 -8.05
C ASP H 86 2.68 9.34 -7.07
N GLY H 87 2.85 9.66 -5.80
CA GLY H 87 3.11 8.62 -4.81
C GLY H 87 1.92 7.73 -4.58
N PHE H 88 0.72 8.32 -4.53
CA PHE H 88 -0.48 7.49 -4.43
C PHE H 88 -0.62 6.60 -5.64
N ILE H 89 -0.38 7.15 -6.84
CA ILE H 89 -0.47 6.35 -8.05
C ILE H 89 0.61 5.28 -8.06
N ASP H 90 1.81 5.60 -7.61
CA ASP H 90 2.89 4.61 -7.59
C ASP H 90 2.58 3.49 -6.62
N ILE H 91 2.09 3.83 -5.43
CA ILE H 91 1.72 2.81 -4.45
C ILE H 91 0.57 1.97 -5.00
N TRP H 92 -0.42 2.62 -5.61
CA TRP H 92 -1.55 1.87 -6.16
C TRP H 92 -1.11 0.97 -7.30
N THR H 93 -0.20 1.44 -8.16
CA THR H 93 0.27 0.61 -9.25
C THR H 93 1.05 -0.58 -8.74
N TYR H 94 1.98 -0.35 -7.81
CA TYR H 94 2.74 -1.46 -7.24
C TYR H 94 1.81 -2.45 -6.56
N ASN H 95 0.93 -1.95 -5.67
CA ASN H 95 0.05 -2.84 -4.95
C ASN H 95 -0.88 -3.57 -5.90
N ALA H 96 -1.47 -2.87 -6.86
CA ALA H 96 -2.45 -3.49 -7.73
C ALA H 96 -1.80 -4.50 -8.65
N GLU H 97 -0.64 -4.19 -9.19
CA GLU H 97 0.04 -5.11 -10.09
C GLU H 97 0.55 -6.33 -9.32
N LEU H 98 1.21 -6.11 -8.17
CA LEU H 98 1.60 -7.25 -7.35
C LEU H 98 0.41 -8.06 -6.88
N LEU H 99 -0.74 -7.43 -6.58
CA LEU H 99 -1.94 -8.21 -6.28
C LEU H 99 -2.32 -9.05 -7.48
N VAL H 100 -2.70 -8.39 -8.59
CA VAL H 100 -3.09 -9.07 -9.83
C VAL H 100 -2.18 -10.26 -10.09
N LEU H 101 -0.86 -10.07 -10.04
CA LEU H 101 0.05 -11.18 -10.25
C LEU H 101 -0.07 -12.25 -9.15
N LEU H 102 -0.11 -11.82 -7.89
CA LEU H 102 -0.05 -12.78 -6.78
C LEU H 102 -1.31 -13.64 -6.71
N GLU H 103 -2.50 -13.01 -6.67
CA GLU H 103 -3.69 -13.85 -6.73
C GLU H 103 -4.00 -14.37 -8.14
N ASN H 104 -3.31 -13.95 -9.20
CA ASN H 104 -3.33 -14.78 -10.40
C ASN H 104 -2.69 -16.11 -10.09
N GLU H 105 -1.54 -16.08 -9.42
CA GLU H 105 -0.88 -17.34 -9.01
C GLU H 105 -1.76 -18.12 -8.05
N ARG H 106 -2.42 -17.43 -7.10
CA ARG H 106 -3.31 -18.11 -6.16
C ARG H 106 -4.49 -18.73 -6.89
N THR H 107 -5.02 -18.06 -7.91
CA THR H 107 -6.10 -18.64 -8.70
C THR H 107 -5.62 -19.87 -9.47
N LEU H 108 -4.42 -19.79 -10.05
CA LEU H 108 -3.91 -20.95 -10.79
C LEU H 108 -3.71 -22.15 -9.88
N ASP H 109 -3.03 -21.98 -8.74
CA ASP H 109 -2.83 -23.17 -7.91
C ASP H 109 -4.07 -23.51 -7.11
N PHE H 110 -5.06 -22.63 -7.03
CA PHE H 110 -6.35 -23.00 -6.45
C PHE H 110 -7.12 -23.90 -7.41
N HIS H 111 -7.11 -23.58 -8.71
CA HIS H 111 -7.67 -24.52 -9.68
C HIS H 111 -6.89 -25.82 -9.69
N ASP H 112 -5.56 -25.71 -9.55
CA ASP H 112 -4.72 -26.90 -9.43
C ASP H 112 -5.13 -27.74 -8.23
N SER H 113 -5.36 -27.09 -7.10
CA SER H 113 -5.77 -27.79 -5.89
C SER H 113 -7.16 -28.38 -6.02
N ASN H 114 -8.06 -27.72 -6.74
CA ASN H 114 -9.38 -28.29 -6.95
C ASN H 114 -9.30 -29.57 -7.76
N VAL H 115 -8.56 -29.54 -8.88
CA VAL H 115 -8.37 -30.76 -9.67
C VAL H 115 -7.66 -31.82 -8.84
N LYS H 116 -6.65 -31.42 -8.06
CA LYS H 116 -5.95 -32.35 -7.18
C LYS H 116 -6.94 -33.01 -6.21
N ASN H 117 -7.56 -32.21 -5.35
CA ASN H 117 -8.49 -32.71 -4.33
C ASN H 117 -9.55 -33.61 -4.94
N LEU H 118 -10.05 -33.25 -6.12
CA LEU H 118 -10.97 -34.13 -6.83
C LEU H 118 -10.31 -35.46 -7.16
N TYR H 119 -9.05 -35.41 -7.62
CA TYR H 119 -8.36 -36.63 -8.02
C TYR H 119 -8.15 -37.56 -6.82
N GLU H 120 -7.64 -37.03 -5.71
CA GLU H 120 -7.51 -37.87 -4.52
C GLU H 120 -8.85 -38.27 -3.95
N LYS H 121 -9.90 -37.47 -4.14
CA LYS H 121 -11.22 -37.88 -3.68
C LYS H 121 -11.69 -39.12 -4.42
N VAL H 122 -11.60 -39.10 -5.75
CA VAL H 122 -11.98 -40.27 -6.53
C VAL H 122 -11.06 -41.44 -6.22
N LYS H 123 -9.76 -41.18 -6.06
CA LYS H 123 -8.82 -42.26 -5.78
C LYS H 123 -9.13 -42.93 -4.44
N SER H 124 -9.45 -42.13 -3.43
CA SER H 124 -9.82 -42.67 -2.13
C SER H 124 -11.13 -43.44 -2.20
N GLN H 125 -12.11 -42.91 -2.97
CA GLN H 125 -13.36 -43.63 -3.11
C GLN H 125 -13.16 -44.98 -3.79
N LEU H 126 -12.25 -45.04 -4.76
CA LEU H 126 -12.00 -46.25 -5.52
C LEU H 126 -10.92 -47.12 -4.90
N LYS H 127 -10.03 -46.53 -4.09
CA LYS H 127 -8.88 -47.24 -3.52
C LYS H 127 -8.11 -48.01 -4.58
N ASN H 128 -8.21 -49.35 -4.62
CA ASN H 128 -7.58 -50.18 -5.63
C ASN H 128 -8.58 -50.84 -6.57
N ASN H 129 -9.86 -50.43 -6.52
CA ASN H 129 -10.85 -51.00 -7.44
C ASN H 129 -10.51 -50.66 -8.89
N ALA H 130 -10.04 -49.44 -9.13
CA ALA H 130 -9.73 -48.95 -10.47
C ALA H 130 -8.28 -48.51 -10.48
N LYS H 131 -7.49 -49.07 -11.40
CA LYS H 131 -6.10 -48.67 -11.50
C LYS H 131 -5.97 -47.26 -12.08
N GLU H 132 -4.87 -46.61 -11.73
CA GLU H 132 -4.56 -45.27 -12.21
C GLU H 132 -3.69 -45.38 -13.46
N ILE H 133 -3.80 -44.36 -14.31
CA ILE H 133 -2.98 -44.22 -15.50
C ILE H 133 -2.52 -42.77 -15.57
N GLY H 134 -1.82 -42.41 -16.64
CA GLY H 134 -1.40 -41.04 -16.82
C GLY H 134 -2.59 -40.17 -17.13
N ASN H 135 -2.33 -38.87 -17.22
CA ASN H 135 -3.32 -37.85 -17.55
C ASN H 135 -4.43 -37.75 -16.51
N GLY H 136 -4.29 -38.37 -15.34
CA GLY H 136 -5.32 -38.26 -14.33
C GLY H 136 -6.56 -39.08 -14.63
N CYS H 137 -6.48 -39.99 -15.59
CA CYS H 137 -7.63 -40.80 -15.98
C CYS H 137 -7.74 -41.97 -14.99
N PHE H 138 -8.58 -42.96 -15.29
CA PHE H 138 -8.78 -44.10 -14.42
C PHE H 138 -9.16 -45.31 -15.24
N GLU H 139 -9.16 -46.49 -14.61
CA GLU H 139 -9.52 -47.74 -15.30
C GLU H 139 -10.23 -48.67 -14.32
N PHE H 140 -11.56 -48.68 -14.34
CA PHE H 140 -12.33 -49.55 -13.47
C PHE H 140 -12.14 -51.02 -13.82
N TYR H 141 -11.76 -51.83 -12.84
CA TYR H 141 -11.62 -53.26 -13.08
C TYR H 141 -12.97 -53.92 -13.30
N HIS H 142 -13.97 -53.56 -12.50
CA HIS H 142 -15.28 -54.19 -12.56
C HIS H 142 -16.09 -53.67 -13.74
N LYS H 143 -17.14 -54.41 -14.09
CA LYS H 143 -18.15 -53.87 -14.99
C LYS H 143 -18.82 -52.67 -14.32
N CYS H 144 -19.04 -51.61 -15.09
CA CYS H 144 -19.34 -50.29 -14.53
C CYS H 144 -20.42 -49.65 -15.39
N ASN H 145 -21.63 -49.56 -14.88
CA ASN H 145 -22.73 -48.92 -15.60
C ASN H 145 -22.81 -47.44 -15.22
N ASP H 146 -23.90 -46.78 -15.63
CA ASP H 146 -24.10 -45.38 -15.29
C ASP H 146 -24.28 -45.14 -13.79
N GLU H 147 -24.75 -46.15 -13.05
CA GLU H 147 -24.87 -45.98 -11.60
C GLU H 147 -23.54 -45.68 -10.93
N CYS H 148 -22.43 -46.14 -11.53
CA CYS H 148 -21.10 -45.73 -11.08
C CYS H 148 -21.02 -44.22 -10.99
N MET H 149 -21.40 -43.54 -12.07
CA MET H 149 -21.27 -42.08 -12.10
C MET H 149 -22.13 -41.48 -11.02
N GLU H 150 -23.34 -42.03 -10.84
CA GLU H 150 -24.24 -41.54 -9.80
C GLU H 150 -23.54 -41.62 -8.45
N SER H 151 -22.93 -42.76 -8.16
CA SER H 151 -22.26 -42.92 -6.89
C SER H 151 -20.98 -42.11 -6.82
N VAL H 152 -20.26 -41.96 -7.94
CA VAL H 152 -18.98 -41.27 -7.89
C VAL H 152 -19.15 -39.77 -7.67
N LYS H 153 -20.09 -39.15 -8.40
CA LYS H 153 -20.31 -37.71 -8.27
C LYS H 153 -21.17 -37.33 -7.07
N ASN H 154 -21.87 -38.28 -6.46
CA ASN H 154 -22.49 -38.07 -5.16
C ASN H 154 -21.62 -38.53 -4.00
N GLY H 155 -20.46 -39.13 -4.26
CA GLY H 155 -19.57 -39.54 -3.19
C GLY H 155 -19.93 -40.84 -2.50
N THR H 156 -21.00 -41.51 -2.92
CA THR H 156 -21.51 -42.71 -2.24
C THR H 156 -21.03 -43.98 -2.93
N TYR H 157 -19.81 -43.98 -3.46
CA TYR H 157 -19.26 -45.18 -4.10
C TYR H 157 -18.94 -46.22 -3.04
N ASP H 158 -19.85 -47.16 -2.83
CA ASP H 158 -19.64 -48.22 -1.85
C ASP H 158 -18.64 -49.22 -2.41
N TYR H 159 -17.47 -49.29 -1.80
CA TYR H 159 -16.43 -50.20 -2.27
C TYR H 159 -16.82 -51.68 -2.20
N PRO H 160 -17.36 -52.20 -1.09
CA PRO H 160 -17.44 -53.67 -0.94
C PRO H 160 -18.22 -54.41 -2.02
N LYS H 161 -19.30 -53.84 -2.55
CA LYS H 161 -20.13 -54.60 -3.49
C LYS H 161 -19.45 -54.79 -4.84
N TYR H 162 -18.42 -54.00 -5.14
CA TYR H 162 -17.60 -54.16 -6.33
C TYR H 162 -16.20 -54.67 -5.99
N SER H 163 -15.93 -55.00 -4.72
CA SER H 163 -14.56 -55.34 -4.34
C SER H 163 -14.09 -56.62 -5.02
N GLU H 164 -14.86 -57.70 -4.88
CA GLU H 164 -14.39 -59.00 -5.33
C GLU H 164 -14.24 -59.05 -6.84
N GLU H 165 -15.08 -58.32 -7.57
CA GLU H 165 -14.95 -58.28 -9.02
C GLU H 165 -13.59 -57.73 -9.40
N SER H 166 -13.18 -56.63 -8.76
CA SER H 166 -11.86 -56.08 -9.04
C SER H 166 -10.79 -57.08 -8.65
N LYS H 167 -10.99 -57.79 -7.53
CA LYS H 167 -10.02 -58.78 -7.10
C LYS H 167 -9.87 -59.86 -8.15
N LEU H 168 -10.97 -60.25 -8.80
CA LEU H 168 -10.85 -61.24 -9.86
C LEU H 168 -10.09 -60.66 -11.05
N ASN H 169 -10.43 -59.42 -11.44
CA ASN H 169 -9.81 -58.81 -12.62
C ASN H 169 -8.36 -58.43 -12.40
N ARG H 170 -7.87 -58.42 -11.15
CA ARG H 170 -6.47 -58.12 -10.87
C ARG H 170 -5.52 -58.98 -11.69
N GLU H 171 -5.84 -60.26 -11.87
CA GLU H 171 -5.02 -61.20 -12.63
C GLU H 171 -5.79 -61.82 -13.79
N LYS H 172 -7.06 -62.13 -13.60
CA LYS H 172 -8.00 -62.54 -14.65
C LYS H 172 -7.71 -63.91 -15.27
N ILE H 173 -6.64 -64.58 -14.87
CA ILE H 173 -6.28 -65.88 -15.44
C ILE H 173 -5.89 -66.81 -14.29
N GLU I 22 12.18 -5.59 -22.99
CA GLU I 22 13.05 -4.78 -23.88
C GLU I 22 13.99 -3.91 -23.06
N VAL I 23 15.13 -4.48 -22.68
CA VAL I 23 16.16 -3.81 -21.89
C VAL I 23 17.24 -3.34 -22.85
N GLN I 24 17.41 -2.02 -22.97
CA GLN I 24 18.40 -1.47 -23.89
C GLN I 24 19.80 -1.63 -23.33
N LEU I 25 20.48 -2.71 -23.72
CA LEU I 25 21.84 -2.96 -23.24
C LEU I 25 22.82 -2.00 -23.93
N VAL I 26 23.63 -1.32 -23.14
CA VAL I 26 24.63 -0.38 -23.63
C VAL I 26 25.99 -0.88 -23.14
N GLN I 27 26.69 -1.60 -24.00
CA GLN I 27 28.01 -2.11 -23.64
C GLN I 27 29.05 -0.99 -23.74
N SER I 28 30.27 -1.30 -23.31
CA SER I 28 31.34 -0.32 -23.27
C SER I 28 31.78 0.05 -24.68
N GLY I 29 32.77 0.93 -24.77
CA GLY I 29 33.31 1.37 -26.04
C GLY I 29 34.31 0.36 -26.60
N ALA I 30 35.10 0.83 -27.56
CA ALA I 30 36.13 0.04 -28.21
C ALA I 30 37.50 0.37 -27.60
N GLU I 31 38.29 -0.66 -27.34
CA GLU I 31 39.60 -0.48 -26.74
C GLU I 31 40.55 -1.58 -27.23
N VAL I 32 41.84 -1.28 -27.16
CA VAL I 32 42.90 -2.19 -27.55
C VAL I 32 43.96 -2.21 -26.46
N LYS I 33 44.58 -3.37 -26.26
CA LYS I 33 45.60 -3.51 -25.23
C LYS I 33 46.68 -4.49 -25.70
N LYS I 34 47.85 -4.38 -25.07
CA LYS I 34 48.97 -5.24 -25.40
C LYS I 34 48.71 -6.67 -24.90
N PRO I 35 49.30 -7.68 -25.53
CA PRO I 35 49.15 -9.05 -25.01
C PRO I 35 49.71 -9.18 -23.60
N GLY I 36 49.06 -10.04 -22.82
CA GLY I 36 49.45 -10.28 -21.44
C GLY I 36 49.04 -9.17 -20.49
N SER I 37 47.73 -8.93 -20.41
CA SER I 37 47.17 -7.89 -19.55
C SER I 37 45.71 -8.27 -19.29
N SER I 38 44.94 -7.33 -18.73
CA SER I 38 43.53 -7.55 -18.41
C SER I 38 42.65 -6.60 -19.23
N VAL I 39 41.38 -6.99 -19.36
CA VAL I 39 40.40 -6.26 -20.14
C VAL I 39 39.15 -6.03 -19.28
N ARG I 40 38.44 -4.94 -19.58
CA ARG I 40 37.22 -4.56 -18.85
C ARG I 40 36.15 -4.15 -19.85
N VAL I 41 35.21 -5.07 -20.15
CA VAL I 41 34.09 -4.80 -21.04
C VAL I 41 32.81 -4.84 -20.21
N SER I 42 32.07 -3.73 -20.21
CA SER I 42 30.84 -3.58 -19.45
C SER I 42 29.64 -4.04 -20.26
N CYS I 43 28.54 -4.30 -19.56
CA CYS I 43 27.26 -4.64 -20.17
C CYS I 43 26.15 -3.87 -19.47
N LYS I 44 26.36 -2.56 -19.31
CA LYS I 44 25.41 -1.68 -18.62
C LYS I 44 24.04 -1.77 -19.27
N ALA I 45 23.05 -2.19 -18.48
CA ALA I 45 21.68 -2.35 -18.94
C ALA I 45 20.92 -1.04 -18.76
N SER I 46 19.62 -1.08 -19.05
CA SER I 46 18.74 0.08 -18.93
C SER I 46 17.90 0.05 -17.65
N GLY I 47 17.43 -1.12 -17.25
CA GLY I 47 16.64 -1.25 -16.03
C GLY I 47 17.14 -2.41 -15.19
N GLY I 48 16.82 -2.34 -13.90
CA GLY I 48 17.19 -3.39 -12.97
C GLY I 48 16.60 -4.72 -13.38
N THR I 49 17.45 -5.75 -13.47
CA THR I 49 17.03 -7.05 -13.97
C THR I 49 17.90 -8.09 -13.29
N PHE I 50 17.34 -9.28 -13.02
CA PHE I 50 18.06 -10.39 -12.40
C PHE I 50 18.15 -11.64 -13.28
N SER I 51 17.92 -11.51 -14.58
CA SER I 51 18.10 -12.63 -15.46
C SER I 51 19.59 -12.93 -15.62
N ALA I 52 19.88 -14.11 -16.17
CA ALA I 52 21.26 -14.54 -16.31
C ALA I 52 22.00 -13.64 -17.31
N ILE I 53 23.30 -13.83 -17.38
CA ILE I 53 24.19 -13.09 -18.26
C ILE I 53 25.00 -14.11 -19.05
N SER I 54 25.16 -13.87 -20.35
CA SER I 54 26.00 -14.70 -21.19
C SER I 54 26.90 -13.80 -22.02
N TRP I 55 28.11 -14.27 -22.26
CA TRP I 55 29.09 -13.58 -23.09
C TRP I 55 29.55 -14.50 -24.20
N VAL I 56 29.68 -13.94 -25.40
CA VAL I 56 30.08 -14.71 -26.56
C VAL I 56 31.15 -13.94 -27.34
N ARG I 57 32.04 -14.70 -27.97
CA ARG I 57 33.16 -14.20 -28.75
C ARG I 57 32.79 -14.29 -30.23
N GLN I 58 32.99 -13.19 -30.96
CA GLN I 58 32.88 -13.19 -32.42
C GLN I 58 34.27 -12.89 -32.96
N ALA I 59 35.08 -13.94 -33.08
CA ALA I 59 36.36 -13.84 -33.76
C ALA I 59 36.10 -13.80 -35.28
N PRO I 60 36.81 -12.95 -36.03
CA PRO I 60 36.56 -12.92 -37.49
C PRO I 60 36.83 -14.28 -38.13
N GLY I 61 35.87 -14.74 -38.93
CA GLY I 61 35.95 -16.02 -39.60
C GLY I 61 35.51 -17.23 -38.79
N GLN I 62 35.32 -17.09 -37.48
CA GLN I 62 34.91 -18.21 -36.62
C GLN I 62 33.47 -17.99 -36.16
N GLY I 63 32.86 -19.06 -35.64
CA GLY I 63 31.51 -19.00 -35.14
C GLY I 63 31.43 -18.60 -33.69
N LEU I 64 30.19 -18.43 -33.22
CA LEU I 64 29.93 -18.08 -31.83
C LEU I 64 30.30 -19.23 -30.90
N GLU I 65 30.70 -18.88 -29.68
CA GLU I 65 30.96 -19.87 -28.64
C GLU I 65 30.81 -19.18 -27.28
N TRP I 66 30.03 -19.78 -26.39
CA TRP I 66 29.76 -19.19 -25.08
C TRP I 66 30.94 -19.47 -24.14
N MET I 67 31.45 -18.38 -23.55
CA MET I 67 32.64 -18.43 -22.71
C MET I 67 32.30 -18.67 -21.24
N GLY I 68 31.53 -17.78 -20.64
CA GLY I 68 31.20 -17.85 -19.23
C GLY I 68 29.86 -17.19 -18.96
N GLY I 69 29.45 -17.23 -17.70
CA GLY I 69 28.20 -16.64 -17.32
C GLY I 69 27.79 -16.97 -15.89
N ILE I 70 26.96 -16.13 -15.28
CA ILE I 70 26.52 -16.34 -13.91
C ILE I 70 25.00 -16.29 -13.94
N ILE I 71 24.39 -16.90 -12.95
CA ILE I 71 22.94 -16.85 -12.75
C ILE I 71 22.71 -16.11 -11.43
N PRO I 72 22.04 -14.93 -11.40
CA PRO I 72 21.86 -14.23 -10.12
C PRO I 72 21.03 -14.95 -9.07
N VAL I 73 20.50 -16.12 -9.40
CA VAL I 73 19.74 -16.96 -8.48
C VAL I 73 20.72 -17.85 -7.73
N PHE I 74 21.44 -18.71 -8.45
CA PHE I 74 22.49 -19.50 -7.82
C PHE I 74 23.59 -18.61 -7.28
N GLY I 75 24.02 -17.63 -8.08
CA GLY I 75 25.14 -16.80 -7.73
C GLY I 75 26.48 -17.36 -8.15
N THR I 76 26.54 -18.65 -8.50
CA THR I 76 27.76 -19.27 -8.95
C THR I 76 28.10 -18.79 -10.35
N ALA I 77 29.40 -18.79 -10.67
CA ALA I 77 29.90 -18.34 -11.95
C ALA I 77 30.40 -19.55 -12.75
N ASN I 78 29.59 -19.99 -13.70
CA ASN I 78 29.94 -21.12 -14.55
C ASN I 78 30.74 -20.63 -15.75
N TYR I 79 31.54 -21.54 -16.31
CA TYR I 79 32.51 -21.19 -17.34
C TYR I 79 32.68 -22.37 -18.28
N ALA I 80 33.22 -22.09 -19.46
CA ALA I 80 33.56 -23.15 -20.39
C ALA I 80 34.76 -23.93 -19.85
N GLN I 81 34.76 -25.23 -20.11
CA GLN I 81 35.80 -26.11 -19.54
C GLN I 81 37.17 -25.88 -20.15
N LYS I 82 37.27 -25.12 -21.24
CA LYS I 82 38.56 -24.73 -21.82
C LYS I 82 38.97 -23.30 -21.48
N PHE I 83 38.19 -22.57 -20.67
CA PHE I 83 38.42 -21.17 -20.40
C PHE I 83 38.55 -20.83 -18.92
N GLN I 84 38.14 -21.72 -18.02
CA GLN I 84 38.07 -21.38 -16.59
C GLN I 84 39.44 -20.95 -16.05
N GLY I 85 39.40 -20.00 -15.13
CA GLY I 85 40.62 -19.42 -14.59
C GLY I 85 41.08 -18.18 -15.35
N ARG I 86 41.28 -18.33 -16.66
CA ARG I 86 41.72 -17.20 -17.47
C ARG I 86 40.66 -16.10 -17.55
N VAL I 87 39.38 -16.45 -17.42
CA VAL I 87 38.28 -15.50 -17.57
C VAL I 87 37.43 -15.51 -16.31
N THR I 88 37.05 -14.32 -15.83
CA THR I 88 36.12 -14.20 -14.72
C THR I 88 35.01 -13.20 -15.06
N ILE I 89 33.83 -13.51 -14.55
CA ILE I 89 32.61 -12.73 -14.73
C ILE I 89 32.06 -12.40 -13.35
N THR I 90 31.79 -11.12 -13.13
CA THR I 90 31.13 -10.65 -11.92
C THR I 90 30.09 -9.63 -12.34
N ALA I 91 28.92 -9.69 -11.70
CA ALA I 91 27.83 -8.78 -12.01
C ALA I 91 27.13 -8.49 -10.69
N ASP I 92 27.45 -7.35 -10.11
CA ASP I 92 26.84 -6.97 -8.84
C ASP I 92 25.34 -6.88 -9.01
N ASP I 93 24.61 -7.54 -8.12
CA ASP I 93 23.15 -7.47 -8.20
C ASP I 93 22.63 -6.06 -7.96
N SER I 94 23.42 -5.22 -7.28
CA SER I 94 22.98 -3.87 -6.96
C SER I 94 22.74 -3.05 -8.21
N THR I 95 23.67 -3.09 -9.17
CA THR I 95 23.54 -2.36 -10.43
C THR I 95 23.17 -3.25 -11.61
N SER I 96 23.20 -4.57 -11.45
CA SER I 96 22.88 -5.52 -12.53
C SER I 96 23.74 -5.29 -13.77
N THR I 97 24.95 -4.76 -13.61
CA THR I 97 25.86 -4.49 -14.71
C THR I 97 26.93 -5.58 -14.71
N ALA I 98 27.01 -6.33 -15.80
CA ALA I 98 27.96 -7.43 -15.92
C ALA I 98 29.33 -6.92 -16.35
N TYR I 99 30.37 -7.45 -15.71
CA TYR I 99 31.74 -7.12 -15.97
C TYR I 99 32.43 -8.30 -16.64
N MET I 100 33.40 -7.99 -17.49
CA MET I 100 34.07 -8.94 -18.36
C MET I 100 35.58 -8.83 -18.14
N GLU I 101 36.20 -9.84 -17.50
CA GLU I 101 37.64 -9.81 -17.27
C GLU I 101 38.26 -11.07 -17.85
N VAL I 102 39.33 -10.87 -18.62
CA VAL I 102 40.15 -11.95 -19.14
C VAL I 102 41.59 -11.60 -18.85
N SER I 103 42.29 -12.46 -18.12
CA SER I 103 43.68 -12.25 -17.79
C SER I 103 44.57 -12.90 -18.85
N SER I 104 45.78 -12.36 -18.99
CA SER I 104 46.77 -12.87 -19.94
C SER I 104 46.22 -12.85 -21.37
N LEU I 105 45.94 -11.64 -21.86
CA LEU I 105 45.44 -11.49 -23.21
C LEU I 105 46.47 -11.97 -24.23
N ARG I 106 45.98 -12.55 -25.32
CA ARG I 106 46.82 -13.01 -26.41
C ARG I 106 46.20 -12.63 -27.75
N SER I 107 47.04 -12.67 -28.79
CA SER I 107 46.71 -12.05 -30.07
C SER I 107 45.49 -12.68 -30.74
N ASP I 108 45.40 -14.01 -30.75
CA ASP I 108 44.31 -14.66 -31.47
C ASP I 108 42.95 -14.44 -30.82
N ASP I 109 42.90 -13.89 -29.61
CA ASP I 109 41.65 -13.48 -28.98
C ASP I 109 41.08 -12.18 -29.57
N THR I 110 41.68 -11.65 -30.64
CA THR I 110 41.13 -10.48 -31.32
C THR I 110 39.73 -10.81 -31.82
N ALA I 111 38.75 -10.03 -31.40
CA ALA I 111 37.35 -10.31 -31.71
C ALA I 111 36.48 -9.13 -31.30
N VAL I 112 35.17 -9.29 -31.53
CA VAL I 112 34.15 -8.39 -31.00
C VAL I 112 33.29 -9.18 -30.02
N TYR I 113 32.92 -8.54 -28.91
CA TYR I 113 32.33 -9.24 -27.76
C TYR I 113 30.86 -8.87 -27.67
N TYR I 114 29.99 -9.89 -27.45
CA TYR I 114 28.55 -9.68 -27.39
C TYR I 114 28.02 -10.20 -26.05
N CYS I 115 27.19 -9.37 -25.39
CA CYS I 115 26.61 -9.67 -24.08
C CYS I 115 25.10 -9.89 -24.19
N ALA I 116 24.62 -10.98 -23.61
CA ALA I 116 23.20 -11.36 -23.60
C ALA I 116 22.63 -11.21 -22.19
N ARG I 117 21.42 -10.65 -22.12
CA ARG I 117 20.66 -10.39 -20.91
C ARG I 117 19.66 -11.48 -20.54
N GLU I 118 19.42 -12.46 -21.42
CA GLU I 118 18.61 -13.63 -21.07
C GLU I 118 17.16 -13.26 -20.73
N GLU I 119 16.43 -12.69 -21.69
CA GLU I 119 15.05 -12.29 -21.42
C GLU I 119 14.23 -12.29 -22.71
N THR I 120 13.30 -13.25 -22.82
CA THR I 120 12.42 -13.40 -23.97
C THR I 120 11.06 -12.76 -23.68
N TRP I 121 10.09 -12.97 -24.57
CA TRP I 121 8.76 -12.41 -24.38
C TRP I 121 8.02 -13.10 -23.24
N LYS I 122 8.22 -14.41 -23.08
CA LYS I 122 7.55 -15.17 -22.03
C LYS I 122 8.28 -15.04 -20.70
N GLY I 123 8.52 -13.80 -20.26
CA GLY I 123 9.20 -13.57 -19.01
C GLY I 123 10.68 -13.89 -19.13
N ALA I 124 11.38 -13.72 -18.01
CA ALA I 124 12.79 -14.05 -17.93
C ALA I 124 12.95 -15.56 -17.85
N THR I 125 13.36 -16.18 -18.95
CA THR I 125 13.59 -17.62 -19.03
C THR I 125 15.09 -17.86 -19.13
N ILE I 126 15.54 -18.97 -18.54
CA ILE I 126 16.95 -19.32 -18.47
C ILE I 126 17.21 -20.53 -19.36
N GLY I 127 18.34 -20.50 -20.06
CA GLY I 127 18.66 -21.46 -21.10
C GLY I 127 18.45 -20.95 -22.51
N VAL I 128 18.18 -19.66 -22.67
CA VAL I 128 17.88 -19.02 -23.95
C VAL I 128 18.84 -17.84 -24.01
N MET I 129 18.75 -16.96 -25.01
CA MET I 129 19.46 -15.69 -25.01
C MET I 129 18.56 -14.47 -25.03
N GLY I 130 17.37 -14.56 -25.61
CA GLY I 130 16.49 -13.40 -25.65
C GLY I 130 17.14 -12.23 -26.36
N ILE I 131 17.13 -11.08 -25.70
CA ILE I 131 17.77 -9.88 -26.25
C ILE I 131 19.29 -9.99 -26.13
N TRP I 132 19.98 -9.24 -26.99
CA TRP I 132 21.43 -9.29 -27.13
C TRP I 132 22.00 -7.88 -26.97
N GLY I 133 23.32 -7.81 -26.85
CA GLY I 133 24.03 -6.55 -26.80
C GLY I 133 24.19 -5.96 -28.18
N GLN I 134 25.26 -5.18 -28.37
CA GLN I 134 25.52 -4.53 -29.64
C GLN I 134 26.91 -4.83 -30.17
N GLY I 135 27.88 -5.03 -29.28
CA GLY I 135 29.24 -5.37 -29.68
C GLY I 135 30.32 -4.43 -29.16
N THR I 136 31.42 -4.99 -28.66
CA THR I 136 32.56 -4.19 -28.24
C THR I 136 33.80 -4.75 -28.90
N MET I 137 34.42 -3.93 -29.76
CA MET I 137 35.64 -4.31 -30.47
C MET I 137 36.82 -4.40 -29.51
N VAL I 138 37.38 -5.60 -29.36
CA VAL I 138 38.53 -5.84 -28.50
C VAL I 138 39.51 -6.59 -29.40
N THR I 139 40.54 -5.89 -29.88
CA THR I 139 41.56 -6.47 -30.74
C THR I 139 42.89 -6.40 -30.00
N VAL I 140 43.57 -7.53 -29.89
CA VAL I 140 44.85 -7.64 -29.21
C VAL I 140 45.92 -7.79 -30.28
N SER I 141 46.80 -6.80 -30.39
CA SER I 141 47.87 -6.80 -31.37
C SER I 141 48.92 -5.78 -30.92
N SER I 142 49.88 -5.51 -31.80
CA SER I 142 50.94 -4.55 -31.52
C SER I 142 50.63 -3.17 -32.10
N ASP J 22 30.65 -29.70 -23.59
CA ASP J 22 30.63 -31.18 -23.38
C ASP J 22 29.84 -31.89 -24.46
N ILE J 23 28.86 -31.20 -25.04
CA ILE J 23 28.05 -31.72 -26.13
C ILE J 23 28.25 -30.83 -27.35
N GLN J 24 28.55 -31.44 -28.49
CA GLN J 24 28.87 -30.70 -29.70
C GLN J 24 27.64 -30.60 -30.57
N MET J 25 27.40 -29.40 -31.10
CA MET J 25 26.26 -29.10 -31.96
C MET J 25 26.73 -29.14 -33.40
N THR J 26 26.53 -30.28 -34.05
CA THR J 26 26.97 -30.49 -35.42
C THR J 26 25.86 -30.05 -36.38
N GLN J 27 26.07 -28.89 -37.00
CA GLN J 27 25.15 -28.38 -38.00
C GLN J 27 25.22 -29.24 -39.25
N SER J 28 24.09 -29.41 -39.92
CA SER J 28 24.05 -30.19 -41.15
C SER J 28 22.84 -29.73 -41.97
N PRO J 29 22.99 -29.38 -43.26
CA PRO J 29 24.20 -29.38 -44.10
C PRO J 29 25.14 -28.22 -43.79
N SER J 30 26.38 -28.32 -44.25
CA SER J 30 27.38 -27.31 -43.93
C SER J 30 27.02 -25.95 -44.53
N SER J 31 26.71 -25.93 -45.83
CA SER J 31 26.38 -24.68 -46.49
C SER J 31 25.75 -24.92 -47.86
N LEU J 32 24.61 -24.28 -48.11
CA LEU J 32 23.90 -24.35 -49.38
C LEU J 32 23.50 -22.94 -49.82
N SER J 33 22.94 -22.86 -51.02
CA SER J 33 22.46 -21.61 -51.61
C SER J 33 21.06 -21.83 -52.15
N ALA J 34 20.28 -20.76 -52.20
CA ALA J 34 18.90 -20.82 -52.66
C ALA J 34 18.49 -19.46 -53.20
N SER J 35 17.20 -19.32 -53.48
CA SER J 35 16.62 -18.08 -54.03
C SER J 35 15.46 -17.62 -53.17
N VAL J 36 14.72 -16.62 -53.64
CA VAL J 36 13.59 -16.08 -52.89
C VAL J 36 12.42 -17.04 -53.00
N GLY J 37 11.92 -17.50 -51.85
CA GLY J 37 10.76 -18.38 -51.83
C GLY J 37 11.06 -19.82 -52.21
N ASP J 38 11.88 -20.48 -51.39
CA ASP J 38 12.28 -21.87 -51.59
C ASP J 38 12.03 -22.66 -50.32
N ARG J 39 12.39 -23.95 -50.36
CA ARG J 39 12.26 -24.88 -49.24
C ARG J 39 13.67 -25.27 -48.77
N VAL J 40 14.01 -24.88 -47.54
CA VAL J 40 15.31 -25.19 -46.95
C VAL J 40 15.09 -25.73 -45.55
N THR J 41 15.93 -26.68 -45.14
CA THR J 41 15.87 -27.30 -43.83
C THR J 41 17.27 -27.27 -43.24
N ILE J 42 17.37 -26.84 -41.99
CA ILE J 42 18.63 -26.83 -41.24
C ILE J 42 18.48 -27.81 -40.09
N THR J 43 19.36 -28.82 -40.05
CA THR J 43 19.33 -29.88 -39.06
C THR J 43 20.46 -29.69 -38.06
N CYS J 44 20.11 -29.70 -36.77
CA CYS J 44 21.07 -29.64 -35.68
C CYS J 44 21.17 -31.02 -35.05
N ARG J 45 22.37 -31.58 -34.98
CA ARG J 45 22.59 -32.92 -34.45
C ARG J 45 23.40 -32.81 -33.17
N ALA J 46 22.97 -33.52 -32.13
CA ALA J 46 23.61 -33.52 -30.82
C ALA J 46 23.97 -34.95 -30.42
N SER J 47 25.17 -35.12 -29.87
CA SER J 47 25.59 -36.43 -29.40
C SER J 47 24.68 -36.91 -28.26
N GLN J 48 24.66 -36.16 -27.15
CA GLN J 48 23.80 -36.48 -26.03
C GLN J 48 22.44 -35.81 -26.18
N SER J 49 21.41 -36.46 -25.65
CA SER J 49 20.05 -35.93 -25.70
C SER J 49 19.94 -34.70 -24.82
N ILE J 50 19.52 -33.58 -25.41
CA ILE J 50 19.35 -32.31 -24.71
C ILE J 50 17.87 -31.98 -24.50
N SER J 51 17.01 -32.99 -24.53
CA SER J 51 15.56 -32.81 -24.38
C SER J 51 15.01 -31.87 -25.44
N SER J 52 14.54 -30.66 -25.06
CA SER J 52 13.97 -29.72 -26.03
C SER J 52 14.44 -28.30 -25.74
N TYR J 53 15.60 -28.14 -25.12
CA TYR J 53 16.15 -26.82 -24.79
C TYR J 53 17.12 -26.34 -25.88
N LEU J 54 16.60 -26.25 -27.10
CA LEU J 54 17.38 -25.81 -28.25
C LEU J 54 17.12 -24.33 -28.51
N ASN J 55 17.89 -23.77 -29.44
CA ASN J 55 17.73 -22.40 -29.92
C ASN J 55 18.09 -22.39 -31.39
N TRP J 56 17.84 -21.25 -32.04
CA TRP J 56 18.11 -21.10 -33.46
C TRP J 56 18.42 -19.63 -33.72
N TYR J 57 19.70 -19.32 -33.91
CA TYR J 57 20.18 -17.96 -34.07
C TYR J 57 20.56 -17.73 -35.53
N GLN J 58 20.04 -16.67 -36.12
CA GLN J 58 20.52 -16.17 -37.39
C GLN J 58 21.49 -15.04 -37.11
N HIS J 59 22.59 -14.99 -37.87
CA HIS J 59 23.66 -14.03 -37.63
C HIS J 59 23.94 -13.32 -38.95
N LYS J 60 23.35 -12.14 -39.09
CA LYS J 60 23.63 -11.29 -40.24
C LYS J 60 25.12 -10.96 -40.24
N PRO J 61 25.80 -10.97 -41.39
CA PRO J 61 27.21 -10.56 -41.39
C PRO J 61 27.38 -9.11 -40.94
N GLY J 62 28.20 -8.91 -39.92
CA GLY J 62 28.38 -7.61 -39.33
C GLY J 62 27.15 -7.08 -38.63
N LYS J 63 26.58 -7.88 -37.74
CA LYS J 63 25.42 -7.45 -36.97
C LYS J 63 25.32 -8.33 -35.72
N ALA J 64 24.57 -7.84 -34.75
CA ALA J 64 24.38 -8.58 -33.50
C ALA J 64 23.53 -9.83 -33.76
N PRO J 65 23.92 -11.01 -33.25
CA PRO J 65 23.08 -12.19 -33.48
C PRO J 65 21.75 -12.06 -32.75
N LYS J 66 20.78 -12.85 -33.18
CA LYS J 66 19.46 -12.80 -32.58
C LYS J 66 18.75 -14.12 -32.87
N LEU J 67 18.02 -14.63 -31.88
CA LEU J 67 17.35 -15.93 -31.99
C LEU J 67 16.01 -15.86 -32.70
N LEU J 68 15.57 -17.04 -33.15
CA LEU J 68 14.28 -17.22 -33.82
C LEU J 68 13.36 -18.15 -33.06
N ILE J 69 13.83 -19.35 -32.72
CA ILE J 69 13.06 -20.38 -32.04
C ILE J 69 13.80 -20.71 -30.74
N PHE J 70 13.10 -20.64 -29.62
CA PHE J 70 13.64 -21.05 -28.33
C PHE J 70 12.80 -22.21 -27.79
N THR J 71 13.45 -23.10 -27.04
CA THR J 71 12.89 -24.37 -26.58
C THR J 71 12.45 -25.27 -27.74
N ALA J 72 12.95 -25.03 -28.96
CA ALA J 72 12.79 -25.87 -30.14
C ALA J 72 11.38 -25.86 -30.73
N SER J 73 10.41 -25.22 -30.07
CA SER J 73 9.04 -25.10 -30.56
C SER J 73 8.49 -23.69 -30.51
N ASN J 74 8.83 -22.92 -29.47
CA ASN J 74 8.23 -21.61 -29.30
C ASN J 74 8.80 -20.63 -30.32
N LEU J 75 8.03 -19.58 -30.57
CA LEU J 75 8.37 -18.56 -31.56
C LEU J 75 8.60 -17.24 -30.83
N GLN J 76 9.73 -16.60 -31.11
CA GLN J 76 10.03 -15.31 -30.49
C GLN J 76 9.07 -14.25 -31.01
N SER J 77 8.74 -13.30 -30.14
CA SER J 77 7.87 -12.21 -30.52
C SER J 77 8.53 -11.33 -31.57
N GLY J 78 7.72 -10.77 -32.45
CA GLY J 78 8.24 -9.92 -33.50
C GLY J 78 9.10 -10.66 -34.50
N VAL J 79 8.69 -11.87 -34.90
CA VAL J 79 9.42 -12.67 -35.86
C VAL J 79 8.42 -13.18 -36.90
N PRO J 80 8.73 -13.18 -38.20
CA PRO J 80 7.78 -13.74 -39.17
C PRO J 80 7.51 -15.21 -38.89
N SER J 81 6.27 -15.62 -39.16
CA SER J 81 5.85 -16.98 -38.86
C SER J 81 6.41 -18.01 -39.83
N ARG J 82 7.19 -17.59 -40.83
CA ARG J 82 7.75 -18.50 -41.81
C ARG J 82 8.74 -19.49 -41.19
N PHE J 83 9.27 -19.20 -40.00
CA PHE J 83 10.20 -20.11 -39.31
C PHE J 83 9.43 -20.99 -38.33
N SER J 84 9.67 -22.30 -38.40
CA SER J 84 8.99 -23.26 -37.54
C SER J 84 10.00 -24.31 -37.10
N GLY J 85 10.42 -24.27 -35.84
CA GLY J 85 11.36 -25.25 -35.33
C GLY J 85 10.68 -26.56 -34.99
N GLY J 86 11.47 -27.51 -34.52
CA GLY J 86 10.89 -28.79 -34.16
C GLY J 86 11.94 -29.83 -33.84
N GLY J 87 11.45 -31.00 -33.44
CA GLY J 87 12.32 -32.10 -33.08
C GLY J 87 12.74 -32.04 -31.62
N SER J 88 13.12 -33.21 -31.09
CA SER J 88 13.52 -33.30 -29.69
C SER J 88 14.44 -34.48 -29.49
N GLY J 89 15.31 -34.36 -28.48
CA GLY J 89 16.24 -35.42 -28.17
C GLY J 89 17.60 -35.17 -28.80
N THR J 90 17.93 -35.99 -29.80
CA THR J 90 19.18 -35.89 -30.54
C THR J 90 18.97 -35.44 -31.97
N ASP J 91 17.72 -35.33 -32.43
CA ASP J 91 17.38 -34.88 -33.77
C ASP J 91 16.44 -33.68 -33.66
N PHE J 92 16.80 -32.60 -34.33
CA PHE J 92 16.03 -31.37 -34.33
C PHE J 92 15.89 -30.87 -35.77
N THR J 93 15.20 -29.74 -35.94
CA THR J 93 14.98 -29.19 -37.26
C THR J 93 14.54 -27.74 -37.15
N LEU J 94 14.54 -27.07 -38.31
CA LEU J 94 14.04 -25.71 -38.44
C LEU J 94 13.55 -25.54 -39.88
N THR J 95 12.23 -25.52 -40.04
CA THR J 95 11.58 -25.57 -41.35
C THR J 95 11.12 -24.15 -41.69
N ILE J 96 11.84 -23.53 -42.62
CA ILE J 96 11.46 -22.22 -43.13
C ILE J 96 10.38 -22.42 -44.19
N SER J 97 9.26 -21.71 -44.01
CA SER J 97 8.16 -21.81 -44.97
C SER J 97 8.55 -21.26 -46.34
N SER J 98 9.25 -20.12 -46.37
CA SER J 98 9.70 -19.52 -47.61
C SER J 98 10.80 -18.52 -47.31
N LEU J 99 11.67 -18.31 -48.30
CA LEU J 99 12.83 -17.43 -48.14
C LEU J 99 12.53 -16.06 -48.73
N GLN J 100 12.85 -15.02 -47.97
CA GLN J 100 12.75 -13.63 -48.39
C GLN J 100 14.15 -13.01 -48.40
N PRO J 101 14.37 -11.94 -49.16
CA PRO J 101 15.73 -11.37 -49.26
C PRO J 101 16.27 -10.74 -47.98
N GLU J 102 15.54 -10.71 -46.86
CA GLU J 102 16.02 -10.10 -45.63
C GLU J 102 16.39 -11.11 -44.53
N ASP J 103 16.39 -12.41 -44.80
CA ASP J 103 16.75 -13.43 -43.81
C ASP J 103 17.77 -14.41 -44.39
N PHE J 104 18.79 -13.87 -45.06
CA PHE J 104 19.90 -14.67 -45.58
C PHE J 104 21.11 -14.46 -44.67
N ALA J 105 21.53 -15.52 -43.98
CA ALA J 105 22.64 -15.42 -43.04
C ALA J 105 23.07 -16.83 -42.64
N THR J 106 24.01 -16.89 -41.69
CA THR J 106 24.43 -18.14 -41.07
C THR J 106 23.48 -18.47 -39.92
N TYR J 107 23.37 -19.77 -39.61
CA TYR J 107 22.45 -20.25 -38.60
C TYR J 107 23.17 -21.13 -37.60
N TYR J 108 22.88 -20.92 -36.32
CA TYR J 108 23.49 -21.64 -35.21
C TYR J 108 22.42 -22.25 -34.33
N CYS J 109 22.73 -23.41 -33.76
CA CYS J 109 21.89 -24.08 -32.78
C CYS J 109 22.65 -24.25 -31.47
N GLN J 110 22.00 -23.91 -30.35
CA GLN J 110 22.55 -23.95 -29.01
C GLN J 110 21.88 -25.04 -28.19
N GLN J 111 22.65 -25.65 -27.29
CA GLN J 111 22.13 -26.56 -26.29
C GLN J 111 22.26 -25.89 -24.94
N SER J 112 21.23 -26.04 -24.10
CA SER J 112 21.27 -25.49 -22.75
C SER J 112 20.74 -26.50 -21.73
N TYR J 113 20.60 -27.77 -22.10
CA TYR J 113 20.17 -28.79 -21.16
C TYR J 113 21.19 -28.97 -20.03
N THR J 114 22.48 -28.98 -20.37
CA THR J 114 23.56 -28.99 -19.39
C THR J 114 24.67 -28.06 -19.85
N SER J 115 25.37 -27.49 -18.87
CA SER J 115 26.53 -26.66 -19.16
C SER J 115 27.72 -27.55 -19.54
N PRO J 116 28.65 -27.06 -20.38
CA PRO J 116 28.71 -25.73 -21.01
C PRO J 116 27.78 -25.61 -22.21
N ARG J 117 27.44 -24.36 -22.53
CA ARG J 117 26.60 -24.02 -23.67
C ARG J 117 27.42 -23.94 -24.94
N THR J 118 27.19 -24.87 -25.87
CA THR J 118 27.93 -24.95 -27.12
C THR J 118 27.08 -24.47 -28.28
N PHE J 119 27.63 -23.58 -29.10
CA PHE J 119 26.97 -23.10 -30.31
C PHE J 119 27.25 -24.08 -31.45
N GLY J 120 26.87 -23.72 -32.68
CA GLY J 120 27.04 -24.56 -33.84
C GLY J 120 28.14 -24.08 -34.78
N GLN J 121 28.14 -24.67 -35.98
CA GLN J 121 29.15 -24.34 -36.99
C GLN J 121 28.75 -23.11 -37.80
N GLY J 122 27.54 -23.11 -38.37
CA GLY J 122 27.06 -22.04 -39.21
C GLY J 122 26.72 -22.48 -40.62
N THR J 123 25.44 -22.39 -40.99
CA THR J 123 24.94 -22.76 -42.31
C THR J 123 24.52 -21.48 -43.02
N LYS J 124 25.31 -21.05 -44.00
CA LYS J 124 25.00 -19.85 -44.76
C LYS J 124 24.09 -20.15 -45.93
N VAL J 125 23.26 -19.17 -46.30
CA VAL J 125 22.43 -19.23 -47.48
C VAL J 125 22.75 -18.00 -48.33
N GLU J 126 22.95 -18.20 -49.63
CA GLU J 126 23.50 -17.18 -50.51
C GLU J 126 22.71 -17.22 -51.81
N ILE J 127 22.70 -16.09 -52.53
CA ILE J 127 21.84 -15.96 -53.70
C ILE J 127 22.29 -16.96 -54.76
N LYS J 128 21.34 -17.75 -55.24
CA LYS J 128 21.61 -18.74 -56.27
C LYS J 128 21.72 -18.04 -57.63
N GLY K 42 22.59 -50.87 -10.87
CA GLY K 42 22.35 -51.03 -9.45
C GLY K 42 20.94 -50.66 -9.07
N ASP K 43 20.78 -49.66 -8.21
CA ASP K 43 19.47 -49.20 -7.75
C ASP K 43 19.62 -47.95 -6.89
N THR K 44 18.60 -47.64 -6.09
CA THR K 44 18.62 -46.55 -5.10
C THR K 44 18.74 -45.14 -5.67
N ILE K 45 17.84 -44.76 -6.60
CA ILE K 45 17.81 -43.34 -6.98
C ILE K 45 17.32 -42.57 -5.76
N CYS K 46 17.58 -41.26 -5.73
CA CYS K 46 17.23 -40.49 -4.54
C CYS K 46 16.95 -39.05 -4.92
N ILE K 47 15.70 -38.61 -4.75
CA ILE K 47 15.38 -37.20 -4.95
C ILE K 47 15.90 -36.42 -3.74
N GLY K 48 16.36 -35.20 -3.98
CA GLY K 48 16.95 -34.41 -2.92
C GLY K 48 16.89 -32.94 -3.29
N TYR K 49 17.66 -32.14 -2.56
CA TYR K 49 17.70 -30.72 -2.85
C TYR K 49 19.07 -30.16 -2.51
N HIS K 50 19.39 -29.02 -3.13
CA HIS K 50 20.72 -28.43 -3.09
C HIS K 50 21.00 -27.77 -1.74
N ALA K 51 22.02 -28.26 -1.02
CA ALA K 51 22.57 -27.60 0.15
C ALA K 51 23.99 -27.13 -0.14
N ASN K 52 24.47 -26.19 0.68
CA ASN K 52 25.80 -25.63 0.50
C ASN K 52 26.28 -25.03 1.81
N ASN K 53 27.55 -24.62 1.83
CA ASN K 53 28.19 -24.02 2.99
C ASN K 53 27.79 -22.57 3.24
N SER K 54 26.81 -22.03 2.53
CA SER K 54 26.41 -20.64 2.75
C SER K 54 25.78 -20.49 4.13
N THR K 55 25.89 -19.26 4.67
CA THR K 55 25.39 -18.95 6.01
C THR K 55 24.41 -17.78 5.99
N ASP K 56 23.89 -17.40 4.83
CA ASP K 56 22.91 -16.33 4.76
C ASP K 56 21.60 -16.76 5.41
N THR K 57 20.99 -15.84 6.16
CA THR K 57 19.76 -16.09 6.88
C THR K 57 18.76 -14.99 6.51
N VAL K 58 17.48 -15.38 6.43
CA VAL K 58 16.39 -14.46 6.09
C VAL K 58 15.27 -14.60 7.12
N ASP K 59 14.29 -13.71 7.01
CA ASP K 59 13.13 -13.68 7.89
C ASP K 59 11.88 -13.93 7.07
N THR K 60 11.06 -14.88 7.51
CA THR K 60 9.78 -15.22 6.90
C THR K 60 8.64 -14.85 7.84
N VAL K 61 7.41 -15.01 7.35
CA VAL K 61 6.22 -14.66 8.13
C VAL K 61 5.77 -15.84 9.01
N LEU K 62 6.42 -17.00 8.89
CA LEU K 62 6.20 -18.15 9.77
C LEU K 62 7.42 -18.49 10.61
N GLU K 63 8.55 -17.82 10.39
CA GLU K 63 9.79 -18.09 11.11
C GLU K 63 10.74 -16.93 10.88
N LYS K 64 11.59 -16.67 11.87
CA LYS K 64 12.56 -15.59 11.82
C LYS K 64 13.97 -16.15 11.90
N ASN K 65 14.90 -15.51 11.19
CA ASN K 65 16.31 -15.91 11.17
C ASN K 65 16.46 -17.38 10.76
N VAL K 66 16.06 -17.68 9.54
CA VAL K 66 16.12 -19.02 8.98
C VAL K 66 17.21 -19.05 7.92
N THR K 67 18.03 -20.10 7.94
CA THR K 67 19.19 -20.20 7.06
C THR K 67 18.79 -20.70 5.68
N VAL K 68 19.31 -20.04 4.64
CA VAL K 68 18.99 -20.38 3.25
C VAL K 68 20.28 -20.70 2.49
N THR K 69 20.12 -21.08 1.22
CA THR K 69 21.27 -21.36 0.35
C THR K 69 21.67 -20.12 -0.44
N HIS K 70 20.73 -19.57 -1.21
CA HIS K 70 20.94 -18.34 -1.96
C HIS K 70 19.86 -17.35 -1.57
N SER K 71 20.20 -16.06 -1.65
CA SER K 71 19.27 -15.00 -1.35
C SER K 71 19.68 -13.77 -2.14
N VAL K 72 18.97 -12.66 -1.91
CA VAL K 72 19.31 -11.40 -2.56
C VAL K 72 18.84 -10.26 -1.68
N ASN K 73 19.67 -9.22 -1.59
CA ASN K 73 19.40 -8.07 -0.73
C ASN K 73 18.73 -7.00 -1.56
N LEU K 74 17.40 -6.94 -1.52
CA LEU K 74 16.70 -5.87 -2.20
C LEU K 74 16.98 -4.50 -1.59
N LEU K 75 17.45 -4.46 -0.34
CA LEU K 75 17.77 -3.20 0.27
C LEU K 75 19.16 -2.75 -0.18
N GLU K 76 19.34 -1.44 -0.26
CA GLU K 76 20.59 -0.82 -0.68
C GLU K 76 21.17 -0.08 0.52
N ASP K 77 22.39 -0.45 0.90
CA ASP K 77 23.07 0.12 2.06
C ASP K 77 24.52 0.46 1.73
N SER K 78 24.79 0.86 0.49
CA SER K 78 26.12 1.23 0.04
C SER K 78 26.02 2.43 -0.89
N HIS K 79 27.11 3.18 -0.96
CA HIS K 79 27.17 4.37 -1.81
C HIS K 79 28.63 4.66 -2.13
N ASN K 80 28.84 5.47 -3.17
CA ASN K 80 30.19 5.87 -3.53
C ASN K 80 30.78 6.85 -2.52
N GLY K 81 29.94 7.52 -1.73
CA GLY K 81 30.43 8.49 -0.76
C GLY K 81 30.79 9.84 -1.33
N LYS K 82 30.62 10.08 -2.63
CA LYS K 82 30.98 11.34 -3.26
C LYS K 82 29.85 11.85 -4.14
N LEU K 83 30.10 12.91 -4.90
CA LEU K 83 29.11 13.56 -5.74
C LEU K 83 29.54 13.51 -7.20
N CYS K 84 28.63 13.03 -8.06
CA CYS K 84 28.94 12.93 -9.48
C CYS K 84 27.67 13.17 -10.30
N ARG K 85 27.81 13.02 -11.61
CA ARG K 85 26.78 13.45 -12.55
C ARG K 85 25.53 12.58 -12.49
N LEU K 86 24.40 13.22 -12.73
CA LEU K 86 23.08 12.60 -12.80
C LEU K 86 22.48 12.90 -14.16
N LYS K 87 21.85 11.89 -14.76
CA LYS K 87 21.30 11.97 -16.12
C LYS K 87 22.38 12.33 -17.15
N GLY K 88 23.66 12.13 -16.81
CA GLY K 88 24.76 12.52 -17.66
C GLY K 88 25.28 13.93 -17.48
N ILE K 89 24.62 14.76 -16.66
CA ILE K 89 25.01 16.14 -16.44
C ILE K 89 25.51 16.30 -15.01
N ALA K 90 26.65 16.97 -14.87
CA ALA K 90 27.26 17.20 -13.56
C ALA K 90 26.37 18.10 -12.70
N PRO K 91 26.21 17.83 -11.40
CA PRO K 91 25.44 18.75 -10.56
C PRO K 91 26.26 19.99 -10.23
N LEU K 92 25.54 21.06 -9.89
CA LEU K 92 26.21 22.28 -9.52
C LEU K 92 26.94 22.08 -8.19
N GLN K 93 28.04 22.83 -8.04
CA GLN K 93 28.89 22.76 -6.85
C GLN K 93 29.01 24.15 -6.26
N LEU K 94 28.52 24.32 -5.04
CA LEU K 94 28.62 25.57 -4.29
C LEU K 94 29.43 25.29 -3.03
N GLY K 95 30.76 25.40 -3.15
CA GLY K 95 31.63 25.20 -2.01
C GLY K 95 31.45 26.28 -0.96
N ASN K 96 30.86 25.91 0.17
CA ASN K 96 30.62 26.82 1.29
C ASN K 96 29.85 28.07 0.84
N CYS K 97 28.84 27.86 0.01
CA CYS K 97 28.00 28.93 -0.51
C CYS K 97 26.55 28.48 -0.52
N SER K 98 25.65 29.42 -0.23
CA SER K 98 24.22 29.17 -0.24
C SER K 98 23.68 29.27 -1.66
N VAL K 99 22.43 28.84 -1.84
CA VAL K 99 21.78 29.02 -3.14
C VAL K 99 21.66 30.50 -3.46
N ALA K 100 21.26 31.32 -2.48
CA ALA K 100 21.33 32.76 -2.66
C ALA K 100 22.76 33.24 -2.83
N GLY K 101 23.73 32.52 -2.27
CA GLY K 101 25.12 32.93 -2.37
C GLY K 101 25.65 33.00 -3.79
N TRP K 102 25.19 32.10 -4.67
CA TRP K 102 25.59 32.18 -6.07
C TRP K 102 24.50 32.75 -6.96
N ILE K 103 23.22 32.52 -6.66
CA ILE K 103 22.15 33.14 -7.44
C ILE K 103 22.28 34.66 -7.36
N LEU K 104 22.44 35.17 -6.13
CA LEU K 104 22.90 36.54 -5.92
C LEU K 104 24.40 36.45 -5.73
N GLY K 105 25.16 36.87 -6.74
CA GLY K 105 26.58 36.61 -6.78
C GLY K 105 27.34 37.18 -5.60
N ASN K 106 27.74 36.32 -4.67
CA ASN K 106 28.51 36.76 -3.51
C ASN K 106 29.97 36.97 -3.92
N PRO K 107 30.66 38.01 -3.39
CA PRO K 107 32.09 38.13 -3.69
C PRO K 107 32.89 36.87 -3.34
N GLU K 108 32.52 36.21 -2.24
CA GLU K 108 33.18 34.97 -1.87
C GLU K 108 32.74 33.79 -2.72
N CYS K 109 31.60 33.90 -3.41
CA CYS K 109 31.05 32.81 -4.21
C CYS K 109 31.21 33.04 -5.71
N GLU K 110 31.96 34.08 -6.10
CA GLU K 110 32.19 34.33 -7.52
C GLU K 110 33.19 33.37 -8.14
N LEU K 111 33.86 32.54 -7.33
CA LEU K 111 34.76 31.50 -7.83
C LEU K 111 34.02 30.24 -8.30
N LEU K 112 32.71 30.31 -8.52
CA LEU K 112 31.94 29.15 -8.89
C LEU K 112 32.36 28.64 -10.27
N ILE K 113 31.99 27.38 -10.54
CA ILE K 113 32.23 26.77 -11.85
C ILE K 113 31.04 27.16 -12.71
N SER K 114 31.25 28.16 -13.57
CA SER K 114 30.18 28.73 -14.39
C SER K 114 29.87 27.76 -15.53
N ARG K 115 29.10 26.73 -15.22
CA ARG K 115 28.69 25.74 -16.20
C ARG K 115 27.40 26.22 -16.87
N GLU K 116 26.78 25.35 -17.67
CA GLU K 116 25.60 25.69 -18.46
C GLU K 116 24.35 24.92 -18.05
N SER K 117 24.48 23.65 -17.64
CA SER K 117 23.35 22.85 -17.25
C SER K 117 23.73 21.99 -16.05
N TRP K 118 22.71 21.62 -15.27
CA TRP K 118 22.91 20.78 -14.09
C TRP K 118 21.65 19.98 -13.83
N SER K 119 21.81 18.89 -13.08
CA SER K 119 20.71 18.02 -12.71
C SER K 119 20.18 18.29 -11.31
N TYR K 120 21.01 18.85 -10.43
CA TYR K 120 20.59 19.25 -9.10
C TYR K 120 21.71 20.07 -8.48
N ILE K 121 21.33 21.10 -7.72
CA ILE K 121 22.31 21.95 -7.06
C ILE K 121 22.62 21.36 -5.69
N VAL K 122 23.76 21.77 -5.14
CA VAL K 122 24.26 21.27 -3.87
C VAL K 122 24.66 22.45 -2.99
N GLU K 123 24.22 22.41 -1.73
CA GLU K 123 24.49 23.43 -0.74
C GLU K 123 25.16 22.80 0.47
N LYS K 124 26.17 23.47 1.01
CA LYS K 124 26.74 23.00 2.27
C LYS K 124 25.69 23.15 3.37
N PRO K 125 25.60 22.20 4.34
CA PRO K 125 24.61 22.37 5.41
C PRO K 125 24.85 23.62 6.23
N ASN K 126 23.92 24.58 6.14
CA ASN K 126 24.04 25.87 6.80
C ASN K 126 25.35 26.56 6.41
N PRO K 127 25.49 26.99 5.16
CA PRO K 127 26.75 27.60 4.73
C PRO K 127 26.95 28.97 5.37
N GLU K 128 28.22 29.34 5.53
CA GLU K 128 28.53 30.58 6.24
C GLU K 128 28.33 31.81 5.34
N ASN K 129 28.94 31.82 4.15
CA ASN K 129 28.88 32.97 3.26
C ASN K 129 27.73 32.80 2.29
N GLY K 130 26.52 33.03 2.78
CA GLY K 130 25.34 33.04 1.96
C GLY K 130 25.03 34.46 1.52
N THR K 131 23.93 35.02 2.00
CA THR K 131 23.63 36.43 1.76
C THR K 131 24.57 37.28 2.61
N CYS K 132 25.53 37.94 1.95
CA CYS K 132 26.49 38.76 2.68
C CYS K 132 25.80 39.90 3.42
N TYR K 133 24.79 40.52 2.79
CA TYR K 133 24.01 41.52 3.50
C TYR K 133 22.84 40.84 4.21
N PRO K 134 22.58 41.10 5.49
CA PRO K 134 21.53 40.35 6.18
C PRO K 134 20.15 40.81 5.76
N GLY K 135 19.24 39.86 5.65
CA GLY K 135 17.88 40.19 5.26
C GLY K 135 17.05 38.95 5.04
N HIS K 136 15.85 39.19 4.51
CA HIS K 136 14.86 38.15 4.27
C HIS K 136 14.72 37.94 2.77
N PHE K 137 14.91 36.71 2.33
CA PHE K 137 14.78 36.32 0.93
C PHE K 137 13.36 35.87 0.69
N ALA K 138 12.54 36.76 0.11
CA ALA K 138 11.14 36.45 -0.15
C ALA K 138 10.99 35.32 -1.16
N ASP K 139 10.11 34.36 -0.85
CA ASP K 139 9.87 33.19 -1.69
C ASP K 139 11.16 32.44 -2.01
N TYR K 140 12.10 32.45 -1.07
CA TYR K 140 13.38 31.77 -1.27
C TYR K 140 13.20 30.31 -1.59
N GLU K 141 12.34 29.63 -0.84
CA GLU K 141 12.14 28.21 -1.02
C GLU K 141 11.54 27.91 -2.39
N GLU K 142 10.60 28.74 -2.85
CA GLU K 142 10.05 28.56 -4.19
C GLU K 142 11.14 28.70 -5.26
N LEU K 143 12.00 29.71 -5.11
CA LEU K 143 13.09 29.89 -6.05
C LEU K 143 14.03 28.70 -6.05
N ARG K 144 14.36 28.18 -4.86
CA ARG K 144 15.23 27.03 -4.77
C ARG K 144 14.60 25.82 -5.46
N GLU K 145 13.31 25.59 -5.22
CA GLU K 145 12.64 24.47 -5.86
C GLU K 145 12.62 24.63 -7.38
N GLN K 146 12.46 25.87 -7.87
CA GLN K 146 12.46 26.08 -9.32
C GLN K 146 13.87 25.91 -9.90
N LEU K 147 14.88 26.43 -9.24
CA LEU K 147 16.24 26.41 -9.76
C LEU K 147 16.94 25.08 -9.52
N SER K 148 16.24 24.08 -8.98
CA SER K 148 16.85 22.78 -8.75
C SER K 148 17.41 22.18 -10.04
N SER K 149 16.66 22.27 -11.13
CA SER K 149 17.09 21.74 -12.43
C SER K 149 16.97 22.79 -13.52
N VAL K 150 17.99 22.84 -14.37
CA VAL K 150 18.01 23.70 -15.55
C VAL K 150 18.75 22.94 -16.63
N SER K 151 18.20 22.98 -17.85
CA SER K 151 18.84 22.33 -18.99
C SER K 151 19.74 23.27 -19.78
N SER K 152 19.49 24.58 -19.72
CA SER K 152 20.36 25.56 -20.35
C SER K 152 20.30 26.83 -19.53
N PHE K 153 21.46 27.31 -19.10
CA PHE K 153 21.57 28.41 -18.14
C PHE K 153 22.50 29.47 -18.75
N GLU K 154 21.94 30.37 -19.55
CA GLU K 154 22.71 31.37 -20.26
C GLU K 154 22.70 32.64 -19.43
N ARG K 155 23.84 32.94 -18.82
CA ARG K 155 24.00 34.15 -18.00
C ARG K 155 24.07 35.35 -18.95
N PHE K 156 22.96 36.06 -19.08
CA PHE K 156 22.89 37.28 -19.87
C PHE K 156 23.00 38.49 -18.96
N GLU K 157 22.89 39.68 -19.56
CA GLU K 157 22.72 40.92 -18.82
C GLU K 157 21.71 41.78 -19.58
N ILE K 158 20.64 42.20 -18.89
CA ILE K 158 19.55 42.91 -19.55
C ILE K 158 19.92 44.36 -19.91
N PHE K 159 21.11 44.81 -19.54
CA PHE K 159 21.59 46.15 -19.84
C PHE K 159 23.11 46.11 -19.97
N PRO K 160 23.77 47.23 -20.24
CA PRO K 160 25.17 47.38 -19.87
C PRO K 160 25.30 48.00 -18.48
N LYS K 161 26.46 47.80 -17.86
CA LYS K 161 26.70 48.34 -16.53
C LYS K 161 26.77 49.87 -16.52
N GLU K 162 27.47 50.46 -17.50
CA GLU K 162 27.73 51.89 -17.51
C GLU K 162 27.12 52.62 -18.71
N SER K 163 26.32 51.94 -19.54
CA SER K 163 25.63 52.57 -20.66
C SER K 163 24.12 52.51 -20.50
N SER K 164 23.64 52.25 -19.29
CA SER K 164 22.20 52.24 -18.98
C SER K 164 21.83 53.01 -17.73
N TRP K 165 22.77 53.26 -16.82
CA TRP K 165 22.51 54.03 -15.60
C TRP K 165 23.53 55.16 -15.51
N PRO K 166 23.37 56.22 -16.33
CA PRO K 166 24.35 57.31 -16.31
C PRO K 166 24.05 58.37 -15.26
N ASN K 167 22.87 58.33 -14.64
CA ASN K 167 22.46 59.28 -13.62
C ASN K 167 22.30 58.60 -12.27
N HIS K 168 23.04 57.52 -12.04
CA HIS K 168 22.94 56.75 -10.81
C HIS K 168 24.29 56.11 -10.57
N THR K 169 25.01 56.57 -9.54
CA THR K 169 26.28 55.92 -9.20
C THR K 169 26.04 54.49 -8.77
N THR K 170 26.84 53.58 -9.32
CA THR K 170 26.70 52.15 -9.08
C THR K 170 27.88 51.56 -8.32
N THR K 171 28.76 52.40 -7.78
CA THR K 171 29.90 51.94 -6.99
C THR K 171 29.44 51.56 -5.58
N GLY K 172 28.61 50.52 -5.51
CA GLY K 172 28.03 50.11 -4.25
C GLY K 172 29.01 49.43 -3.32
N VAL K 173 29.34 50.11 -2.22
CA VAL K 173 30.28 49.60 -1.23
C VAL K 173 29.49 49.20 0.02
N SER K 174 29.99 48.16 0.69
CA SER K 174 29.40 47.69 1.93
C SER K 174 30.46 46.91 2.70
N ALA K 175 30.45 47.06 4.02
CA ALA K 175 31.47 46.40 4.84
C ALA K 175 31.20 44.91 4.98
N SER K 176 29.94 44.53 5.14
CA SER K 176 29.62 43.11 5.38
C SER K 176 29.90 42.23 4.17
N CYS K 177 29.94 42.81 2.97
CA CYS K 177 30.16 42.05 1.74
C CYS K 177 31.60 42.14 1.26
N SER K 178 32.55 42.20 2.18
CA SER K 178 33.95 42.32 1.81
C SER K 178 34.45 41.03 1.15
N HIS K 179 35.38 41.19 0.21
CA HIS K 179 35.98 40.06 -0.51
C HIS K 179 37.30 39.63 0.12
N ASN K 180 38.26 40.55 0.25
CA ASN K 180 39.56 40.27 0.84
C ASN K 180 39.98 41.40 1.77
N GLY K 181 39.04 41.87 2.58
CA GLY K 181 39.26 43.02 3.44
C GLY K 181 38.82 44.35 2.85
N GLU K 182 38.51 44.40 1.57
CA GLU K 182 38.01 45.60 0.91
C GLU K 182 36.51 45.52 0.73
N SER K 183 35.85 46.66 0.87
CA SER K 183 34.39 46.70 0.76
C SER K 183 33.94 46.42 -0.67
N SER K 184 32.80 45.76 -0.80
CA SER K 184 32.25 45.42 -2.11
C SER K 184 30.76 45.15 -1.95
N PHE K 185 30.15 44.58 -2.99
CA PHE K 185 28.73 44.22 -3.00
C PHE K 185 28.62 42.98 -3.89
N TYR K 186 27.39 42.61 -4.26
CA TYR K 186 27.11 41.41 -5.03
C TYR K 186 27.64 41.57 -6.44
N LYS K 187 27.67 40.45 -7.17
CA LYS K 187 28.10 40.41 -8.56
C LYS K 187 26.93 40.46 -9.53
N ASN K 188 25.79 39.87 -9.16
CA ASN K 188 24.60 39.83 -10.01
C ASN K 188 23.63 40.99 -9.77
N LEU K 189 23.91 41.87 -8.81
CA LEU K 189 23.00 42.97 -8.48
C LEU K 189 23.75 44.30 -8.44
N LEU K 190 23.07 45.39 -8.05
CA LEU K 190 23.71 46.71 -8.12
C LEU K 190 23.01 47.64 -7.14
N TRP K 191 23.75 48.10 -6.11
CA TRP K 191 23.18 48.92 -5.04
C TRP K 191 23.24 50.40 -5.45
N LEU K 192 22.28 50.78 -6.29
CA LEU K 192 22.20 52.16 -6.76
C LEU K 192 22.02 53.12 -5.59
N THR K 193 22.71 54.27 -5.66
CA THR K 193 22.72 55.23 -4.56
C THR K 193 22.59 56.67 -5.06
N GLY K 194 21.95 56.87 -6.21
CA GLY K 194 21.80 58.20 -6.75
C GLY K 194 23.05 58.70 -7.46
N LYS K 195 23.05 59.99 -7.76
CA LYS K 195 24.16 60.61 -8.48
C LYS K 195 24.05 62.12 -8.37
N ASN K 196 25.19 62.77 -8.11
CA ASN K 196 25.27 64.23 -8.04
C ASN K 196 24.30 64.80 -7.00
N GLY K 197 24.13 64.07 -5.90
CA GLY K 197 23.26 64.52 -4.83
C GLY K 197 21.78 64.41 -5.09
N LEU K 198 21.37 63.70 -6.13
CA LEU K 198 19.96 63.50 -6.47
C LEU K 198 19.73 62.02 -6.79
N TYR K 199 18.50 61.68 -7.14
CA TYR K 199 18.14 60.31 -7.54
C TYR K 199 16.97 60.41 -8.52
N PRO K 200 17.24 60.50 -9.82
CA PRO K 200 16.15 60.58 -10.79
C PRO K 200 15.28 59.33 -10.79
N ASN K 201 13.98 59.55 -11.00
CA ASN K 201 13.01 58.45 -11.10
C ASN K 201 13.26 57.65 -12.36
N LEU K 202 13.66 56.39 -12.19
CA LEU K 202 13.99 55.50 -13.30
C LEU K 202 12.78 54.65 -13.66
N SER K 203 12.65 54.35 -14.95
CA SER K 203 11.57 53.52 -15.48
C SER K 203 12.12 52.49 -16.47
N LYS K 204 13.27 51.91 -16.14
CA LYS K 204 13.91 50.96 -17.04
C LYS K 204 13.09 49.69 -17.21
N SER K 205 13.03 49.21 -18.45
CA SER K 205 12.22 48.06 -18.83
C SER K 205 13.08 47.02 -19.55
N TYR K 206 12.44 45.90 -19.88
CA TYR K 206 13.09 44.81 -20.60
C TYR K 206 11.99 43.92 -21.16
N ALA K 207 12.26 43.32 -22.33
CA ALA K 207 11.30 42.48 -23.03
C ALA K 207 11.94 41.14 -23.33
N ASN K 208 11.34 40.07 -22.82
CA ASN K 208 11.81 38.70 -23.08
C ASN K 208 11.22 38.15 -24.37
N ASN K 209 11.33 38.90 -25.46
CA ASN K 209 10.93 38.36 -26.76
C ASN K 209 12.00 37.42 -27.32
N LYS K 210 13.27 37.67 -26.98
CA LYS K 210 14.36 36.81 -27.39
C LYS K 210 14.49 35.64 -26.40
N GLU K 211 15.40 34.71 -26.71
CA GLU K 211 15.62 33.43 -26.02
C GLU K 211 14.36 32.78 -25.42
N LYS K 212 14.35 32.47 -24.13
CA LYS K 212 13.38 31.56 -23.52
C LYS K 212 12.93 32.19 -22.20
N GLU K 213 12.32 31.38 -21.33
CA GLU K 213 11.76 31.86 -20.07
C GLU K 213 12.90 32.28 -19.14
N VAL K 214 13.20 33.59 -19.10
CA VAL K 214 14.30 34.09 -18.29
C VAL K 214 13.81 34.36 -16.87
N LEU K 215 14.76 34.37 -15.94
CA LEU K 215 14.51 34.71 -14.55
C LEU K 215 15.14 36.06 -14.21
N VAL K 216 14.43 36.87 -13.43
CA VAL K 216 14.85 38.21 -13.07
C VAL K 216 14.92 38.30 -11.55
N LEU K 217 16.00 38.92 -11.07
CA LEU K 217 16.31 39.05 -9.66
C LEU K 217 16.46 40.52 -9.30
N TRP K 218 15.99 40.91 -8.12
CA TRP K 218 16.24 42.28 -7.66
C TRP K 218 15.99 42.32 -6.16
N GLY K 219 16.21 43.49 -5.57
CA GLY K 219 15.99 43.65 -4.15
C GLY K 219 15.66 45.08 -3.80
N VAL K 220 15.22 45.26 -2.55
CA VAL K 220 14.96 46.57 -1.99
C VAL K 220 15.70 46.68 -0.67
N HIS K 221 16.38 47.80 -0.45
CA HIS K 221 17.18 48.04 0.73
C HIS K 221 16.38 48.83 1.74
N HIS K 222 16.35 48.35 2.99
CA HIS K 222 15.67 48.99 4.10
C HIS K 222 16.73 49.56 5.03
N PRO K 223 17.01 50.87 4.98
CA PRO K 223 18.03 51.43 5.87
C PRO K 223 17.57 51.37 7.31
N PRO K 224 18.49 51.34 8.28
CA PRO K 224 18.10 51.19 9.68
C PRO K 224 17.70 52.49 10.37
N ASN K 225 17.49 53.58 9.63
CA ASN K 225 17.08 54.84 10.24
C ASN K 225 16.68 55.79 9.11
N ILE K 226 16.00 56.88 9.50
CA ILE K 226 15.64 57.91 8.54
C ILE K 226 16.88 58.66 8.06
N GLY K 227 17.96 58.66 8.84
CA GLY K 227 19.15 59.39 8.43
C GLY K 227 19.77 58.84 7.17
N ASP K 228 19.85 57.51 7.06
CA ASP K 228 20.40 56.89 5.86
C ASP K 228 19.54 57.21 4.63
N GLN K 229 18.22 57.13 4.77
CA GLN K 229 17.33 57.50 3.68
C GLN K 229 17.59 58.94 3.25
N ARG K 230 17.57 59.86 4.20
CA ARG K 230 17.69 61.28 3.87
C ARG K 230 19.04 61.61 3.24
N ALA K 231 20.12 60.98 3.73
CA ALA K 231 21.46 61.29 3.26
C ALA K 231 21.93 60.44 2.09
N LEU K 232 21.16 59.42 1.67
CA LEU K 232 21.58 58.52 0.60
C LEU K 232 20.70 58.63 -0.63
N TYR K 233 19.38 58.43 -0.49
CA TYR K 233 18.45 58.61 -1.59
C TYR K 233 17.87 60.03 -1.64
N HIS K 234 18.24 60.90 -0.71
CA HIS K 234 17.92 62.33 -0.71
C HIS K 234 16.45 62.63 -0.56
N LYS K 235 15.60 61.64 -0.31
CA LYS K 235 14.18 61.86 -0.08
C LYS K 235 13.56 60.57 0.45
N GLU K 236 12.60 60.72 1.36
CA GLU K 236 11.97 59.61 2.04
C GLU K 236 10.81 59.09 1.16
N ASN K 237 9.96 58.21 1.72
CA ASN K 237 8.78 57.61 1.07
C ASN K 237 9.03 57.23 -0.38
N ALA K 238 10.09 56.42 -0.58
CA ALA K 238 10.48 55.95 -1.91
C ALA K 238 9.86 54.58 -2.16
N TYR K 239 9.12 54.46 -3.26
CA TYR K 239 8.44 53.24 -3.66
C TYR K 239 9.22 52.50 -4.73
N VAL K 240 8.98 51.18 -4.80
CA VAL K 240 9.50 50.32 -5.86
C VAL K 240 8.33 49.52 -6.41
N SER K 241 8.04 49.67 -7.69
CA SER K 241 6.88 49.09 -8.36
C SER K 241 7.33 48.35 -9.62
N VAL K 242 7.64 47.08 -9.46
CA VAL K 242 7.90 46.22 -10.61
C VAL K 242 6.55 45.84 -11.21
N VAL K 243 6.45 45.78 -12.54
CA VAL K 243 5.20 45.46 -13.21
C VAL K 243 5.51 44.53 -14.38
N SER K 244 4.61 43.59 -14.64
CA SER K 244 4.69 42.75 -15.82
C SER K 244 3.29 42.28 -16.15
N SER K 245 3.19 41.27 -17.03
CA SER K 245 1.87 40.79 -17.44
C SER K 245 1.11 40.19 -16.27
N HIS K 246 1.79 39.44 -15.41
CA HIS K 246 1.17 38.74 -14.29
C HIS K 246 1.92 38.98 -12.98
N TYR K 247 2.56 40.14 -12.84
CA TYR K 247 3.35 40.45 -11.63
C TYR K 247 3.40 41.96 -11.50
N SER K 248 2.53 42.52 -10.66
CA SER K 248 2.34 43.97 -10.58
C SER K 248 2.20 44.42 -9.13
N ARG K 249 3.03 43.91 -8.23
CA ARG K 249 3.01 44.30 -6.83
C ARG K 249 4.06 45.37 -6.55
N LYS K 250 3.80 46.17 -5.52
CA LYS K 250 4.60 47.33 -5.17
C LYS K 250 5.24 47.13 -3.81
N PHE K 251 6.45 47.70 -3.65
CA PHE K 251 7.19 47.69 -2.40
C PHE K 251 7.38 49.14 -1.96
N THR K 252 7.15 49.39 -0.67
CA THR K 252 7.26 50.73 -0.08
C THR K 252 8.10 50.62 1.19
N PRO K 253 9.41 50.38 1.04
CA PRO K 253 10.27 50.16 2.22
C PRO K 253 10.57 51.46 2.94
N GLU K 254 10.02 51.61 4.15
CA GLU K 254 10.28 52.77 5.00
C GLU K 254 10.31 52.29 6.45
N ILE K 255 11.51 51.97 6.96
CA ILE K 255 11.70 51.49 8.31
C ILE K 255 12.81 52.32 8.94
N ALA K 256 12.75 52.46 10.27
CA ALA K 256 13.66 53.34 11.00
C ALA K 256 14.52 52.65 12.06
N LYS K 257 14.47 51.33 12.18
CA LYS K 257 15.33 50.64 13.15
C LYS K 257 15.40 49.17 12.81
N ARG K 258 16.49 48.54 13.26
CA ARG K 258 16.70 47.11 13.12
C ARG K 258 17.61 46.66 14.24
N PRO K 259 17.71 45.36 14.49
CA PRO K 259 18.81 44.85 15.32
C PRO K 259 20.10 44.79 14.50
N LYS K 260 21.17 44.25 15.06
CA LYS K 260 22.45 44.12 14.36
C LYS K 260 22.71 42.65 14.09
N VAL K 261 22.89 42.31 12.82
CA VAL K 261 23.21 40.96 12.38
C VAL K 261 24.36 41.07 11.38
N ARG K 262 25.40 40.27 11.57
CA ARG K 262 26.56 40.25 10.70
C ARG K 262 27.18 41.64 10.56
N ASP K 263 27.23 42.36 11.68
CA ASP K 263 27.76 43.72 11.74
C ASP K 263 27.08 44.64 10.72
N GLN K 264 25.76 44.58 10.69
CA GLN K 264 24.97 45.38 9.76
C GLN K 264 23.60 45.63 10.35
N GLU K 265 23.28 46.90 10.61
CA GLU K 265 21.98 47.25 11.19
C GLU K 265 20.86 47.07 10.19
N GLY K 266 20.92 47.79 9.07
CA GLY K 266 19.85 47.75 8.08
C GLY K 266 19.64 46.35 7.51
N ARG K 267 18.58 46.24 6.70
CA ARG K 267 18.19 44.96 6.12
C ARG K 267 17.86 45.14 4.65
N ILE K 268 17.67 44.02 3.97
CA ILE K 268 17.42 44.03 2.54
C ILE K 268 16.51 42.85 2.18
N ASN K 269 15.56 43.07 1.28
CA ASN K 269 14.63 42.02 0.84
C ASN K 269 14.90 41.73 -0.63
N TYR K 270 15.29 40.49 -0.92
CA TYR K 270 15.60 40.04 -2.27
C TYR K 270 14.37 39.38 -2.88
N TYR K 271 13.74 40.08 -3.83
CA TYR K 271 12.64 39.52 -4.58
C TYR K 271 13.14 38.96 -5.91
N TRP K 272 12.23 38.29 -6.62
CA TRP K 272 12.53 37.75 -7.93
C TRP K 272 11.21 37.59 -8.69
N THR K 273 11.31 37.06 -9.90
CA THR K 273 10.14 36.85 -10.74
C THR K 273 10.53 35.91 -11.88
N LEU K 274 9.62 35.75 -12.83
CA LEU K 274 9.86 34.94 -14.02
C LEU K 274 9.26 35.65 -15.23
N LEU K 275 10.01 35.64 -16.33
CA LEU K 275 9.64 36.27 -17.58
C LEU K 275 9.44 35.19 -18.62
N GLU K 276 8.18 34.93 -18.98
CA GLU K 276 7.86 33.96 -20.00
C GLU K 276 8.30 34.49 -21.37
N PRO K 277 8.46 33.62 -22.36
CA PRO K 277 8.80 34.09 -23.71
C PRO K 277 7.78 35.10 -24.22
N GLY K 278 8.28 36.18 -24.80
CA GLY K 278 7.42 37.24 -25.30
C GLY K 278 6.89 38.19 -24.26
N ASP K 279 7.24 38.03 -22.99
CA ASP K 279 6.73 38.91 -21.95
C ASP K 279 7.53 40.22 -21.91
N THR K 280 7.18 41.09 -20.97
CA THR K 280 7.86 42.38 -20.84
C THR K 280 7.69 42.89 -19.42
N ILE K 281 8.81 43.02 -18.71
CA ILE K 281 8.82 43.52 -17.33
C ILE K 281 9.36 44.95 -17.32
N ILE K 282 8.75 45.79 -16.49
CA ILE K 282 9.13 47.19 -16.37
C ILE K 282 9.35 47.49 -14.89
N PHE K 283 10.48 48.11 -14.60
CA PHE K 283 10.88 48.45 -13.24
C PHE K 283 10.65 49.94 -13.06
N GLU K 284 9.68 50.32 -12.23
CA GLU K 284 9.45 51.71 -11.87
C GLU K 284 9.97 51.90 -10.45
N ALA K 285 10.89 52.83 -10.26
CA ALA K 285 11.37 53.09 -8.92
C ALA K 285 12.04 54.45 -8.88
N ASN K 286 12.07 55.03 -7.68
CA ASN K 286 12.73 56.29 -7.43
C ASN K 286 13.53 56.26 -6.13
N GLY K 287 13.92 55.07 -5.68
CA GLY K 287 14.70 54.91 -4.47
C GLY K 287 14.52 53.52 -3.90
N ASN K 288 15.47 53.16 -3.03
CA ASN K 288 15.47 51.86 -2.34
C ASN K 288 15.37 50.69 -3.33
N LEU K 289 16.11 50.78 -4.43
CA LEU K 289 16.09 49.78 -5.48
C LEU K 289 17.46 49.12 -5.58
N ILE K 290 17.45 47.81 -5.78
CA ILE K 290 18.65 47.04 -6.10
C ILE K 290 18.48 46.53 -7.52
N ALA K 291 18.96 47.31 -8.49
CA ALA K 291 18.73 46.96 -9.87
C ALA K 291 19.50 45.69 -10.26
N PRO K 292 18.94 44.82 -11.11
CA PRO K 292 19.69 43.65 -11.56
C PRO K 292 20.94 44.05 -12.34
N ARG K 293 22.00 43.26 -12.18
CA ARG K 293 23.27 43.50 -12.86
C ARG K 293 23.73 42.30 -13.68
N TYR K 294 23.33 41.08 -13.33
CA TYR K 294 23.41 39.88 -14.17
C TYR K 294 22.10 39.13 -14.01
N ALA K 295 21.21 39.22 -14.99
CA ALA K 295 20.03 38.38 -14.99
C ALA K 295 20.42 36.99 -15.48
N PHE K 296 19.44 36.09 -15.60
CA PHE K 296 19.72 34.73 -16.05
C PHE K 296 18.84 34.37 -17.24
N ALA K 297 18.91 33.12 -17.69
CA ALA K 297 18.04 32.63 -18.75
C ALA K 297 17.82 31.14 -18.48
N LEU K 298 16.70 30.82 -17.83
CA LEU K 298 16.39 29.46 -17.43
C LEU K 298 15.80 28.68 -18.60
N SER K 299 15.69 27.36 -18.39
CA SER K 299 15.07 26.46 -19.35
C SER K 299 14.13 25.47 -18.65
N ARG K 300 13.56 25.88 -17.53
CA ARG K 300 12.67 25.04 -16.70
C ARG K 300 13.38 23.74 -16.34
N GLY K 301 12.79 22.57 -16.59
CA GLY K 301 13.32 21.31 -16.13
C GLY K 301 12.76 21.02 -14.75
N PHE K 302 12.00 19.94 -14.63
CA PHE K 302 11.25 19.62 -13.42
C PHE K 302 11.63 18.24 -12.90
N GLY K 303 11.70 18.12 -11.57
CA GLY K 303 11.96 16.84 -10.93
C GLY K 303 13.20 16.77 -10.07
N SER K 304 13.89 17.88 -9.83
CA SER K 304 15.11 17.89 -9.04
C SER K 304 14.88 18.61 -7.72
N GLY K 305 15.94 18.68 -6.93
CA GLY K 305 15.88 19.31 -5.62
C GLY K 305 17.26 19.37 -5.02
N ILE K 306 17.38 20.21 -4.00
CA ILE K 306 18.67 20.48 -3.35
C ILE K 306 19.02 19.31 -2.44
N ILE K 307 20.31 18.95 -2.44
CA ILE K 307 20.88 17.97 -1.53
C ILE K 307 21.91 18.70 -0.69
N ASN K 308 21.74 18.66 0.63
CA ASN K 308 22.69 19.26 1.56
C ASN K 308 23.73 18.21 1.95
N SER K 309 24.98 18.44 1.56
CA SER K 309 26.03 17.45 1.77
C SER K 309 27.38 18.15 1.84
N ASN K 310 28.33 17.48 2.50
CA ASN K 310 29.70 17.94 2.61
C ASN K 310 30.71 17.09 1.84
N ALA K 311 30.28 15.97 1.25
CA ALA K 311 31.20 15.11 0.54
C ALA K 311 31.74 15.80 -0.73
N PRO K 312 32.94 15.43 -1.18
CA PRO K 312 33.53 16.10 -2.35
C PRO K 312 33.09 15.50 -3.67
N MET K 313 33.26 16.29 -4.72
CA MET K 313 32.84 15.91 -6.06
C MET K 313 33.79 14.87 -6.65
N ASP K 314 33.20 13.95 -7.44
CA ASP K 314 33.94 12.96 -8.21
C ASP K 314 33.18 12.72 -9.50
N GLU K 315 33.52 11.64 -10.21
CA GLU K 315 32.88 11.27 -11.47
C GLU K 315 32.38 9.83 -11.40
N CYS K 316 31.12 9.62 -11.76
CA CYS K 316 30.55 8.28 -11.86
C CYS K 316 29.27 8.38 -12.68
N ASP K 317 28.60 7.24 -12.85
CA ASP K 317 27.37 7.12 -13.64
C ASP K 317 26.14 6.99 -12.75
N ALA K 318 26.12 7.71 -11.62
CA ALA K 318 25.03 7.57 -10.66
C ALA K 318 23.70 7.98 -11.28
N LYS K 319 22.69 7.12 -11.10
CA LYS K 319 21.32 7.43 -11.50
C LYS K 319 20.49 8.02 -10.36
N CYS K 320 21.00 8.04 -9.13
CA CYS K 320 20.35 8.78 -8.07
C CYS K 320 21.34 8.96 -6.93
N GLN K 321 21.09 9.99 -6.13
CA GLN K 321 22.02 10.32 -5.05
C GLN K 321 21.28 10.67 -3.76
N THR K 322 21.91 10.27 -2.62
CA THR K 322 21.60 10.65 -1.26
C THR K 322 22.62 11.66 -0.74
N PRO K 323 22.30 12.41 0.32
CA PRO K 323 23.30 13.35 0.87
C PRO K 323 24.63 12.73 1.25
N GLN K 324 24.63 11.50 1.77
CA GLN K 324 25.86 10.84 2.21
C GLN K 324 26.43 9.89 1.17
N GLY K 325 26.24 10.16 -0.12
CA GLY K 325 26.77 9.32 -1.17
C GLY K 325 25.71 9.00 -2.22
N ALA K 326 26.21 8.50 -3.36
CA ALA K 326 25.36 8.20 -4.51
C ALA K 326 25.02 6.71 -4.53
N ILE K 327 23.74 6.42 -4.74
CA ILE K 327 23.24 5.05 -4.87
C ILE K 327 23.36 4.66 -6.33
N ASN K 328 24.44 3.96 -6.68
CA ASN K 328 24.59 3.47 -8.04
C ASN K 328 23.61 2.36 -8.38
N SER K 329 22.92 1.80 -7.39
CA SER K 329 22.07 0.63 -7.58
C SER K 329 20.77 0.99 -8.30
N SER K 330 20.07 -0.03 -8.76
CA SER K 330 18.80 0.09 -9.49
C SER K 330 17.78 -0.91 -8.97
N LEU K 331 17.66 -0.99 -7.63
CA LEU K 331 16.70 -1.86 -6.95
C LEU K 331 15.67 -1.02 -6.20
N PRO K 332 14.45 -1.52 -5.98
CA PRO K 332 13.36 -0.64 -5.52
C PRO K 332 13.40 -0.24 -4.06
N PHE K 333 14.30 -0.78 -3.23
CA PHE K 333 14.31 -0.51 -1.80
C PHE K 333 15.69 -0.06 -1.35
N GLN K 334 15.75 1.10 -0.69
CA GLN K 334 16.99 1.63 -0.13
C GLN K 334 16.73 2.17 1.27
N ASN K 335 17.69 1.98 2.17
CA ASN K 335 17.64 2.55 3.52
C ASN K 335 18.76 3.55 3.77
N VAL K 336 19.45 4.01 2.73
CA VAL K 336 20.58 4.92 2.94
C VAL K 336 20.10 6.25 3.52
N HIS K 337 19.09 6.86 2.90
CA HIS K 337 18.63 8.17 3.38
C HIS K 337 17.29 8.50 2.73
N PRO K 338 16.37 9.18 3.40
CA PRO K 338 15.09 9.53 2.73
C PRO K 338 15.25 10.48 1.56
N VAL K 339 16.06 11.52 1.70
CA VAL K 339 16.27 12.51 0.64
C VAL K 339 17.04 11.84 -0.49
N THR K 340 16.37 11.62 -1.63
CA THR K 340 16.92 10.93 -2.79
C THR K 340 16.59 11.69 -4.06
N ILE K 341 17.60 12.35 -4.64
CA ILE K 341 17.42 13.03 -5.92
C ILE K 341 17.65 12.04 -7.07
N GLY K 342 16.75 12.10 -8.06
CA GLY K 342 16.85 11.29 -9.27
C GLY K 342 15.77 10.21 -9.33
N GLU K 343 15.88 9.39 -10.38
CA GLU K 343 14.97 8.26 -10.57
C GLU K 343 15.37 7.21 -9.54
N CYS K 344 15.07 7.47 -8.26
CA CYS K 344 15.72 6.71 -7.23
C CYS K 344 14.68 5.85 -6.50
N PRO K 345 15.05 4.69 -5.96
CA PRO K 345 14.07 3.92 -5.17
C PRO K 345 13.55 4.69 -3.97
N LYS K 346 12.46 4.16 -3.40
CA LYS K 346 11.81 4.77 -2.25
C LYS K 346 12.47 4.32 -0.96
N TYR K 347 12.54 5.24 0.01
CA TYR K 347 13.19 4.95 1.27
C TYR K 347 12.45 3.89 2.07
N VAL K 348 13.22 3.08 2.79
CA VAL K 348 12.70 2.05 3.69
C VAL K 348 13.45 2.15 5.02
N ARG K 349 12.72 2.24 6.12
CA ARG K 349 13.29 2.40 7.46
C ARG K 349 13.82 1.11 8.05
N SER K 350 13.71 0.00 7.34
CA SER K 350 14.21 -1.28 7.81
C SER K 350 15.71 -1.37 7.51
N ALA K 351 16.29 -2.53 7.81
CA ALA K 351 17.71 -2.77 7.63
C ALA K 351 18.03 -4.04 6.86
N LYS K 352 17.07 -4.95 6.67
CA LYS K 352 17.35 -6.20 5.95
C LYS K 352 16.08 -6.69 5.28
N LEU K 353 15.95 -6.41 3.98
CA LEU K 353 14.88 -6.95 3.13
C LEU K 353 15.38 -8.11 2.28
N ARG K 354 16.28 -8.92 2.82
CA ARG K 354 16.88 -10.01 2.06
C ARG K 354 15.81 -11.03 1.70
N MET K 355 15.43 -11.07 0.43
CA MET K 355 14.49 -12.08 -0.05
C MET K 355 15.22 -13.38 -0.31
N VAL K 356 14.61 -14.49 0.10
CA VAL K 356 15.19 -15.79 -0.24
C VAL K 356 15.08 -15.95 -1.76
N THR K 357 16.05 -16.66 -2.31
CA THR K 357 16.10 -16.92 -3.73
C THR K 357 16.44 -18.39 -3.99
N GLY K 358 16.60 -19.20 -2.93
CA GLY K 358 16.95 -20.60 -3.06
C GLY K 358 16.34 -21.42 -1.94
N LEU K 359 17.02 -22.51 -1.62
CA LEU K 359 16.56 -23.53 -0.69
C LEU K 359 16.86 -23.15 0.76
N ARG K 360 16.70 -24.12 1.67
CA ARG K 360 17.10 -23.99 3.07
C ARG K 360 18.37 -24.79 3.32
N ASN K 361 19.37 -24.13 3.90
CA ASN K 361 20.66 -24.75 4.14
C ASN K 361 20.52 -25.76 5.27
N ILE K 362 20.37 -27.03 4.91
CA ILE K 362 20.26 -28.12 5.89
C ILE K 362 21.31 -29.16 5.50
N PRO K 363 22.60 -28.96 5.85
CA PRO K 363 23.64 -29.92 5.47
C PRO K 363 23.74 -31.10 6.44
N GLY L 1 7.41 -24.79 4.61
CA GLY L 1 7.22 -26.27 4.62
C GLY L 1 5.76 -26.67 4.57
N LEU L 2 4.98 -25.97 3.75
CA LEU L 2 3.56 -26.28 3.64
C LEU L 2 3.34 -27.67 3.04
N PHE L 3 4.07 -28.00 1.97
CA PHE L 3 3.95 -29.31 1.35
C PHE L 3 4.76 -30.38 2.07
N GLY L 4 5.66 -30.00 2.97
CA GLY L 4 6.33 -30.95 3.82
C GLY L 4 7.27 -31.92 3.12
N ALA L 5 7.93 -31.48 2.05
CA ALA L 5 9.01 -32.26 1.46
C ALA L 5 10.36 -31.80 2.01
N ILE L 6 10.71 -30.54 1.77
CA ILE L 6 11.95 -30.00 2.33
C ILE L 6 11.76 -29.79 3.82
N ALA L 7 12.71 -30.27 4.62
CA ALA L 7 12.61 -30.35 6.08
C ALA L 7 11.44 -31.19 6.57
N GLY L 8 10.79 -31.95 5.70
CA GLY L 8 9.68 -32.82 6.05
C GLY L 8 10.12 -34.26 6.04
N PHE L 9 9.87 -34.97 4.94
CA PHE L 9 10.30 -36.35 4.78
C PHE L 9 11.57 -36.45 3.93
N ILE L 10 12.24 -35.33 3.69
CA ILE L 10 13.59 -35.30 3.12
C ILE L 10 14.38 -34.50 4.15
N GLU L 11 15.09 -35.22 5.04
CA GLU L 11 15.57 -34.59 6.27
C GLU L 11 16.61 -33.51 5.97
N GLY L 12 17.57 -33.78 5.10
CA GLY L 12 18.69 -32.88 4.90
C GLY L 12 19.03 -32.72 3.43
N GLY L 13 19.62 -31.57 3.12
CA GLY L 13 20.09 -31.30 1.78
C GLY L 13 21.43 -31.93 1.48
N TRP L 14 21.90 -31.69 0.26
CA TRP L 14 23.15 -32.24 -0.25
C TRP L 14 24.14 -31.11 -0.55
N THR L 15 25.35 -31.23 0.01
CA THR L 15 26.37 -30.20 -0.19
C THR L 15 26.99 -30.26 -1.58
N GLY L 16 27.01 -31.43 -2.22
CA GLY L 16 27.63 -31.57 -3.52
C GLY L 16 26.82 -31.07 -4.69
N MET L 17 25.54 -30.77 -4.48
CA MET L 17 24.69 -30.19 -5.53
C MET L 17 25.20 -28.80 -5.89
N VAL L 18 25.80 -28.70 -7.08
CA VAL L 18 26.40 -27.45 -7.55
C VAL L 18 25.85 -27.01 -8.90
N ASP L 19 25.36 -27.93 -9.73
CA ASP L 19 24.87 -27.58 -11.06
C ASP L 19 23.39 -27.21 -11.06
N GLY L 20 22.58 -27.92 -10.27
CA GLY L 20 21.15 -27.65 -10.20
C GLY L 20 20.64 -27.74 -8.78
N TRP L 21 19.36 -27.38 -8.62
CA TRP L 21 18.74 -27.41 -7.30
C TRP L 21 18.23 -28.81 -6.96
N TYR L 22 17.31 -29.35 -7.75
CA TYR L 22 16.60 -30.57 -7.39
C TYR L 22 17.26 -31.72 -8.15
N GLY L 23 18.37 -32.19 -7.59
CA GLY L 23 19.18 -33.21 -8.21
C GLY L 23 18.79 -34.62 -7.84
N TYR L 24 19.76 -35.52 -8.00
CA TYR L 24 19.61 -36.91 -7.61
C TYR L 24 20.92 -37.41 -7.02
N HIS L 25 20.90 -38.67 -6.58
CA HIS L 25 22.11 -39.37 -6.17
C HIS L 25 21.89 -40.84 -6.54
N HIS L 26 22.34 -41.21 -7.74
CA HIS L 26 22.15 -42.56 -8.26
C HIS L 26 23.34 -43.42 -7.86
N GLN L 27 23.24 -44.04 -6.69
CA GLN L 27 24.24 -45.00 -6.21
C GLN L 27 24.07 -46.36 -6.88
N ASN L 28 24.18 -46.36 -8.21
CA ASN L 28 24.02 -47.57 -9.00
C ASN L 28 25.37 -48.25 -9.20
N GLU L 29 25.34 -49.40 -9.86
CA GLU L 29 26.54 -50.20 -10.05
C GLU L 29 27.58 -49.48 -10.91
N GLN L 30 27.15 -48.82 -11.99
CA GLN L 30 28.12 -48.25 -12.91
C GLN L 30 28.87 -47.08 -12.30
N GLY L 31 28.32 -46.43 -11.29
CA GLY L 31 29.00 -45.32 -10.65
C GLY L 31 28.13 -44.54 -9.69
N SER L 32 28.30 -43.22 -9.65
CA SER L 32 27.55 -42.36 -8.76
C SER L 32 27.56 -40.96 -9.34
N GLY L 33 27.13 -39.99 -8.52
CA GLY L 33 27.15 -38.59 -8.90
C GLY L 33 25.93 -37.84 -8.45
N TYR L 34 25.88 -36.55 -8.79
CA TYR L 34 24.82 -35.62 -8.40
C TYR L 34 24.26 -34.93 -9.63
N ALA L 35 23.90 -35.73 -10.64
CA ALA L 35 23.30 -35.19 -11.84
C ALA L 35 22.00 -34.48 -11.50
N ALA L 36 21.86 -33.25 -11.98
CA ALA L 36 20.67 -32.48 -11.66
C ALA L 36 19.48 -32.95 -12.49
N ASP L 37 18.30 -32.40 -12.18
CA ASP L 37 17.07 -32.63 -12.93
C ASP L 37 16.83 -31.36 -13.72
N GLN L 38 17.32 -31.34 -14.96
CA GLN L 38 17.45 -30.10 -15.72
C GLN L 38 16.10 -29.41 -15.94
N LYS L 39 15.06 -30.18 -16.26
CA LYS L 39 13.76 -29.56 -16.55
C LYS L 39 13.20 -28.84 -15.33
N SER L 40 13.15 -29.53 -14.19
CA SER L 40 12.53 -28.97 -13.00
C SER L 40 13.32 -27.77 -12.48
N THR L 41 14.65 -27.91 -12.37
CA THR L 41 15.43 -26.77 -11.87
C THR L 41 15.41 -25.61 -12.84
N GLN L 42 15.39 -25.87 -14.14
CA GLN L 42 15.31 -24.77 -15.10
C GLN L 42 14.00 -24.02 -14.95
N ASN L 43 12.89 -24.76 -14.85
CA ASN L 43 11.59 -24.12 -14.66
C ASN L 43 11.53 -23.36 -13.34
N ALA L 44 12.10 -23.93 -12.28
CA ALA L 44 12.09 -23.27 -10.99
C ALA L 44 12.90 -21.98 -11.02
N ILE L 45 14.10 -22.03 -11.61
CA ILE L 45 14.93 -20.83 -11.72
C ILE L 45 14.21 -19.79 -12.55
N ASN L 46 13.54 -20.22 -13.63
CA ASN L 46 12.73 -19.29 -14.41
C ASN L 46 11.69 -18.63 -13.53
N GLY L 47 11.00 -19.41 -12.70
CA GLY L 47 9.93 -18.85 -11.88
C GLY L 47 10.45 -17.84 -10.87
N ILE L 48 11.54 -18.17 -10.17
CA ILE L 48 12.09 -17.22 -9.20
C ILE L 48 12.60 -15.97 -9.92
N THR L 49 13.18 -16.13 -11.11
CA THR L 49 13.62 -14.94 -11.84
C THR L 49 12.43 -14.07 -12.21
N ASN L 50 11.32 -14.66 -12.65
CA ASN L 50 10.13 -13.84 -12.91
C ASN L 50 9.68 -13.13 -11.64
N LYS L 51 9.68 -13.84 -10.52
CA LYS L 51 9.24 -13.23 -9.26
C LYS L 51 10.09 -12.02 -8.90
N VAL L 52 11.42 -12.20 -8.89
CA VAL L 52 12.30 -11.11 -8.49
C VAL L 52 12.21 -9.95 -9.49
N ASN L 53 12.27 -10.25 -10.79
CA ASN L 53 12.23 -9.17 -11.77
C ASN L 53 10.89 -8.43 -11.75
N SER L 54 9.79 -9.13 -11.47
CA SER L 54 8.52 -8.44 -11.31
C SER L 54 8.57 -7.52 -10.10
N VAL L 55 9.20 -7.97 -9.01
CA VAL L 55 9.36 -7.10 -7.85
C VAL L 55 10.16 -5.84 -8.21
N ILE L 56 11.19 -5.98 -9.05
CA ILE L 56 12.00 -4.81 -9.39
C ILE L 56 11.25 -3.89 -10.36
N GLU L 57 10.81 -4.43 -11.49
CA GLU L 57 10.38 -3.59 -12.61
C GLU L 57 9.05 -2.91 -12.36
N LYS L 58 8.13 -3.57 -11.64
CA LYS L 58 6.82 -2.97 -11.40
C LYS L 58 6.92 -1.67 -10.62
N MET L 59 7.99 -1.49 -9.84
CA MET L 59 8.21 -0.25 -9.13
C MET L 59 8.50 0.85 -10.14
N ASN L 60 7.59 1.80 -10.28
CA ASN L 60 7.78 2.87 -11.24
C ASN L 60 8.86 3.83 -10.75
N THR L 61 9.41 4.59 -11.69
CA THR L 61 10.52 5.49 -11.44
C THR L 61 10.10 6.92 -11.75
N GLN L 62 10.32 7.82 -10.79
CA GLN L 62 10.09 9.24 -10.96
C GLN L 62 11.31 9.99 -10.44
N PHE L 63 11.46 11.23 -10.89
CA PHE L 63 12.73 11.92 -10.75
C PHE L 63 12.94 12.56 -9.36
N THR L 64 11.96 12.50 -8.46
CA THR L 64 12.16 13.07 -7.13
C THR L 64 11.32 12.33 -6.10
N ALA L 65 11.88 12.23 -4.90
CA ALA L 65 11.20 11.77 -3.69
C ALA L 65 11.64 12.58 -2.49
N VAL L 66 12.08 13.82 -2.72
CA VAL L 66 12.76 14.63 -1.71
C VAL L 66 11.78 15.60 -1.10
N GLY L 67 11.70 15.60 0.23
CA GLY L 67 10.90 16.59 0.91
C GLY L 67 11.56 17.96 0.79
N LYS L 68 10.78 18.96 0.41
CA LYS L 68 11.26 20.32 0.29
C LYS L 68 11.48 20.92 1.68
N GLU L 69 12.05 22.13 1.71
CA GLU L 69 12.32 22.84 2.95
C GLU L 69 11.36 24.03 3.08
N PHE L 70 11.13 24.44 4.33
CA PHE L 70 10.21 25.52 4.64
C PHE L 70 10.79 26.35 5.79
N ASN L 71 10.43 27.63 5.82
CA ASN L 71 10.95 28.53 6.85
C ASN L 71 10.10 28.38 8.12
N LYS L 72 10.28 29.31 9.06
CA LYS L 72 9.67 29.21 10.39
C LYS L 72 8.20 29.63 10.42
N LEU L 73 7.59 29.99 9.29
CA LEU L 73 6.19 30.39 9.24
C LEU L 73 5.29 29.40 8.51
N GLU L 74 5.85 28.40 7.85
CA GLU L 74 5.09 27.34 7.18
C GLU L 74 5.19 26.02 7.94
N ARG L 75 5.14 26.10 9.28
CA ARG L 75 5.12 24.88 10.09
C ARG L 75 3.96 23.98 9.72
N ARG L 76 2.83 24.54 9.30
CA ARG L 76 1.78 23.71 8.70
C ARG L 76 2.32 22.95 7.50
N MET L 77 2.97 23.66 6.58
CA MET L 77 3.45 23.01 5.37
C MET L 77 4.54 22.00 5.69
N GLU L 78 5.45 22.34 6.60
CA GLU L 78 6.51 21.42 6.97
C GLU L 78 5.94 20.17 7.64
N ASN L 79 5.00 20.34 8.56
CA ASN L 79 4.39 19.18 9.20
C ASN L 79 3.58 18.35 8.21
N LEU L 80 2.90 19.00 7.28
CA LEU L 80 2.15 18.25 6.27
C LEU L 80 3.09 17.47 5.37
N ASN L 81 4.19 18.09 4.91
CA ASN L 81 5.13 17.38 4.06
C ASN L 81 5.78 16.23 4.83
N LYS L 82 6.11 16.45 6.10
CA LYS L 82 6.65 15.37 6.91
C LYS L 82 5.61 14.26 7.05
N LYS L 83 4.34 14.61 7.21
CA LYS L 83 3.30 13.60 7.31
C LYS L 83 3.19 12.80 6.02
N VAL L 84 3.24 13.47 4.86
CA VAL L 84 3.17 12.75 3.58
C VAL L 84 4.40 11.86 3.40
N ASP L 85 5.59 12.39 3.63
CA ASP L 85 6.80 11.58 3.46
C ASP L 85 6.82 10.41 4.44
N ASP L 86 6.46 10.66 5.69
CA ASP L 86 6.47 9.61 6.70
C ASP L 86 5.37 8.59 6.47
N GLY L 87 4.20 9.02 6.01
CA GLY L 87 3.16 8.07 5.67
C GLY L 87 3.49 7.24 4.46
N PHE L 88 4.09 7.85 3.43
CA PHE L 88 4.55 7.08 2.28
C PHE L 88 5.61 6.08 2.71
N ILE L 89 6.56 6.52 3.54
CA ILE L 89 7.59 5.62 4.02
C ILE L 89 7.00 4.52 4.87
N ASP L 90 6.02 4.84 5.72
CA ASP L 90 5.40 3.84 6.58
C ASP L 90 4.65 2.81 5.75
N ILE L 91 3.89 3.27 4.76
CA ILE L 91 3.17 2.35 3.88
C ILE L 91 4.16 1.50 3.10
N TRP L 92 5.22 2.12 2.60
CA TRP L 92 6.22 1.35 1.84
C TRP L 92 6.93 0.34 2.72
N THR L 93 7.23 0.71 3.97
CA THR L 93 7.90 -0.23 4.86
C THR L 93 6.99 -1.39 5.21
N TYR L 94 5.74 -1.10 5.56
CA TYR L 94 4.80 -2.18 5.86
C TYR L 94 4.60 -3.07 4.65
N ASN L 95 4.31 -2.48 3.49
CA ASN L 95 4.06 -3.27 2.30
C ASN L 95 5.31 -4.06 1.91
N ALA L 96 6.48 -3.43 1.93
CA ALA L 96 7.68 -4.11 1.47
C ALA L 96 8.09 -5.21 2.42
N GLU L 97 7.98 -4.98 3.72
CA GLU L 97 8.36 -6.00 4.68
C GLU L 97 7.37 -7.15 4.66
N LEU L 98 6.05 -6.85 4.69
CA LEU L 98 5.08 -7.92 4.54
C LEU L 98 5.22 -8.65 3.21
N LEU L 99 5.57 -7.97 2.11
CA LEU L 99 5.85 -8.69 0.87
C LEU L 99 7.04 -9.61 1.08
N VAL L 100 8.23 -9.05 1.34
CA VAL L 100 9.45 -9.83 1.58
C VAL L 100 9.15 -11.06 2.42
N LEU L 101 8.46 -10.90 3.55
CA LEU L 101 8.11 -12.06 4.37
C LEU L 101 7.15 -13.02 3.63
N LEU L 102 6.11 -12.47 3.01
CA LEU L 102 5.06 -13.33 2.45
C LEU L 102 5.58 -14.14 1.27
N GLU L 103 6.17 -13.49 0.26
CA GLU L 103 6.77 -14.29 -0.79
C GLU L 103 8.10 -14.93 -0.41
N ASN L 104 8.70 -14.63 0.75
CA ASN L 104 9.70 -15.56 1.26
C ASN L 104 9.02 -16.88 1.57
N GLU L 105 7.87 -16.82 2.25
CA GLU L 105 7.11 -18.04 2.52
C GLU L 105 6.66 -18.71 1.22
N ARG L 106 6.22 -17.92 0.24
CA ARG L 106 5.81 -18.49 -1.05
C ARG L 106 6.99 -19.15 -1.75
N THR L 107 8.18 -18.56 -1.66
CA THR L 107 9.36 -19.17 -2.24
C THR L 107 9.71 -20.48 -1.53
N LEU L 108 9.62 -20.49 -0.20
CA LEU L 108 9.92 -21.72 0.54
C LEU L 108 8.96 -22.84 0.18
N ASP L 109 7.65 -22.59 0.22
CA ASP L 109 6.76 -23.70 -0.10
C ASP L 109 6.67 -23.94 -1.61
N PHE L 110 7.15 -23.02 -2.45
CA PHE L 110 7.27 -23.31 -3.87
C PHE L 110 8.42 -24.27 -4.13
N HIS L 111 9.55 -24.07 -3.46
CA HIS L 111 10.62 -25.07 -3.52
C HIS L 111 10.15 -26.39 -2.91
N ASP L 112 9.38 -26.30 -1.83
CA ASP L 112 8.78 -27.50 -1.24
C ASP L 112 7.88 -28.22 -2.25
N SER L 113 7.06 -27.47 -2.98
CA SER L 113 6.18 -28.04 -3.97
C SER L 113 6.95 -28.60 -5.15
N ASN L 114 8.07 -27.99 -5.53
CA ASN L 114 8.87 -28.54 -6.61
C ASN L 114 9.45 -29.89 -6.22
N VAL L 115 10.04 -29.98 -5.02
CA VAL L 115 10.56 -31.26 -4.55
C VAL L 115 9.42 -32.27 -4.42
N LYS L 116 8.27 -31.83 -3.91
CA LYS L 116 7.09 -32.69 -3.80
C LYS L 116 6.71 -33.24 -5.18
N ASN L 117 6.33 -32.34 -6.10
CA ASN L 117 5.88 -32.72 -7.44
C ASN L 117 6.88 -33.64 -8.12
N LEU L 118 8.18 -33.38 -7.94
CA LEU L 118 9.19 -34.30 -8.43
C LEU L 118 9.05 -35.67 -7.78
N TYR L 119 8.82 -35.70 -6.47
CA TYR L 119 8.74 -36.97 -5.76
C TYR L 119 7.55 -37.79 -6.24
N GLU L 120 6.37 -37.18 -6.31
CA GLU L 120 5.22 -37.91 -6.84
C GLU L 120 5.37 -38.22 -8.32
N LYS L 121 6.11 -37.41 -9.08
CA LYS L 121 6.35 -37.74 -10.48
C LYS L 121 7.14 -39.03 -10.60
N VAL L 122 8.25 -39.13 -9.86
CA VAL L 122 9.04 -40.36 -9.88
C VAL L 122 8.23 -41.52 -9.32
N LYS L 123 7.46 -41.27 -8.25
CA LYS L 123 6.68 -42.36 -7.66
C LYS L 123 5.64 -42.89 -8.63
N SER L 124 4.98 -42.00 -9.36
CA SER L 124 4.00 -42.41 -10.35
C SER L 124 4.68 -43.14 -11.51
N GLN L 125 5.85 -42.66 -11.94
CA GLN L 125 6.56 -43.36 -13.00
C GLN L 125 6.95 -44.76 -12.59
N LEU L 126 7.33 -44.94 -11.32
CA LEU L 126 7.79 -46.22 -10.81
C LEU L 126 6.66 -47.06 -10.24
N LYS L 127 5.56 -46.43 -9.83
CA LYS L 127 4.44 -47.11 -9.18
C LYS L 127 4.93 -47.99 -8.03
N ASN L 128 4.92 -49.33 -8.19
CA ASN L 128 5.43 -50.26 -7.19
C ASN L 128 6.70 -50.97 -7.65
N ASN L 129 7.31 -50.53 -8.75
CA ASN L 129 8.57 -51.15 -9.19
C ASN L 129 9.67 -50.95 -8.15
N ALA L 130 9.72 -49.77 -7.54
CA ALA L 130 10.76 -49.42 -6.57
C ALA L 130 10.07 -49.02 -5.27
N LYS L 131 10.45 -49.68 -4.19
CA LYS L 131 9.85 -49.32 -2.90
C LYS L 131 10.38 -47.98 -2.40
N GLU L 132 9.57 -47.32 -1.58
CA GLU L 132 9.92 -46.05 -0.98
C GLU L 132 10.56 -46.29 0.37
N ILE L 133 11.41 -45.35 0.79
CA ILE L 133 12.04 -45.33 2.09
C ILE L 133 11.95 -43.91 2.62
N GLY L 134 12.55 -43.67 3.79
CA GLY L 134 12.58 -42.33 4.32
C GLY L 134 13.51 -41.46 3.51
N ASN L 135 13.53 -40.18 3.87
CA ASN L 135 14.38 -39.17 3.25
C ASN L 135 14.05 -38.94 1.77
N GLY L 136 12.92 -39.46 1.28
CA GLY L 136 12.58 -39.23 -0.11
C GLY L 136 13.40 -40.04 -1.09
N CYS L 137 14.13 -41.04 -0.61
CA CYS L 137 14.99 -41.85 -1.46
C CYS L 137 14.12 -42.92 -2.13
N PHE L 138 14.74 -43.91 -2.78
CA PHE L 138 14.00 -44.96 -3.46
C PHE L 138 14.83 -46.24 -3.46
N GLU L 139 14.21 -47.35 -3.86
CA GLU L 139 14.91 -48.65 -3.91
C GLU L 139 14.34 -49.47 -5.07
N PHE L 140 15.03 -49.44 -6.22
CA PHE L 140 14.61 -50.21 -7.39
C PHE L 140 14.72 -51.71 -7.13
N TYR L 141 13.63 -52.43 -7.35
CA TYR L 141 13.68 -53.89 -7.21
C TYR L 141 14.51 -54.53 -8.32
N HIS L 142 14.33 -54.07 -9.56
CA HIS L 142 15.00 -54.67 -10.70
C HIS L 142 16.46 -54.23 -10.78
N LYS L 143 17.24 -54.97 -11.57
CA LYS L 143 18.55 -54.49 -11.96
C LYS L 143 18.38 -53.22 -12.79
N CYS L 144 19.22 -52.22 -12.52
CA CYS L 144 18.99 -50.85 -12.97
C CYS L 144 20.31 -50.26 -13.43
N ASN L 145 20.47 -50.10 -14.74
CA ASN L 145 21.69 -49.49 -15.29
C ASN L 145 21.50 -47.98 -15.44
N ASP L 146 22.43 -47.33 -16.13
CA ASP L 146 22.33 -45.90 -16.38
C ASP L 146 21.13 -45.53 -17.25
N GLU L 147 20.67 -46.45 -18.10
CA GLU L 147 19.50 -46.15 -18.93
C GLU L 147 18.26 -45.83 -18.08
N CYS L 148 18.20 -46.36 -16.85
CA CYS L 148 17.17 -45.95 -15.89
C CYS L 148 17.15 -44.44 -15.75
N MET L 149 18.31 -43.85 -15.51
CA MET L 149 18.37 -42.41 -15.29
C MET L 149 17.91 -41.69 -16.53
N GLU L 150 18.33 -42.18 -17.71
CA GLU L 150 17.90 -41.58 -18.97
C GLU L 150 16.39 -41.56 -19.03
N SER L 151 15.76 -42.69 -18.73
CA SER L 151 14.31 -42.75 -18.79
C SER L 151 13.67 -41.97 -17.65
N VAL L 152 14.29 -41.94 -16.47
CA VAL L 152 13.65 -41.29 -15.33
C VAL L 152 13.64 -39.77 -15.50
N LYS L 153 14.77 -39.19 -15.90
CA LYS L 153 14.87 -37.74 -16.05
C LYS L 153 14.29 -37.23 -17.36
N ASN L 154 14.05 -38.10 -18.34
CA ASN L 154 13.25 -37.76 -19.51
C ASN L 154 11.78 -38.14 -19.37
N GLY L 155 11.38 -38.79 -18.28
CA GLY L 155 10.00 -39.13 -18.05
C GLY L 155 9.49 -40.34 -18.80
N THR L 156 10.34 -41.02 -19.57
CA THR L 156 9.93 -42.14 -20.42
C THR L 156 10.22 -43.49 -19.75
N TYR L 157 10.06 -43.56 -18.44
CA TYR L 157 10.26 -44.82 -17.73
C TYR L 157 9.12 -45.78 -18.03
N ASP L 158 9.34 -46.67 -19.00
CA ASP L 158 8.31 -47.64 -19.37
C ASP L 158 8.24 -48.71 -18.30
N TYR L 159 7.12 -48.76 -17.59
CA TYR L 159 6.94 -49.73 -16.52
C TYR L 159 6.97 -51.19 -17.00
N PRO L 160 6.26 -51.60 -18.06
CA PRO L 160 6.08 -53.04 -18.29
C PRO L 160 7.35 -53.86 -18.48
N LYS L 161 8.39 -53.31 -19.12
CA LYS L 161 9.56 -54.13 -19.42
C LYS L 161 10.38 -54.46 -18.18
N TYR L 162 10.17 -53.72 -17.09
CA TYR L 162 10.78 -54.02 -15.80
C TYR L 162 9.76 -54.53 -14.79
N SER L 163 8.50 -54.75 -15.21
CA SER L 163 7.47 -55.09 -14.23
C SER L 163 7.73 -56.44 -13.58
N GLU L 164 7.93 -57.48 -14.38
CA GLU L 164 8.00 -58.83 -13.84
C GLU L 164 9.23 -59.02 -12.96
N GLU L 165 10.33 -58.34 -13.28
CA GLU L 165 11.51 -58.43 -12.45
C GLU L 165 11.20 -57.95 -11.04
N SER L 166 10.50 -56.81 -10.94
CA SER L 166 10.12 -56.33 -9.61
C SER L 166 9.20 -57.31 -8.94
N LYS L 167 8.29 -57.91 -9.72
CA LYS L 167 7.36 -58.89 -9.17
C LYS L 167 8.12 -60.06 -8.58
N LEU L 168 9.21 -60.48 -9.25
CA LEU L 168 10.01 -61.56 -8.68
C LEU L 168 10.68 -61.11 -7.39
N ASN L 169 11.27 -59.90 -7.41
CA ASN L 169 12.02 -59.42 -6.25
C ASN L 169 11.13 -59.06 -5.06
N ARG L 170 9.81 -58.95 -5.27
CA ARG L 170 8.88 -58.66 -4.18
C ARG L 170 9.06 -59.62 -3.01
N GLU L 171 9.29 -60.90 -3.29
CA GLU L 171 9.49 -61.93 -2.27
C GLU L 171 10.83 -62.63 -2.39
N LYS L 172 11.28 -62.89 -3.61
CA LYS L 172 12.63 -63.36 -3.93
C LYS L 172 12.93 -64.79 -3.46
N ILE L 173 12.01 -65.46 -2.78
CA ILE L 173 12.23 -66.81 -2.28
C ILE L 173 10.99 -67.64 -2.58
#